data_1ZNW
# 
_entry.id   1ZNW 
# 
_audit_conform.dict_name       mmcif_pdbx.dic 
_audit_conform.dict_version    5.398 
_audit_conform.dict_location   http://mmcif.pdb.org/dictionaries/ascii/mmcif_pdbx.dic 
# 
loop_
_database_2.database_id 
_database_2.database_code 
_database_2.pdbx_database_accession 
_database_2.pdbx_DOI 
PDB   1ZNW         pdb_00001znw 10.2210/pdb1znw/pdb 
RCSB  RCSB032936   ?            ?                   
WWPDB D_1000032936 ?            ?                   
# 
loop_
_pdbx_audit_revision_history.ordinal 
_pdbx_audit_revision_history.data_content_type 
_pdbx_audit_revision_history.major_revision 
_pdbx_audit_revision_history.minor_revision 
_pdbx_audit_revision_history.revision_date 
1 'Structure model' 1 0 2005-11-29 
2 'Structure model' 1 1 2008-04-30 
3 'Structure model' 1 2 2011-07-13 
4 'Structure model' 1 3 2023-10-25 
5 'Structure model' 1 4 2024-11-13 
# 
_pdbx_audit_revision_details.ordinal             1 
_pdbx_audit_revision_details.revision_ordinal    1 
_pdbx_audit_revision_details.data_content_type   'Structure model' 
_pdbx_audit_revision_details.provider            repository 
_pdbx_audit_revision_details.type                'Initial release' 
_pdbx_audit_revision_details.description         ? 
_pdbx_audit_revision_details.details             ? 
# 
loop_
_pdbx_audit_revision_group.ordinal 
_pdbx_audit_revision_group.revision_ordinal 
_pdbx_audit_revision_group.data_content_type 
_pdbx_audit_revision_group.group 
1 2 'Structure model' 'Version format compliance' 
2 3 'Structure model' Advisory                    
3 3 'Structure model' 'Version format compliance' 
4 4 'Structure model' 'Data collection'           
5 4 'Structure model' 'Database references'       
6 4 'Structure model' 'Refinement description'    
7 5 'Structure model' 'Structure summary'         
# 
loop_
_pdbx_audit_revision_category.ordinal 
_pdbx_audit_revision_category.revision_ordinal 
_pdbx_audit_revision_category.data_content_type 
_pdbx_audit_revision_category.category 
1 4 'Structure model' chem_comp_atom                
2 4 'Structure model' chem_comp_bond                
3 4 'Structure model' database_2                    
4 4 'Structure model' pdbx_initial_refinement_model 
5 5 'Structure model' pdbx_entry_details            
6 5 'Structure model' pdbx_modification_feature     
# 
loop_
_pdbx_audit_revision_item.ordinal 
_pdbx_audit_revision_item.revision_ordinal 
_pdbx_audit_revision_item.data_content_type 
_pdbx_audit_revision_item.item 
1 4 'Structure model' '_database_2.pdbx_DOI'                
2 4 'Structure model' '_database_2.pdbx_database_accession' 
# 
_pdbx_database_status.status_code                     REL 
_pdbx_database_status.entry_id                        1ZNW 
_pdbx_database_status.recvd_initial_deposition_date   2005-05-12 
_pdbx_database_status.deposit_site                    RCSB 
_pdbx_database_status.process_site                    PDBJ 
_pdbx_database_status.status_code_sf                  REL 
_pdbx_database_status.status_code_mr                  ? 
_pdbx_database_status.SG_entry                        ? 
_pdbx_database_status.pdb_format_compatible           Y 
_pdbx_database_status.status_code_cs                  ? 
_pdbx_database_status.status_code_nmr_data            ? 
_pdbx_database_status.methods_development_category    ? 
# 
loop_
_pdbx_database_related.db_name 
_pdbx_database_related.db_id 
_pdbx_database_related.details 
_pdbx_database_related.content_type 
PDB 1ZNX 'Crystal structure of the M.tuberculosis protein liganded with GMP'                     unspecified 
PDB 1ZNY 'Crystal structure of the M.tuberculosis protein liganded with GDP'                     unspecified 
PDB 1ZNZ 'Crystal structure of the reduced form of the M.tuberculosis protein liganded with GDP' unspecified 
# 
loop_
_audit_author.name 
_audit_author.pdbx_ordinal 
'Hible, G.'          1 
'Christova, P.'      2 
'Renault, L.'        3 
'Seclaman, E.'       4 
'Thompson, A.'       5 
'Girard, E.'         6 
'Munier-Lehmann, H.' 7 
'Cherfils, J.'       8 
# 
_citation.id                        primary 
_citation.title                     'Unique GMP-binding site in Mycobacterium tuberculosis guanosine monophosphate kinase' 
_citation.journal_abbrev            Proteins 
_citation.journal_volume            62 
_citation.page_first                489 
_citation.page_last                 500 
_citation.year                      2006 
_citation.journal_id_ASTM           PSFGEY 
_citation.country                   US 
_citation.journal_id_ISSN           0887-3585 
_citation.journal_id_CSD            0867 
_citation.book_publisher            ? 
_citation.pdbx_database_id_PubMed   16288457 
_citation.pdbx_database_id_DOI      10.1002/prot.20662 
# 
loop_
_citation_author.citation_id 
_citation_author.name 
_citation_author.ordinal 
_citation_author.identifier_ORCID 
primary 'Hible, G.'          1 ? 
primary 'Christova, P.'      2 ? 
primary 'Renault, L.'        3 ? 
primary 'Seclaman, E.'       4 ? 
primary 'Thompson, A.'       5 ? 
primary 'Girard, E.'         6 ? 
primary 'Munier-Lehmann, H.' 7 ? 
primary 'Cherfils, J.'       8 ? 
# 
loop_
_entity.id 
_entity.type 
_entity.src_method 
_entity.pdbx_description 
_entity.formula_weight 
_entity.pdbx_number_of_molecules 
_entity.pdbx_ec 
_entity.pdbx_mutation 
_entity.pdbx_fragment 
_entity.details 
1 polymer man 'Guanylate kinase' 21991.045 1  2.7.4.8 ? ? ? 
2 water   nat water              18.015    67 ?       ? ? ? 
# 
_entity_name_com.entity_id   1 
_entity_name_com.name        'GMP kinase' 
# 
_entity_poly.entity_id                      1 
_entity_poly.type                           'polypeptide(L)' 
_entity_poly.nstd_linkage                   no 
_entity_poly.nstd_monomer                   no 
_entity_poly.pdbx_seq_one_letter_code       
;SVGEGPDTKPTARGQPAAVGRVVVLSGPSAVGKSTVVRCLRERIPNLHFSVSATTRAPRPGEVDGVDYHFIDPTRFQQLI
DQGELLEWAEIHGGLHRSGTLAQPVRAAAATGVPVLIEVDLAGARAIKKTMPEAVTVFLAPPSWQDLQARLIGRGTETAD
VIQRRLDTARIELAAQGDFDKVVVNRRLESACAELVSLLVGTAPGSP
;
_entity_poly.pdbx_seq_one_letter_code_can   
;SVGEGPDTKPTARGQPAAVGRVVVLSGPSAVGKSTVVRCLRERIPNLHFSVSATTRAPRPGEVDGVDYHFIDPTRFQQLI
DQGELLEWAEIHGGLHRSGTLAQPVRAAAATGVPVLIEVDLAGARAIKKTMPEAVTVFLAPPSWQDLQARLIGRGTETAD
VIQRRLDTARIELAAQGDFDKVVVNRRLESACAELVSLLVGTAPGSP
;
_entity_poly.pdbx_strand_id                 A 
_entity_poly.pdbx_target_identifier         ? 
# 
_pdbx_entity_nonpoly.entity_id   2 
_pdbx_entity_nonpoly.name        water 
_pdbx_entity_nonpoly.comp_id     HOH 
# 
loop_
_entity_poly_seq.entity_id 
_entity_poly_seq.num 
_entity_poly_seq.mon_id 
_entity_poly_seq.hetero 
1 1   SER n 
1 2   VAL n 
1 3   GLY n 
1 4   GLU n 
1 5   GLY n 
1 6   PRO n 
1 7   ASP n 
1 8   THR n 
1 9   LYS n 
1 10  PRO n 
1 11  THR n 
1 12  ALA n 
1 13  ARG n 
1 14  GLY n 
1 15  GLN n 
1 16  PRO n 
1 17  ALA n 
1 18  ALA n 
1 19  VAL n 
1 20  GLY n 
1 21  ARG n 
1 22  VAL n 
1 23  VAL n 
1 24  VAL n 
1 25  LEU n 
1 26  SER n 
1 27  GLY n 
1 28  PRO n 
1 29  SER n 
1 30  ALA n 
1 31  VAL n 
1 32  GLY n 
1 33  LYS n 
1 34  SER n 
1 35  THR n 
1 36  VAL n 
1 37  VAL n 
1 38  ARG n 
1 39  CYS n 
1 40  LEU n 
1 41  ARG n 
1 42  GLU n 
1 43  ARG n 
1 44  ILE n 
1 45  PRO n 
1 46  ASN n 
1 47  LEU n 
1 48  HIS n 
1 49  PHE n 
1 50  SER n 
1 51  VAL n 
1 52  SER n 
1 53  ALA n 
1 54  THR n 
1 55  THR n 
1 56  ARG n 
1 57  ALA n 
1 58  PRO n 
1 59  ARG n 
1 60  PRO n 
1 61  GLY n 
1 62  GLU n 
1 63  VAL n 
1 64  ASP n 
1 65  GLY n 
1 66  VAL n 
1 67  ASP n 
1 68  TYR n 
1 69  HIS n 
1 70  PHE n 
1 71  ILE n 
1 72  ASP n 
1 73  PRO n 
1 74  THR n 
1 75  ARG n 
1 76  PHE n 
1 77  GLN n 
1 78  GLN n 
1 79  LEU n 
1 80  ILE n 
1 81  ASP n 
1 82  GLN n 
1 83  GLY n 
1 84  GLU n 
1 85  LEU n 
1 86  LEU n 
1 87  GLU n 
1 88  TRP n 
1 89  ALA n 
1 90  GLU n 
1 91  ILE n 
1 92  HIS n 
1 93  GLY n 
1 94  GLY n 
1 95  LEU n 
1 96  HIS n 
1 97  ARG n 
1 98  SER n 
1 99  GLY n 
1 100 THR n 
1 101 LEU n 
1 102 ALA n 
1 103 GLN n 
1 104 PRO n 
1 105 VAL n 
1 106 ARG n 
1 107 ALA n 
1 108 ALA n 
1 109 ALA n 
1 110 ALA n 
1 111 THR n 
1 112 GLY n 
1 113 VAL n 
1 114 PRO n 
1 115 VAL n 
1 116 LEU n 
1 117 ILE n 
1 118 GLU n 
1 119 VAL n 
1 120 ASP n 
1 121 LEU n 
1 122 ALA n 
1 123 GLY n 
1 124 ALA n 
1 125 ARG n 
1 126 ALA n 
1 127 ILE n 
1 128 LYS n 
1 129 LYS n 
1 130 THR n 
1 131 MET n 
1 132 PRO n 
1 133 GLU n 
1 134 ALA n 
1 135 VAL n 
1 136 THR n 
1 137 VAL n 
1 138 PHE n 
1 139 LEU n 
1 140 ALA n 
1 141 PRO n 
1 142 PRO n 
1 143 SER n 
1 144 TRP n 
1 145 GLN n 
1 146 ASP n 
1 147 LEU n 
1 148 GLN n 
1 149 ALA n 
1 150 ARG n 
1 151 LEU n 
1 152 ILE n 
1 153 GLY n 
1 154 ARG n 
1 155 GLY n 
1 156 THR n 
1 157 GLU n 
1 158 THR n 
1 159 ALA n 
1 160 ASP n 
1 161 VAL n 
1 162 ILE n 
1 163 GLN n 
1 164 ARG n 
1 165 ARG n 
1 166 LEU n 
1 167 ASP n 
1 168 THR n 
1 169 ALA n 
1 170 ARG n 
1 171 ILE n 
1 172 GLU n 
1 173 LEU n 
1 174 ALA n 
1 175 ALA n 
1 176 GLN n 
1 177 GLY n 
1 178 ASP n 
1 179 PHE n 
1 180 ASP n 
1 181 LYS n 
1 182 VAL n 
1 183 VAL n 
1 184 VAL n 
1 185 ASN n 
1 186 ARG n 
1 187 ARG n 
1 188 LEU n 
1 189 GLU n 
1 190 SER n 
1 191 ALA n 
1 192 CYS n 
1 193 ALA n 
1 194 GLU n 
1 195 LEU n 
1 196 VAL n 
1 197 SER n 
1 198 LEU n 
1 199 LEU n 
1 200 VAL n 
1 201 GLY n 
1 202 THR n 
1 203 ALA n 
1 204 PRO n 
1 205 GLY n 
1 206 SER n 
1 207 PRO n 
# 
_entity_src_gen.entity_id                          1 
_entity_src_gen.pdbx_src_id                        1 
_entity_src_gen.pdbx_alt_source_flag               sample 
_entity_src_gen.pdbx_seq_type                      ? 
_entity_src_gen.pdbx_beg_seq_num                   ? 
_entity_src_gen.pdbx_end_seq_num                   ? 
_entity_src_gen.gene_src_common_name               ? 
_entity_src_gen.gene_src_genus                     Mycobacterium 
_entity_src_gen.pdbx_gene_src_gene                 'gmk (RV1389)' 
_entity_src_gen.gene_src_species                   ? 
_entity_src_gen.gene_src_strain                    ? 
_entity_src_gen.gene_src_tissue                    ? 
_entity_src_gen.gene_src_tissue_fraction           ? 
_entity_src_gen.gene_src_details                   ? 
_entity_src_gen.pdbx_gene_src_fragment             ? 
_entity_src_gen.pdbx_gene_src_scientific_name      'Mycobacterium tuberculosis' 
_entity_src_gen.pdbx_gene_src_ncbi_taxonomy_id     1773 
_entity_src_gen.pdbx_gene_src_variant              ? 
_entity_src_gen.pdbx_gene_src_cell_line            ? 
_entity_src_gen.pdbx_gene_src_atcc                 ? 
_entity_src_gen.pdbx_gene_src_organ                ? 
_entity_src_gen.pdbx_gene_src_organelle            ? 
_entity_src_gen.pdbx_gene_src_cell                 ? 
_entity_src_gen.pdbx_gene_src_cellular_location    ? 
_entity_src_gen.host_org_common_name               ? 
_entity_src_gen.pdbx_host_org_scientific_name      'Escherichia coli' 
_entity_src_gen.pdbx_host_org_ncbi_taxonomy_id     562 
_entity_src_gen.host_org_genus                     Escherichia 
_entity_src_gen.pdbx_host_org_gene                 ? 
_entity_src_gen.pdbx_host_org_organ                ? 
_entity_src_gen.host_org_species                   ? 
_entity_src_gen.pdbx_host_org_tissue               ? 
_entity_src_gen.pdbx_host_org_tissue_fraction      ? 
_entity_src_gen.pdbx_host_org_strain               ? 
_entity_src_gen.pdbx_host_org_variant              ? 
_entity_src_gen.pdbx_host_org_cell_line            ? 
_entity_src_gen.pdbx_host_org_atcc                 ? 
_entity_src_gen.pdbx_host_org_culture_collection   ? 
_entity_src_gen.pdbx_host_org_cell                 ? 
_entity_src_gen.pdbx_host_org_organelle            ? 
_entity_src_gen.pdbx_host_org_cellular_location    ? 
_entity_src_gen.pdbx_host_org_vector_type          plasmid 
_entity_src_gen.pdbx_host_org_vector               ? 
_entity_src_gen.host_org_details                   ? 
_entity_src_gen.expression_system_id               ? 
_entity_src_gen.plasmid_name                       pET22b 
_entity_src_gen.plasmid_details                    ? 
_entity_src_gen.pdbx_description                   ? 
# 
loop_
_chem_comp.id 
_chem_comp.type 
_chem_comp.mon_nstd_flag 
_chem_comp.name 
_chem_comp.pdbx_synonyms 
_chem_comp.formula 
_chem_comp.formula_weight 
ALA 'L-peptide linking' y ALANINE         ? 'C3 H7 N O2'     89.093  
ARG 'L-peptide linking' y ARGININE        ? 'C6 H15 N4 O2 1' 175.209 
ASN 'L-peptide linking' y ASPARAGINE      ? 'C4 H8 N2 O3'    132.118 
ASP 'L-peptide linking' y 'ASPARTIC ACID' ? 'C4 H7 N O4'     133.103 
CYS 'L-peptide linking' y CYSTEINE        ? 'C3 H7 N O2 S'   121.158 
GLN 'L-peptide linking' y GLUTAMINE       ? 'C5 H10 N2 O3'   146.144 
GLU 'L-peptide linking' y 'GLUTAMIC ACID' ? 'C5 H9 N O4'     147.129 
GLY 'peptide linking'   y GLYCINE         ? 'C2 H5 N O2'     75.067  
HIS 'L-peptide linking' y HISTIDINE       ? 'C6 H10 N3 O2 1' 156.162 
HOH non-polymer         . WATER           ? 'H2 O'           18.015  
ILE 'L-peptide linking' y ISOLEUCINE      ? 'C6 H13 N O2'    131.173 
LEU 'L-peptide linking' y LEUCINE         ? 'C6 H13 N O2'    131.173 
LYS 'L-peptide linking' y LYSINE          ? 'C6 H15 N2 O2 1' 147.195 
MET 'L-peptide linking' y METHIONINE      ? 'C5 H11 N O2 S'  149.211 
PHE 'L-peptide linking' y PHENYLALANINE   ? 'C9 H11 N O2'    165.189 
PRO 'L-peptide linking' y PROLINE         ? 'C5 H9 N O2'     115.130 
SER 'L-peptide linking' y SERINE          ? 'C3 H7 N O3'     105.093 
THR 'L-peptide linking' y THREONINE       ? 'C4 H9 N O3'     119.119 
TRP 'L-peptide linking' y TRYPTOPHAN      ? 'C11 H12 N2 O2'  204.225 
TYR 'L-peptide linking' y TYROSINE        ? 'C9 H11 N O3'    181.189 
VAL 'L-peptide linking' y VALINE          ? 'C5 H11 N O2'    117.146 
# 
loop_
_pdbx_poly_seq_scheme.asym_id 
_pdbx_poly_seq_scheme.entity_id 
_pdbx_poly_seq_scheme.seq_id 
_pdbx_poly_seq_scheme.mon_id 
_pdbx_poly_seq_scheme.ndb_seq_num 
_pdbx_poly_seq_scheme.pdb_seq_num 
_pdbx_poly_seq_scheme.auth_seq_num 
_pdbx_poly_seq_scheme.pdb_mon_id 
_pdbx_poly_seq_scheme.auth_mon_id 
_pdbx_poly_seq_scheme.pdb_strand_id 
_pdbx_poly_seq_scheme.pdb_ins_code 
_pdbx_poly_seq_scheme.hetero 
A 1 1   SER 1   2   ?   ?   ?   A . n 
A 1 2   VAL 2   3   ?   ?   ?   A . n 
A 1 3   GLY 3   4   ?   ?   ?   A . n 
A 1 4   GLU 4   5   ?   ?   ?   A . n 
A 1 5   GLY 5   6   ?   ?   ?   A . n 
A 1 6   PRO 6   7   ?   ?   ?   A . n 
A 1 7   ASP 7   8   ?   ?   ?   A . n 
A 1 8   THR 8   9   ?   ?   ?   A . n 
A 1 9   LYS 9   10  ?   ?   ?   A . n 
A 1 10  PRO 10  11  ?   ?   ?   A . n 
A 1 11  THR 11  12  ?   ?   ?   A . n 
A 1 12  ALA 12  13  ?   ?   ?   A . n 
A 1 13  ARG 13  14  ?   ?   ?   A . n 
A 1 14  GLY 14  15  ?   ?   ?   A . n 
A 1 15  GLN 15  16  ?   ?   ?   A . n 
A 1 16  PRO 16  17  ?   ?   ?   A . n 
A 1 17  ALA 17  18  ?   ?   ?   A . n 
A 1 18  ALA 18  19  ?   ?   ?   A . n 
A 1 19  VAL 19  20  20  VAL VAL A . n 
A 1 20  GLY 20  21  21  GLY GLY A . n 
A 1 21  ARG 21  22  22  ARG ARG A . n 
A 1 22  VAL 22  23  23  VAL VAL A . n 
A 1 23  VAL 23  24  24  VAL VAL A . n 
A 1 24  VAL 24  25  25  VAL VAL A . n 
A 1 25  LEU 25  26  26  LEU LEU A . n 
A 1 26  SER 26  27  27  SER SER A . n 
A 1 27  GLY 27  28  28  GLY GLY A . n 
A 1 28  PRO 28  29  29  PRO PRO A . n 
A 1 29  SER 29  30  30  SER SER A . n 
A 1 30  ALA 30  31  31  ALA ALA A . n 
A 1 31  VAL 31  32  32  VAL VAL A . n 
A 1 32  GLY 32  33  33  GLY GLY A . n 
A 1 33  LYS 33  34  34  LYS LYS A . n 
A 1 34  SER 34  35  35  SER SER A . n 
A 1 35  THR 35  36  36  THR THR A . n 
A 1 36  VAL 36  37  37  VAL VAL A . n 
A 1 37  VAL 37  38  38  VAL VAL A . n 
A 1 38  ARG 38  39  39  ARG ARG A . n 
A 1 39  CYS 39  40  40  CYS CYS A . n 
A 1 40  LEU 40  41  41  LEU LEU A . n 
A 1 41  ARG 41  42  42  ARG ARG A . n 
A 1 42  GLU 42  43  43  GLU GLU A . n 
A 1 43  ARG 43  44  44  ARG ARG A . n 
A 1 44  ILE 44  45  45  ILE ILE A . n 
A 1 45  PRO 45  46  46  PRO PRO A . n 
A 1 46  ASN 46  47  47  ASN ASN A . n 
A 1 47  LEU 47  48  48  LEU LEU A . n 
A 1 48  HIS 48  49  49  HIS HIS A . n 
A 1 49  PHE 49  50  50  PHE PHE A . n 
A 1 50  SER 50  51  51  SER SER A . n 
A 1 51  VAL 51  52  52  VAL VAL A . n 
A 1 52  SER 52  53  53  SER SER A . n 
A 1 53  ALA 53  54  54  ALA ALA A . n 
A 1 54  THR 54  55  55  THR THR A . n 
A 1 55  THR 55  56  56  THR THR A . n 
A 1 56  ARG 56  57  57  ARG ARG A . n 
A 1 57  ALA 57  58  58  ALA ALA A . n 
A 1 58  PRO 58  59  59  PRO PRO A . n 
A 1 59  ARG 59  60  60  ARG ARG A . n 
A 1 60  PRO 60  61  61  PRO PRO A . n 
A 1 61  GLY 61  62  62  GLY GLY A . n 
A 1 62  GLU 62  63  63  GLU GLU A . n 
A 1 63  VAL 63  64  64  VAL VAL A . n 
A 1 64  ASP 64  65  65  ASP ASP A . n 
A 1 65  GLY 65  66  66  GLY GLY A . n 
A 1 66  VAL 66  67  67  VAL VAL A . n 
A 1 67  ASP 67  68  68  ASP ASP A . n 
A 1 68  TYR 68  69  69  TYR TYR A . n 
A 1 69  HIS 69  70  70  HIS HIS A . n 
A 1 70  PHE 70  71  71  PHE PHE A . n 
A 1 71  ILE 71  72  72  ILE ILE A . n 
A 1 72  ASP 72  73  73  ASP ASP A . n 
A 1 73  PRO 73  74  74  PRO PRO A . n 
A 1 74  THR 74  75  75  THR THR A . n 
A 1 75  ARG 75  76  76  ARG ARG A . n 
A 1 76  PHE 76  77  77  PHE PHE A . n 
A 1 77  GLN 77  78  78  GLN GLN A . n 
A 1 78  GLN 78  79  79  GLN GLN A . n 
A 1 79  LEU 79  80  80  LEU LEU A . n 
A 1 80  ILE 80  81  81  ILE ILE A . n 
A 1 81  ASP 81  82  82  ASP ASP A . n 
A 1 82  GLN 82  83  83  GLN GLN A . n 
A 1 83  GLY 83  84  84  GLY GLY A . n 
A 1 84  GLU 84  85  85  GLU GLU A . n 
A 1 85  LEU 85  86  86  LEU LEU A . n 
A 1 86  LEU 86  87  87  LEU LEU A . n 
A 1 87  GLU 87  88  88  GLU GLU A . n 
A 1 88  TRP 88  89  89  TRP TRP A . n 
A 1 89  ALA 89  90  90  ALA ALA A . n 
A 1 90  GLU 90  91  91  GLU GLU A . n 
A 1 91  ILE 91  92  92  ILE ILE A . n 
A 1 92  HIS 92  93  93  HIS HIS A . n 
A 1 93  GLY 93  94  94  GLY GLY A . n 
A 1 94  GLY 94  95  95  GLY GLY A . n 
A 1 95  LEU 95  96  96  LEU LEU A . n 
A 1 96  HIS 96  97  97  HIS HIS A . n 
A 1 97  ARG 97  98  98  ARG ARG A . n 
A 1 98  SER 98  99  99  SER SER A . n 
A 1 99  GLY 99  100 100 GLY GLY A . n 
A 1 100 THR 100 101 101 THR THR A . n 
A 1 101 LEU 101 102 102 LEU LEU A . n 
A 1 102 ALA 102 103 103 ALA ALA A . n 
A 1 103 GLN 103 104 104 GLN GLN A . n 
A 1 104 PRO 104 105 105 PRO PRO A . n 
A 1 105 VAL 105 106 106 VAL VAL A . n 
A 1 106 ARG 106 107 107 ARG ARG A . n 
A 1 107 ALA 107 108 108 ALA ALA A . n 
A 1 108 ALA 108 109 109 ALA ALA A . n 
A 1 109 ALA 109 110 110 ALA ALA A . n 
A 1 110 ALA 110 111 111 ALA ALA A . n 
A 1 111 THR 111 112 112 THR THR A . n 
A 1 112 GLY 112 113 113 GLY GLY A . n 
A 1 113 VAL 113 114 114 VAL VAL A . n 
A 1 114 PRO 114 115 115 PRO PRO A . n 
A 1 115 VAL 115 116 116 VAL VAL A . n 
A 1 116 LEU 116 117 117 LEU LEU A . n 
A 1 117 ILE 117 118 118 ILE ILE A . n 
A 1 118 GLU 118 119 119 GLU GLU A . n 
A 1 119 VAL 119 120 120 VAL VAL A . n 
A 1 120 ASP 120 121 121 ASP ASP A . n 
A 1 121 LEU 121 122 122 LEU LEU A . n 
A 1 122 ALA 122 123 123 ALA ALA A . n 
A 1 123 GLY 123 124 124 GLY GLY A . n 
A 1 124 ALA 124 125 125 ALA ALA A . n 
A 1 125 ARG 125 126 126 ARG ARG A . n 
A 1 126 ALA 126 127 127 ALA ALA A . n 
A 1 127 ILE 127 128 128 ILE ILE A . n 
A 1 128 LYS 128 129 129 LYS LYS A . n 
A 1 129 LYS 129 130 130 LYS LYS A . n 
A 1 130 THR 130 131 131 THR THR A . n 
A 1 131 MET 131 132 132 MET MET A . n 
A 1 132 PRO 132 133 133 PRO PRO A . n 
A 1 133 GLU 133 134 134 GLU GLU A . n 
A 1 134 ALA 134 135 135 ALA ALA A . n 
A 1 135 VAL 135 136 136 VAL VAL A . n 
A 1 136 THR 136 137 137 THR THR A . n 
A 1 137 VAL 137 138 138 VAL VAL A . n 
A 1 138 PHE 138 139 139 PHE PHE A . n 
A 1 139 LEU 139 140 140 LEU LEU A . n 
A 1 140 ALA 140 141 141 ALA ALA A . n 
A 1 141 PRO 141 142 142 PRO PRO A . n 
A 1 142 PRO 142 143 143 PRO PRO A . n 
A 1 143 SER 143 144 144 SER SER A . n 
A 1 144 TRP 144 145 145 TRP TRP A . n 
A 1 145 GLN 145 146 146 GLN GLN A . n 
A 1 146 ASP 146 147 147 ASP ASP A . n 
A 1 147 LEU 147 148 148 LEU LEU A . n 
A 1 148 GLN 148 149 149 GLN GLN A . n 
A 1 149 ALA 149 150 150 ALA ALA A . n 
A 1 150 ARG 150 151 151 ARG ARG A . n 
A 1 151 LEU 151 152 152 LEU LEU A . n 
A 1 152 ILE 152 153 153 ILE ILE A . n 
A 1 153 GLY 153 154 154 GLY GLY A . n 
A 1 154 ARG 154 155 155 ARG ARG A . n 
A 1 155 GLY 155 156 156 GLY GLY A . n 
A 1 156 THR 156 157 157 THR THR A . n 
A 1 157 GLU 157 158 158 GLU GLU A . n 
A 1 158 THR 158 159 159 THR THR A . n 
A 1 159 ALA 159 160 160 ALA ALA A . n 
A 1 160 ASP 160 161 161 ASP ASP A . n 
A 1 161 VAL 161 162 162 VAL VAL A . n 
A 1 162 ILE 162 163 163 ILE ILE A . n 
A 1 163 GLN 163 164 164 GLN GLN A . n 
A 1 164 ARG 164 165 165 ARG ARG A . n 
A 1 165 ARG 165 166 166 ARG ARG A . n 
A 1 166 LEU 166 167 167 LEU LEU A . n 
A 1 167 ASP 167 168 168 ASP ASP A . n 
A 1 168 THR 168 169 169 THR THR A . n 
A 1 169 ALA 169 170 170 ALA ALA A . n 
A 1 170 ARG 170 171 171 ARG ARG A . n 
A 1 171 ILE 171 172 172 ILE ILE A . n 
A 1 172 GLU 172 173 173 GLU GLU A . n 
A 1 173 LEU 173 174 174 LEU LEU A . n 
A 1 174 ALA 174 175 175 ALA ALA A . n 
A 1 175 ALA 175 176 176 ALA ALA A . n 
A 1 176 GLN 176 177 177 GLN GLN A . n 
A 1 177 GLY 177 178 178 GLY GLY A . n 
A 1 178 ASP 178 179 179 ASP ASP A . n 
A 1 179 PHE 179 180 180 PHE PHE A . n 
A 1 180 ASP 180 181 181 ASP ASP A . n 
A 1 181 LYS 181 182 182 LYS LYS A . n 
A 1 182 VAL 182 183 183 VAL VAL A . n 
A 1 183 VAL 183 184 184 VAL VAL A . n 
A 1 184 VAL 184 185 185 VAL VAL A . n 
A 1 185 ASN 185 186 186 ASN ASN A . n 
A 1 186 ARG 186 187 187 ARG ARG A . n 
A 1 187 ARG 187 188 188 ARG ARG A . n 
A 1 188 LEU 188 189 189 LEU LEU A . n 
A 1 189 GLU 189 190 190 GLU GLU A . n 
A 1 190 SER 190 191 191 SER SER A . n 
A 1 191 ALA 191 192 192 ALA ALA A . n 
A 1 192 CYS 192 193 193 CYS CYS A . n 
A 1 193 ALA 193 194 194 ALA ALA A . n 
A 1 194 GLU 194 195 195 GLU GLU A . n 
A 1 195 LEU 195 196 196 LEU LEU A . n 
A 1 196 VAL 196 197 197 VAL VAL A . n 
A 1 197 SER 197 198 198 SER SER A . n 
A 1 198 LEU 198 199 199 LEU LEU A . n 
A 1 199 LEU 199 200 200 LEU LEU A . n 
A 1 200 VAL 200 201 201 VAL VAL A . n 
A 1 201 GLY 201 202 ?   ?   ?   A . n 
A 1 202 THR 202 203 ?   ?   ?   A . n 
A 1 203 ALA 203 204 ?   ?   ?   A . n 
A 1 204 PRO 204 205 ?   ?   ?   A . n 
A 1 205 GLY 205 206 ?   ?   ?   A . n 
A 1 206 SER 206 207 ?   ?   ?   A . n 
A 1 207 PRO 207 208 ?   ?   ?   A . n 
# 
loop_
_pdbx_nonpoly_scheme.asym_id 
_pdbx_nonpoly_scheme.entity_id 
_pdbx_nonpoly_scheme.mon_id 
_pdbx_nonpoly_scheme.ndb_seq_num 
_pdbx_nonpoly_scheme.pdb_seq_num 
_pdbx_nonpoly_scheme.auth_seq_num 
_pdbx_nonpoly_scheme.pdb_mon_id 
_pdbx_nonpoly_scheme.auth_mon_id 
_pdbx_nonpoly_scheme.pdb_strand_id 
_pdbx_nonpoly_scheme.pdb_ins_code 
B 2 HOH 1  209 1  HOH HOH A . 
B 2 HOH 2  210 2  HOH HOH A . 
B 2 HOH 3  211 3  HOH HOH A . 
B 2 HOH 4  212 4  HOH HOH A . 
B 2 HOH 5  213 5  HOH HOH A . 
B 2 HOH 6  214 6  HOH HOH A . 
B 2 HOH 7  215 7  HOH HOH A . 
B 2 HOH 8  216 8  HOH HOH A . 
B 2 HOH 9  217 9  HOH HOH A . 
B 2 HOH 10 218 10 HOH HOH A . 
B 2 HOH 11 219 11 HOH HOH A . 
B 2 HOH 12 220 12 HOH HOH A . 
B 2 HOH 13 221 13 HOH HOH A . 
B 2 HOH 14 222 14 HOH HOH A . 
B 2 HOH 15 223 15 HOH HOH A . 
B 2 HOH 16 224 16 HOH HOH A . 
B 2 HOH 17 225 17 HOH HOH A . 
B 2 HOH 18 226 18 HOH HOH A . 
B 2 HOH 19 227 19 HOH HOH A . 
B 2 HOH 20 228 20 HOH HOH A . 
B 2 HOH 21 229 21 HOH HOH A . 
B 2 HOH 22 230 22 HOH HOH A . 
B 2 HOH 23 231 23 HOH HOH A . 
B 2 HOH 24 232 24 HOH HOH A . 
B 2 HOH 25 233 25 HOH HOH A . 
B 2 HOH 26 234 26 HOH HOH A . 
B 2 HOH 27 235 27 HOH HOH A . 
B 2 HOH 28 236 28 HOH HOH A . 
B 2 HOH 29 237 29 HOH HOH A . 
B 2 HOH 30 238 30 HOH HOH A . 
B 2 HOH 31 239 31 HOH HOH A . 
B 2 HOH 32 240 32 HOH HOH A . 
B 2 HOH 33 241 33 HOH HOH A . 
B 2 HOH 34 242 34 HOH HOH A . 
B 2 HOH 35 243 35 HOH HOH A . 
B 2 HOH 36 244 36 HOH HOH A . 
B 2 HOH 37 245 37 HOH HOH A . 
B 2 HOH 38 246 38 HOH HOH A . 
B 2 HOH 39 247 39 HOH HOH A . 
B 2 HOH 40 248 40 HOH HOH A . 
B 2 HOH 41 249 41 HOH HOH A . 
B 2 HOH 42 250 42 HOH HOH A . 
B 2 HOH 43 251 43 HOH HOH A . 
B 2 HOH 44 252 44 HOH HOH A . 
B 2 HOH 45 253 45 HOH HOH A . 
B 2 HOH 46 254 46 HOH HOH A . 
B 2 HOH 47 255 47 HOH HOH A . 
B 2 HOH 48 256 48 HOH HOH A . 
B 2 HOH 49 257 49 HOH HOH A . 
B 2 HOH 50 258 50 HOH HOH A . 
B 2 HOH 51 259 51 HOH HOH A . 
B 2 HOH 52 260 52 HOH HOH A . 
B 2 HOH 53 261 53 HOH HOH A . 
B 2 HOH 54 262 54 HOH HOH A . 
B 2 HOH 55 263 55 HOH HOH A . 
B 2 HOH 56 264 56 HOH HOH A . 
B 2 HOH 57 265 57 HOH HOH A . 
B 2 HOH 58 266 58 HOH HOH A . 
B 2 HOH 59 267 59 HOH HOH A . 
B 2 HOH 60 268 60 HOH HOH A . 
B 2 HOH 61 269 61 HOH HOH A . 
B 2 HOH 62 270 62 HOH HOH A . 
B 2 HOH 63 271 63 HOH HOH A . 
B 2 HOH 64 272 64 HOH HOH A . 
B 2 HOH 65 273 65 HOH HOH A . 
B 2 HOH 66 274 66 HOH HOH A . 
B 2 HOH 67 275 67 HOH HOH A . 
# 
loop_
_software.name 
_software.classification 
_software.version 
_software.citation_id 
_software.pdbx_ordinal 
REFMAC refinement       5.1.24     ? 1 
XDS    'data reduction' .          ? 2 
XDS    'data scaling'   .          ? 3 
XSCALE 'data scaling'   .          ? 4 
CCP4   phasing          '(MOLREP)' ? 5 
# 
_cell.entry_id           1ZNW 
_cell.length_a           112.040 
_cell.length_b           112.040 
_cell.length_c           112.040 
_cell.angle_alpha        90.00 
_cell.angle_beta         90.00 
_cell.angle_gamma        90.00 
_cell.Z_PDB              24 
_cell.pdbx_unique_axis   ? 
# 
_symmetry.entry_id                         1ZNW 
_symmetry.space_group_name_H-M             'I 2 3' 
_symmetry.pdbx_full_space_group_name_H-M   ? 
_symmetry.cell_setting                     ? 
_symmetry.Int_Tables_number                197 
_symmetry.space_group_name_Hall            ? 
# 
_exptl.entry_id          1ZNW 
_exptl.method            'X-RAY DIFFRACTION' 
_exptl.crystals_number   1 
# 
_exptl_crystal.id                    1 
_exptl_crystal.density_meas          ? 
_exptl_crystal.density_Matthews      2.66 
_exptl_crystal.density_percent_sol   53.81 
_exptl_crystal.description           ? 
_exptl_crystal.F_000                 ? 
_exptl_crystal.preparation           ? 
# 
_exptl_crystal_grow.crystal_id      1 
_exptl_crystal_grow.method          'VAPOR DIFFUSION, HANGING DROP' 
_exptl_crystal_grow.temp            293.0 
_exptl_crystal_grow.temp_details    ? 
_exptl_crystal_grow.pH              9.0 
_exptl_crystal_grow.pdbx_details    
'15% (w/v) xylitol, 3.5M sodium chloride, 0.1M bicine, pH 9.0, VAPOR DIFFUSION, HANGING DROP, temperature 293.0K' 
_exptl_crystal_grow.pdbx_pH_range   . 
# 
_diffrn.id                     1 
_diffrn.ambient_temp           100 
_diffrn.ambient_temp_details   ? 
_diffrn.crystal_id             1 
# 
_diffrn_detector.diffrn_id              1 
_diffrn_detector.detector               CCD 
_diffrn_detector.type                   'ADSC QUANTUM 4' 
_diffrn_detector.pdbx_collection_date   2003-12-13 
_diffrn_detector.details                mirrors 
# 
_diffrn_radiation.diffrn_id                        1 
_diffrn_radiation.wavelength_id                    1 
_diffrn_radiation.pdbx_monochromatic_or_laue_m_l   M 
_diffrn_radiation.monochromator                    'Si(311) monochromator crystal' 
_diffrn_radiation.pdbx_diffrn_protocol             'SINGLE WAVELENGTH' 
_diffrn_radiation.pdbx_scattering_type             x-ray 
# 
_diffrn_radiation_wavelength.id           1 
_diffrn_radiation_wavelength.wavelength   0.9756 
_diffrn_radiation_wavelength.wt           1.0 
# 
_diffrn_source.diffrn_id                   1 
_diffrn_source.source                      SYNCHROTRON 
_diffrn_source.type                        'ESRF BEAMLINE ID29' 
_diffrn_source.pdbx_synchrotron_site       ESRF 
_diffrn_source.pdbx_synchrotron_beamline   ID29 
_diffrn_source.pdbx_wavelength             ? 
_diffrn_source.pdbx_wavelength_list        0.9756 
# 
_reflns.entry_id                     1ZNW 
_reflns.observed_criterion_sigma_F   0.0 
_reflns.observed_criterion_sigma_I   0.0 
_reflns.d_resolution_high            2.1 
_reflns.d_resolution_low             18.67 
_reflns.number_all                   13765 
_reflns.number_obs                   13765 
_reflns.percent_possible_obs         99.4 
_reflns.pdbx_Rmerge_I_obs            ? 
_reflns.pdbx_Rsym_value              0.059 
_reflns.pdbx_netI_over_sigmaI        32.7 
_reflns.B_iso_Wilson_estimate        44.8 
_reflns.pdbx_redundancy              21.8 
_reflns.R_free_details               ? 
_reflns.limit_h_max                  ? 
_reflns.limit_h_min                  ? 
_reflns.limit_k_max                  ? 
_reflns.limit_k_min                  ? 
_reflns.limit_l_max                  ? 
_reflns.limit_l_min                  ? 
_reflns.observed_criterion_F_max     ? 
_reflns.observed_criterion_F_min     ? 
_reflns.pdbx_chi_squared             ? 
_reflns.pdbx_scaling_rejects         ? 
_reflns.pdbx_ordinal                 1 
_reflns.pdbx_diffrn_id               1 
# 
_reflns_shell.d_res_high             2.1 
_reflns_shell.d_res_low              2.154 
_reflns_shell.percent_possible_all   99.6 
_reflns_shell.Rmerge_I_obs           ? 
_reflns_shell.pdbx_Rsym_value        0.451 
_reflns_shell.meanI_over_sigI_obs    8.2 
_reflns_shell.pdbx_redundancy        22 
_reflns_shell.percent_possible_obs   ? 
_reflns_shell.number_unique_all      1028 
_reflns_shell.number_measured_all    ? 
_reflns_shell.number_measured_obs    ? 
_reflns_shell.number_unique_obs      ? 
_reflns_shell.pdbx_chi_squared       ? 
_reflns_shell.pdbx_ordinal           1 
_reflns_shell.pdbx_diffrn_id         1 
# 
_refine.entry_id                                 1ZNW 
_refine.ls_number_reflns_obs                     13049 
_refine.ls_number_reflns_all                     13778 
_refine.pdbx_ls_sigma_I                          ? 
_refine.pdbx_ls_sigma_F                          0.0 
_refine.pdbx_data_cutoff_high_absF               ? 
_refine.pdbx_data_cutoff_low_absF                ? 
_refine.pdbx_data_cutoff_high_rms_absF           ? 
_refine.ls_d_res_low                             18.67 
_refine.ls_d_res_high                            2.10 
_refine.ls_percent_reflns_obs                    99.71 
_refine.ls_R_factor_obs                          0.19346 
_refine.ls_R_factor_all                          ? 
_refine.ls_R_factor_R_work                       0.19209 
_refine.ls_R_factor_R_free                       0.21976 
_refine.ls_R_factor_R_free_error                 ? 
_refine.ls_R_factor_R_free_error_details         ? 
_refine.ls_percent_reflns_R_free                 5.0 
_refine.ls_number_reflns_R_free                  693 
_refine.ls_number_parameters                     ? 
_refine.ls_number_restraints                     ? 
_refine.occupancy_min                            ? 
_refine.occupancy_max                            ? 
_refine.correlation_coeff_Fo_to_Fc               0.956 
_refine.correlation_coeff_Fo_to_Fc_free          0.941 
_refine.B_iso_mean                               24.749 
_refine.aniso_B[1][1]                            ? 
_refine.aniso_B[2][2]                            ? 
_refine.aniso_B[3][3]                            ? 
_refine.aniso_B[1][2]                            ? 
_refine.aniso_B[1][3]                            ? 
_refine.aniso_B[2][3]                            ? 
_refine.solvent_model_details                    'BABINET MODEL WITH MASK' 
_refine.solvent_model_param_ksol                 ? 
_refine.solvent_model_param_bsol                 ? 
_refine.pdbx_solvent_vdw_probe_radii             1.20 
_refine.pdbx_solvent_ion_probe_radii             0.80 
_refine.pdbx_solvent_shrinkage_radii             0.80 
_refine.pdbx_ls_cross_valid_method               THROUGHOUT 
_refine.details                                  'HYDROGENS HAVE BEEN ADDED IN THE RIDING POSITIONS' 
_refine.pdbx_starting_model                      'PDB ENTRY 1S4Q' 
_refine.pdbx_method_to_determine_struct          'MOLECULAR REPLACEMENT' 
_refine.pdbx_isotropic_thermal_model             isotropic 
_refine.pdbx_stereochemistry_target_values       'MAXIMUM LIKELIHOOD' 
_refine.pdbx_stereochem_target_val_spec_case     ? 
_refine.pdbx_R_Free_selection_details            RANDOM 
_refine.pdbx_overall_ESU_R                       0.184 
_refine.pdbx_overall_ESU_R_Free                  0.157 
_refine.overall_SU_ML                            0.094 
_refine.overall_SU_B                             6.658 
_refine.ls_redundancy_reflns_obs                 ? 
_refine.B_iso_min                                ? 
_refine.B_iso_max                                ? 
_refine.overall_SU_R_Cruickshank_DPI             ? 
_refine.overall_SU_R_free                        ? 
_refine.ls_wR_factor_R_free                      ? 
_refine.ls_wR_factor_R_work                      ? 
_refine.overall_FOM_free_R_set                   ? 
_refine.overall_FOM_work_R_set                   ? 
_refine.pdbx_refine_id                           'X-RAY DIFFRACTION' 
_refine.pdbx_TLS_residual_ADP_flag               'LIKELY RESIDUAL' 
_refine.pdbx_diffrn_id                           1 
_refine.pdbx_overall_phase_error                 ? 
_refine.pdbx_overall_SU_R_free_Cruickshank_DPI   ? 
_refine.pdbx_overall_SU_R_Blow_DPI               ? 
_refine.pdbx_overall_SU_R_free_Blow_DPI          ? 
# 
_refine_hist.pdbx_refine_id                   'X-RAY DIFFRACTION' 
_refine_hist.cycle_id                         LAST 
_refine_hist.pdbx_number_atoms_protein        1385 
_refine_hist.pdbx_number_atoms_nucleic_acid   0 
_refine_hist.pdbx_number_atoms_ligand         0 
_refine_hist.number_atoms_solvent             67 
_refine_hist.number_atoms_total               1452 
_refine_hist.d_res_high                       2.10 
_refine_hist.d_res_low                        18.67 
# 
loop_
_refine_ls_restr.type 
_refine_ls_restr.dev_ideal 
_refine_ls_restr.dev_ideal_target 
_refine_ls_restr.weight 
_refine_ls_restr.number 
_refine_ls_restr.pdbx_refine_id 
_refine_ls_restr.pdbx_restraint_function 
r_bond_refined_d             0.015  0.022  ? 1409 'X-RAY DIFFRACTION' ? 
r_bond_other_d               0.002  0.020  ? 1361 'X-RAY DIFFRACTION' ? 
r_angle_refined_deg          1.405  1.968  ? 1918 'X-RAY DIFFRACTION' ? 
r_angle_other_deg            0.801  3.000  ? 3131 'X-RAY DIFFRACTION' ? 
r_dihedral_angle_1_deg       5.484  5.000  ? 181  'X-RAY DIFFRACTION' ? 
r_dihedral_angle_2_deg       34.130 22.333 ? 60   'X-RAY DIFFRACTION' ? 
r_dihedral_angle_3_deg       16.743 15.000 ? 232  'X-RAY DIFFRACTION' ? 
r_dihedral_angle_4_deg       21.304 15.000 ? 17   'X-RAY DIFFRACTION' ? 
r_chiral_restr               0.101  0.200  ? 229  'X-RAY DIFFRACTION' ? 
r_gen_planes_refined         0.006  0.020  ? 1060 'X-RAY DIFFRACTION' ? 
r_gen_planes_other           0.003  0.020  ? 286  'X-RAY DIFFRACTION' ? 
r_nbd_refined                0.199  0.200  ? 549  'X-RAY DIFFRACTION' ? 
r_nbd_other                  0.236  0.200  ? 1456 'X-RAY DIFFRACTION' ? 
r_nbtor_refined              0.300  0.200  ? 967  'X-RAY DIFFRACTION' ? 
r_nbtor_other                0.081  0.200  ? 878  'X-RAY DIFFRACTION' ? 
r_xyhbond_nbd_refined        0.147  0.200  ? 64   'X-RAY DIFFRACTION' ? 
r_xyhbond_nbd_other          ?      ?      ? ?    'X-RAY DIFFRACTION' ? 
r_metal_ion_refined          ?      ?      ? ?    'X-RAY DIFFRACTION' ? 
r_metal_ion_other            ?      ?      ? ?    'X-RAY DIFFRACTION' ? 
r_symmetry_vdw_refined       0.178  0.200  ? 18   'X-RAY DIFFRACTION' ? 
r_symmetry_vdw_other         0.243  0.200  ? 36   'X-RAY DIFFRACTION' ? 
r_symmetry_hbond_refined     0.091  0.200  ? 4    'X-RAY DIFFRACTION' ? 
r_symmetry_hbond_other       ?      ?      ? ?    'X-RAY DIFFRACTION' ? 
r_symmetry_metal_ion_refined ?      ?      ? ?    'X-RAY DIFFRACTION' ? 
r_symmetry_metal_ion_other   ?      ?      ? ?    'X-RAY DIFFRACTION' ? 
r_mcbond_it                  1.219  1.500  ? 927  'X-RAY DIFFRACTION' ? 
r_mcbond_other               ?      ?      ? ?    'X-RAY DIFFRACTION' ? 
r_mcangle_it                 1.352  2.000  ? 1462 'X-RAY DIFFRACTION' ? 
r_scbond_it                  2.686  3.000  ? 530  'X-RAY DIFFRACTION' ? 
r_scangle_it                 4.239  4.500  ? 456  'X-RAY DIFFRACTION' ? 
r_rigid_bond_restr           ?      ?      ? ?    'X-RAY DIFFRACTION' ? 
r_sphericity_free            ?      ?      ? ?    'X-RAY DIFFRACTION' ? 
r_sphericity_bonded          ?      ?      ? ?    'X-RAY DIFFRACTION' ? 
# 
_refine_ls_shell.pdbx_total_number_of_bins_used   20 
_refine_ls_shell.d_res_high                       2.100 
_refine_ls_shell.d_res_low                        2.154 
_refine_ls_shell.number_reflns_R_work             940 
_refine_ls_shell.R_factor_R_work                  0.217 
_refine_ls_shell.percent_reflns_obs               99.90 
_refine_ls_shell.R_factor_R_free                  0.275 
_refine_ls_shell.R_factor_R_free_error            ? 
_refine_ls_shell.percent_reflns_R_free            ? 
_refine_ls_shell.number_reflns_R_free             52 
_refine_ls_shell.number_reflns_obs                1028 
_refine_ls_shell.redundancy_reflns_obs            ? 
_refine_ls_shell.number_reflns_all                ? 
_refine_ls_shell.R_factor_all                     ? 
_refine_ls_shell.pdbx_refine_id                   'X-RAY DIFFRACTION' 
# 
_struct.entry_id                  1ZNW 
_struct.title                     'Crystal Structure Of Unliganded Form Of Mycobacterium tuberculosis Guanylate Kinase' 
_struct.pdbx_model_details        ? 
_struct.pdbx_CASP_flag            ? 
_struct.pdbx_model_type_details   ? 
# 
_struct_keywords.entry_id        1ZNW 
_struct_keywords.pdbx_keywords   TRANSFERASE 
_struct_keywords.text            'Guanylate kinase, GMP kinase, ATP:GMP-phosphotransferase, Transferase' 
# 
loop_
_struct_asym.id 
_struct_asym.pdbx_blank_PDB_chainid_flag 
_struct_asym.pdbx_modified 
_struct_asym.entity_id 
_struct_asym.details 
A N N 1 ? 
B N N 2 ? 
# 
_struct_ref.id                         1 
_struct_ref.db_name                    UNP 
_struct_ref.db_code                    KGUA_MYCTU 
_struct_ref.pdbx_db_accession          P0A5I4 
_struct_ref.entity_id                  1 
_struct_ref.pdbx_seq_one_letter_code   
;SVGEGPDTKPTARGQPAAVGRVVVLSGPSAVGKSTVVRCLRERIPNLHFSVSATTRAPRPGEVDGVDYHFIDPTRFQQLI
DQGELLEWAEIHGGLHRSGTLAQPVRAAAATGVPVLIEVDLAGARAIKKTMPEAVTVFLAPPSWQDLQARLIGRGTETAD
VIQRRLDTARIELAAQGDFDKVVVNRRLESACAELVSLLVGTAPGSP
;
_struct_ref.pdbx_align_begin           2 
_struct_ref.pdbx_db_isoform            ? 
# 
_struct_ref_seq.align_id                      1 
_struct_ref_seq.ref_id                        1 
_struct_ref_seq.pdbx_PDB_id_code              1ZNW 
_struct_ref_seq.pdbx_strand_id                A 
_struct_ref_seq.seq_align_beg                 1 
_struct_ref_seq.pdbx_seq_align_beg_ins_code   ? 
_struct_ref_seq.seq_align_end                 207 
_struct_ref_seq.pdbx_seq_align_end_ins_code   ? 
_struct_ref_seq.pdbx_db_accession             P0A5I4 
_struct_ref_seq.db_align_beg                  2 
_struct_ref_seq.pdbx_db_align_beg_ins_code    ? 
_struct_ref_seq.db_align_end                  208 
_struct_ref_seq.pdbx_db_align_end_ins_code    ? 
_struct_ref_seq.pdbx_auth_seq_align_beg       2 
_struct_ref_seq.pdbx_auth_seq_align_end       208 
# 
_pdbx_struct_assembly.id                   1 
_pdbx_struct_assembly.details              author_defined_assembly 
_pdbx_struct_assembly.method_details       ? 
_pdbx_struct_assembly.oligomeric_details   monomeric 
_pdbx_struct_assembly.oligomeric_count     1 
# 
_pdbx_struct_assembly_gen.assembly_id       1 
_pdbx_struct_assembly_gen.oper_expression   1 
_pdbx_struct_assembly_gen.asym_id_list      A,B 
# 
_pdbx_struct_oper_list.id                   1 
_pdbx_struct_oper_list.type                 'identity operation' 
_pdbx_struct_oper_list.name                 1_555 
_pdbx_struct_oper_list.symmetry_operation   x,y,z 
_pdbx_struct_oper_list.matrix[1][1]         1.0000000000 
_pdbx_struct_oper_list.matrix[1][2]         0.0000000000 
_pdbx_struct_oper_list.matrix[1][3]         0.0000000000 
_pdbx_struct_oper_list.vector[1]            0.0000000000 
_pdbx_struct_oper_list.matrix[2][1]         0.0000000000 
_pdbx_struct_oper_list.matrix[2][2]         1.0000000000 
_pdbx_struct_oper_list.matrix[2][3]         0.0000000000 
_pdbx_struct_oper_list.vector[2]            0.0000000000 
_pdbx_struct_oper_list.matrix[3][1]         0.0000000000 
_pdbx_struct_oper_list.matrix[3][2]         0.0000000000 
_pdbx_struct_oper_list.matrix[3][3]         1.0000000000 
_pdbx_struct_oper_list.vector[3]            0.0000000000 
# 
_struct_biol.id                    1 
_struct_biol.details               'The biological unit is monomeric' 
_struct_biol.pdbx_parent_biol_id   ? 
# 
loop_
_struct_conf.conf_type_id 
_struct_conf.id 
_struct_conf.pdbx_PDB_helix_id 
_struct_conf.beg_label_comp_id 
_struct_conf.beg_label_asym_id 
_struct_conf.beg_label_seq_id 
_struct_conf.pdbx_beg_PDB_ins_code 
_struct_conf.end_label_comp_id 
_struct_conf.end_label_asym_id 
_struct_conf.end_label_seq_id 
_struct_conf.pdbx_end_PDB_ins_code 
_struct_conf.beg_auth_comp_id 
_struct_conf.beg_auth_asym_id 
_struct_conf.beg_auth_seq_id 
_struct_conf.end_auth_comp_id 
_struct_conf.end_auth_asym_id 
_struct_conf.end_auth_seq_id 
_struct_conf.pdbx_PDB_helix_class 
_struct_conf.details 
_struct_conf.pdbx_PDB_helix_length 
HELX_P HELX_P1 1 GLY A 32  ? ILE A 44  ? GLY A 33  ILE A 45  1 ? 13 
HELX_P HELX_P2 2 ASP A 72  ? GLN A 82  ? ASP A 73  GLN A 83  1 ? 11 
HELX_P HELX_P3 3 ALA A 102 ? THR A 111 ? ALA A 103 THR A 112 1 ? 10 
HELX_P HELX_P4 4 ASP A 120 ? MET A 131 ? ASP A 121 MET A 132 1 ? 12 
HELX_P HELX_P5 5 SER A 143 ? GLY A 153 ? SER A 144 GLY A 154 1 ? 11 
HELX_P HELX_P6 6 THR A 158 ? ALA A 175 ? THR A 159 ALA A 176 1 ? 18 
HELX_P HELX_P7 7 GLN A 176 ? PHE A 179 ? GLN A 177 PHE A 180 5 ? 4  
HELX_P HELX_P8 8 ARG A 187 ? VAL A 200 ? ARG A 188 VAL A 201 1 ? 14 
# 
_struct_conf_type.id          HELX_P 
_struct_conf_type.criteria    ? 
_struct_conf_type.reference   ? 
# 
_struct_conn.id                            disulf1 
_struct_conn.conn_type_id                  disulf 
_struct_conn.pdbx_leaving_atom_flag        ? 
_struct_conn.pdbx_PDB_id                   ? 
_struct_conn.ptnr1_label_asym_id           A 
_struct_conn.ptnr1_label_comp_id           CYS 
_struct_conn.ptnr1_label_seq_id            39 
_struct_conn.ptnr1_label_atom_id           SG 
_struct_conn.pdbx_ptnr1_label_alt_id       ? 
_struct_conn.pdbx_ptnr1_PDB_ins_code       ? 
_struct_conn.pdbx_ptnr1_standard_comp_id   ? 
_struct_conn.ptnr1_symmetry                1_555 
_struct_conn.ptnr2_label_asym_id           A 
_struct_conn.ptnr2_label_comp_id           CYS 
_struct_conn.ptnr2_label_seq_id            192 
_struct_conn.ptnr2_label_atom_id           SG 
_struct_conn.pdbx_ptnr2_label_alt_id       ? 
_struct_conn.pdbx_ptnr2_PDB_ins_code       ? 
_struct_conn.ptnr1_auth_asym_id            A 
_struct_conn.ptnr1_auth_comp_id            CYS 
_struct_conn.ptnr1_auth_seq_id             40 
_struct_conn.ptnr2_auth_asym_id            A 
_struct_conn.ptnr2_auth_comp_id            CYS 
_struct_conn.ptnr2_auth_seq_id             193 
_struct_conn.ptnr2_symmetry                1_555 
_struct_conn.pdbx_ptnr3_label_atom_id      ? 
_struct_conn.pdbx_ptnr3_label_seq_id       ? 
_struct_conn.pdbx_ptnr3_label_comp_id      ? 
_struct_conn.pdbx_ptnr3_label_asym_id      ? 
_struct_conn.pdbx_ptnr3_label_alt_id       ? 
_struct_conn.pdbx_ptnr3_PDB_ins_code       ? 
_struct_conn.details                       ? 
_struct_conn.pdbx_dist_value               2.093 
_struct_conn.pdbx_value_order              ? 
_struct_conn.pdbx_role                     ? 
# 
_struct_conn_type.id          disulf 
_struct_conn_type.criteria    ? 
_struct_conn_type.reference   ? 
# 
_pdbx_modification_feature.ordinal                            1 
_pdbx_modification_feature.label_comp_id                      CYS 
_pdbx_modification_feature.label_asym_id                      A 
_pdbx_modification_feature.label_seq_id                       39 
_pdbx_modification_feature.label_alt_id                       ? 
_pdbx_modification_feature.modified_residue_label_comp_id     CYS 
_pdbx_modification_feature.modified_residue_label_asym_id     A 
_pdbx_modification_feature.modified_residue_label_seq_id      192 
_pdbx_modification_feature.modified_residue_label_alt_id      ? 
_pdbx_modification_feature.auth_comp_id                       CYS 
_pdbx_modification_feature.auth_asym_id                       A 
_pdbx_modification_feature.auth_seq_id                        40 
_pdbx_modification_feature.PDB_ins_code                       ? 
_pdbx_modification_feature.symmetry                           1_555 
_pdbx_modification_feature.modified_residue_auth_comp_id      CYS 
_pdbx_modification_feature.modified_residue_auth_asym_id      A 
_pdbx_modification_feature.modified_residue_auth_seq_id       193 
_pdbx_modification_feature.modified_residue_PDB_ins_code      ? 
_pdbx_modification_feature.modified_residue_symmetry          1_555 
_pdbx_modification_feature.comp_id_linking_atom               SG 
_pdbx_modification_feature.modified_residue_id_linking_atom   SG 
_pdbx_modification_feature.modified_residue_id                . 
_pdbx_modification_feature.ref_pcm_id                         . 
_pdbx_modification_feature.ref_comp_id                        . 
_pdbx_modification_feature.type                               None 
_pdbx_modification_feature.category                           'Disulfide bridge' 
# 
loop_
_struct_sheet.id 
_struct_sheet.type 
_struct_sheet.number_strands 
_struct_sheet.details 
A ? 5 ? 
B ? 4 ? 
# 
loop_
_struct_sheet_order.sheet_id 
_struct_sheet_order.range_id_1 
_struct_sheet_order.range_id_2 
_struct_sheet_order.offset 
_struct_sheet_order.sense 
A 1 2 ? parallel      
A 2 3 ? parallel      
A 3 4 ? parallel      
A 4 5 ? parallel      
B 1 2 ? parallel      
B 2 3 ? anti-parallel 
B 3 4 ? anti-parallel 
# 
loop_
_struct_sheet_range.sheet_id 
_struct_sheet_range.id 
_struct_sheet_range.beg_label_comp_id 
_struct_sheet_range.beg_label_asym_id 
_struct_sheet_range.beg_label_seq_id 
_struct_sheet_range.pdbx_beg_PDB_ins_code 
_struct_sheet_range.end_label_comp_id 
_struct_sheet_range.end_label_asym_id 
_struct_sheet_range.end_label_seq_id 
_struct_sheet_range.pdbx_end_PDB_ins_code 
_struct_sheet_range.beg_auth_comp_id 
_struct_sheet_range.beg_auth_asym_id 
_struct_sheet_range.beg_auth_seq_id 
_struct_sheet_range.end_auth_comp_id 
_struct_sheet_range.end_auth_asym_id 
_struct_sheet_range.end_auth_seq_id 
A 1 HIS A 48  ? PHE A 49  ? HIS A 49  PHE A 50  
A 2 VAL A 115 ? GLU A 118 ? VAL A 116 GLU A 119 
A 3 VAL A 22  ? SER A 26  ? VAL A 23  SER A 27  
A 4 VAL A 135 ? ALA A 140 ? VAL A 136 ALA A 141 
A 5 LYS A 181 ? VAL A 184 ? LYS A 182 VAL A 185 
B 1 HIS A 69  ? PHE A 70  ? HIS A 70  PHE A 71  
B 2 ALA A 53  ? THR A 54  ? ALA A 54  THR A 55  
B 3 HIS A 96  ? LEU A 101 ? HIS A 97  LEU A 102 
B 4 LEU A 85  ? ILE A 91  ? LEU A 86  ILE A 92  
# 
loop_
_pdbx_struct_sheet_hbond.sheet_id 
_pdbx_struct_sheet_hbond.range_id_1 
_pdbx_struct_sheet_hbond.range_id_2 
_pdbx_struct_sheet_hbond.range_1_label_atom_id 
_pdbx_struct_sheet_hbond.range_1_label_comp_id 
_pdbx_struct_sheet_hbond.range_1_label_asym_id 
_pdbx_struct_sheet_hbond.range_1_label_seq_id 
_pdbx_struct_sheet_hbond.range_1_PDB_ins_code 
_pdbx_struct_sheet_hbond.range_1_auth_atom_id 
_pdbx_struct_sheet_hbond.range_1_auth_comp_id 
_pdbx_struct_sheet_hbond.range_1_auth_asym_id 
_pdbx_struct_sheet_hbond.range_1_auth_seq_id 
_pdbx_struct_sheet_hbond.range_2_label_atom_id 
_pdbx_struct_sheet_hbond.range_2_label_comp_id 
_pdbx_struct_sheet_hbond.range_2_label_asym_id 
_pdbx_struct_sheet_hbond.range_2_label_seq_id 
_pdbx_struct_sheet_hbond.range_2_PDB_ins_code 
_pdbx_struct_sheet_hbond.range_2_auth_atom_id 
_pdbx_struct_sheet_hbond.range_2_auth_comp_id 
_pdbx_struct_sheet_hbond.range_2_auth_asym_id 
_pdbx_struct_sheet_hbond.range_2_auth_seq_id 
A 1 2 N HIS A 48  ? N HIS A 49  O LEU A 116 ? O LEU A 117 
A 2 3 O ILE A 117 ? O ILE A 118 N LEU A 25  ? N LEU A 26  
A 3 4 N VAL A 22  ? N VAL A 23  O VAL A 135 ? O VAL A 136 
A 4 5 N ALA A 140 ? N ALA A 141 O VAL A 183 ? O VAL A 184 
B 1 2 O HIS A 69  ? O HIS A 70  N THR A 54  ? N THR A 55  
B 2 3 N ALA A 53  ? N ALA A 54  O GLY A 99  ? O GLY A 100 
B 3 4 O HIS A 96  ? O HIS A 97  N ILE A 91  ? N ILE A 92  
# 
_pdbx_entry_details.entry_id                   1ZNW 
_pdbx_entry_details.compound_details           ? 
_pdbx_entry_details.source_details             ? 
_pdbx_entry_details.nonpolymer_details         ? 
_pdbx_entry_details.sequence_details           ? 
_pdbx_entry_details.has_ligand_of_interest     ? 
_pdbx_entry_details.has_protein_modification   Y 
# 
loop_
_pdbx_validate_torsion.id 
_pdbx_validate_torsion.PDB_model_num 
_pdbx_validate_torsion.auth_comp_id 
_pdbx_validate_torsion.auth_asym_id 
_pdbx_validate_torsion.auth_seq_id 
_pdbx_validate_torsion.PDB_ins_code 
_pdbx_validate_torsion.label_alt_id 
_pdbx_validate_torsion.phi 
_pdbx_validate_torsion.psi 
1 1 ALA A 31 ? ? 74.36   45.54  
2 1 VAL A 67 ? ? -120.30 -59.25 
# 
loop_
_pdbx_struct_special_symmetry.id 
_pdbx_struct_special_symmetry.PDB_model_num 
_pdbx_struct_special_symmetry.auth_asym_id 
_pdbx_struct_special_symmetry.auth_comp_id 
_pdbx_struct_special_symmetry.auth_seq_id 
_pdbx_struct_special_symmetry.PDB_ins_code 
_pdbx_struct_special_symmetry.label_asym_id 
_pdbx_struct_special_symmetry.label_comp_id 
_pdbx_struct_special_symmetry.label_seq_id 
1 1 A HOH 250 ? B HOH . 
2 1 A HOH 271 ? B HOH . 
# 
loop_
_pdbx_refine_tls.id 
_pdbx_refine_tls.details 
_pdbx_refine_tls.method 
_pdbx_refine_tls.origin_x 
_pdbx_refine_tls.origin_y 
_pdbx_refine_tls.origin_z 
_pdbx_refine_tls.T[1][1] 
_pdbx_refine_tls.T[2][2] 
_pdbx_refine_tls.T[3][3] 
_pdbx_refine_tls.T[1][2] 
_pdbx_refine_tls.T[1][3] 
_pdbx_refine_tls.T[2][3] 
_pdbx_refine_tls.L[1][1] 
_pdbx_refine_tls.L[2][2] 
_pdbx_refine_tls.L[3][3] 
_pdbx_refine_tls.L[1][2] 
_pdbx_refine_tls.L[1][3] 
_pdbx_refine_tls.L[2][3] 
_pdbx_refine_tls.S[1][1] 
_pdbx_refine_tls.S[1][2] 
_pdbx_refine_tls.S[1][3] 
_pdbx_refine_tls.S[2][1] 
_pdbx_refine_tls.S[2][2] 
_pdbx_refine_tls.S[2][3] 
_pdbx_refine_tls.S[3][1] 
_pdbx_refine_tls.S[3][2] 
_pdbx_refine_tls.S[3][3] 
_pdbx_refine_tls.pdbx_refine_id 
1 ? refined -1.5850 2.5880   6.6447  0.0770 0.1240 0.0844 0.0282  0.0202  -0.0172 2.4423 3.4705 3.4191 2.0194  0.3863  -0.2277 0.0767  0.1011 0.0858  0.0035  -0.1459 0.1191 -0.1322 0.2679  0.0692  'X-RAY DIFFRACTION' 
2 ? refined -7.5647 -10.8058 -6.8615 0.1446 0.1348 0.0796 0.0000  -0.0180 -0.0491 3.1680 5.9046 4.6525 -2.5212 -0.3879 -0.1120 -0.0942 0.1902 -0.1202 -0.3305 -0.0630 0.3866 0.3984  -0.3646 0.1572  'X-RAY DIFFRACTION' 
3 ? refined 15.1046 7.8064   -7.2957 0.1553 0.0959 0.0243 -0.0675 -0.0192 0.0469  5.8332 2.5987 4.4398 0.0446  -1.6149 0.2872  -0.0504 0.0369 -0.2228 -0.0015 0.1489  0.0242 0.2443  -0.0753 -0.0984 'X-RAY DIFFRACTION' 
# 
loop_
_pdbx_refine_tls_group.id 
_pdbx_refine_tls_group.refine_tls_id 
_pdbx_refine_tls_group.beg_auth_asym_id 
_pdbx_refine_tls_group.beg_auth_seq_id 
_pdbx_refine_tls_group.beg_label_asym_id 
_pdbx_refine_tls_group.beg_label_seq_id 
_pdbx_refine_tls_group.end_auth_asym_id 
_pdbx_refine_tls_group.end_auth_seq_id 
_pdbx_refine_tls_group.end_label_asym_id 
_pdbx_refine_tls_group.end_label_seq_id 
_pdbx_refine_tls_group.selection 
_pdbx_refine_tls_group.pdbx_refine_id 
_pdbx_refine_tls_group.selection_details 
1 1 A 20  A 19  A 50  A 49  ? 'X-RAY DIFFRACTION' ? 
2 1 A 102 A 101 A 140 A 139 ? 'X-RAY DIFFRACTION' ? 
3 1 A 180 A 179 A 201 A 200 ? 'X-RAY DIFFRACTION' ? 
4 2 A 51  A 50  A 101 A 100 ? 'X-RAY DIFFRACTION' ? 
5 3 A 141 A 140 A 179 A 178 ? 'X-RAY DIFFRACTION' ? 
# 
loop_
_pdbx_unobs_or_zero_occ_residues.id 
_pdbx_unobs_or_zero_occ_residues.PDB_model_num 
_pdbx_unobs_or_zero_occ_residues.polymer_flag 
_pdbx_unobs_or_zero_occ_residues.occupancy_flag 
_pdbx_unobs_or_zero_occ_residues.auth_asym_id 
_pdbx_unobs_or_zero_occ_residues.auth_comp_id 
_pdbx_unobs_or_zero_occ_residues.auth_seq_id 
_pdbx_unobs_or_zero_occ_residues.PDB_ins_code 
_pdbx_unobs_or_zero_occ_residues.label_asym_id 
_pdbx_unobs_or_zero_occ_residues.label_comp_id 
_pdbx_unobs_or_zero_occ_residues.label_seq_id 
1  1 Y 1 A SER 2   ? A SER 1   
2  1 Y 1 A VAL 3   ? A VAL 2   
3  1 Y 1 A GLY 4   ? A GLY 3   
4  1 Y 1 A GLU 5   ? A GLU 4   
5  1 Y 1 A GLY 6   ? A GLY 5   
6  1 Y 1 A PRO 7   ? A PRO 6   
7  1 Y 1 A ASP 8   ? A ASP 7   
8  1 Y 1 A THR 9   ? A THR 8   
9  1 Y 1 A LYS 10  ? A LYS 9   
10 1 Y 1 A PRO 11  ? A PRO 10  
11 1 Y 1 A THR 12  ? A THR 11  
12 1 Y 1 A ALA 13  ? A ALA 12  
13 1 Y 1 A ARG 14  ? A ARG 13  
14 1 Y 1 A GLY 15  ? A GLY 14  
15 1 Y 1 A GLN 16  ? A GLN 15  
16 1 Y 1 A PRO 17  ? A PRO 16  
17 1 Y 1 A ALA 18  ? A ALA 17  
18 1 Y 1 A ALA 19  ? A ALA 18  
19 1 Y 1 A GLY 202 ? A GLY 201 
20 1 Y 1 A THR 203 ? A THR 202 
21 1 Y 1 A ALA 204 ? A ALA 203 
22 1 Y 1 A PRO 205 ? A PRO 204 
23 1 Y 1 A GLY 206 ? A GLY 205 
24 1 Y 1 A SER 207 ? A SER 206 
25 1 Y 1 A PRO 208 ? A PRO 207 
# 
loop_
_chem_comp_atom.comp_id 
_chem_comp_atom.atom_id 
_chem_comp_atom.type_symbol 
_chem_comp_atom.pdbx_aromatic_flag 
_chem_comp_atom.pdbx_stereo_config 
_chem_comp_atom.pdbx_ordinal 
ALA N    N N N 1   
ALA CA   C N S 2   
ALA C    C N N 3   
ALA O    O N N 4   
ALA CB   C N N 5   
ALA OXT  O N N 6   
ALA H    H N N 7   
ALA H2   H N N 8   
ALA HA   H N N 9   
ALA HB1  H N N 10  
ALA HB2  H N N 11  
ALA HB3  H N N 12  
ALA HXT  H N N 13  
ARG N    N N N 14  
ARG CA   C N S 15  
ARG C    C N N 16  
ARG O    O N N 17  
ARG CB   C N N 18  
ARG CG   C N N 19  
ARG CD   C N N 20  
ARG NE   N N N 21  
ARG CZ   C N N 22  
ARG NH1  N N N 23  
ARG NH2  N N N 24  
ARG OXT  O N N 25  
ARG H    H N N 26  
ARG H2   H N N 27  
ARG HA   H N N 28  
ARG HB2  H N N 29  
ARG HB3  H N N 30  
ARG HG2  H N N 31  
ARG HG3  H N N 32  
ARG HD2  H N N 33  
ARG HD3  H N N 34  
ARG HE   H N N 35  
ARG HH11 H N N 36  
ARG HH12 H N N 37  
ARG HH21 H N N 38  
ARG HH22 H N N 39  
ARG HXT  H N N 40  
ASN N    N N N 41  
ASN CA   C N S 42  
ASN C    C N N 43  
ASN O    O N N 44  
ASN CB   C N N 45  
ASN CG   C N N 46  
ASN OD1  O N N 47  
ASN ND2  N N N 48  
ASN OXT  O N N 49  
ASN H    H N N 50  
ASN H2   H N N 51  
ASN HA   H N N 52  
ASN HB2  H N N 53  
ASN HB3  H N N 54  
ASN HD21 H N N 55  
ASN HD22 H N N 56  
ASN HXT  H N N 57  
ASP N    N N N 58  
ASP CA   C N S 59  
ASP C    C N N 60  
ASP O    O N N 61  
ASP CB   C N N 62  
ASP CG   C N N 63  
ASP OD1  O N N 64  
ASP OD2  O N N 65  
ASP OXT  O N N 66  
ASP H    H N N 67  
ASP H2   H N N 68  
ASP HA   H N N 69  
ASP HB2  H N N 70  
ASP HB3  H N N 71  
ASP HD2  H N N 72  
ASP HXT  H N N 73  
CYS N    N N N 74  
CYS CA   C N R 75  
CYS C    C N N 76  
CYS O    O N N 77  
CYS CB   C N N 78  
CYS SG   S N N 79  
CYS OXT  O N N 80  
CYS H    H N N 81  
CYS H2   H N N 82  
CYS HA   H N N 83  
CYS HB2  H N N 84  
CYS HB3  H N N 85  
CYS HG   H N N 86  
CYS HXT  H N N 87  
GLN N    N N N 88  
GLN CA   C N S 89  
GLN C    C N N 90  
GLN O    O N N 91  
GLN CB   C N N 92  
GLN CG   C N N 93  
GLN CD   C N N 94  
GLN OE1  O N N 95  
GLN NE2  N N N 96  
GLN OXT  O N N 97  
GLN H    H N N 98  
GLN H2   H N N 99  
GLN HA   H N N 100 
GLN HB2  H N N 101 
GLN HB3  H N N 102 
GLN HG2  H N N 103 
GLN HG3  H N N 104 
GLN HE21 H N N 105 
GLN HE22 H N N 106 
GLN HXT  H N N 107 
GLU N    N N N 108 
GLU CA   C N S 109 
GLU C    C N N 110 
GLU O    O N N 111 
GLU CB   C N N 112 
GLU CG   C N N 113 
GLU CD   C N N 114 
GLU OE1  O N N 115 
GLU OE2  O N N 116 
GLU OXT  O N N 117 
GLU H    H N N 118 
GLU H2   H N N 119 
GLU HA   H N N 120 
GLU HB2  H N N 121 
GLU HB3  H N N 122 
GLU HG2  H N N 123 
GLU HG3  H N N 124 
GLU HE2  H N N 125 
GLU HXT  H N N 126 
GLY N    N N N 127 
GLY CA   C N N 128 
GLY C    C N N 129 
GLY O    O N N 130 
GLY OXT  O N N 131 
GLY H    H N N 132 
GLY H2   H N N 133 
GLY HA2  H N N 134 
GLY HA3  H N N 135 
GLY HXT  H N N 136 
HIS N    N N N 137 
HIS CA   C N S 138 
HIS C    C N N 139 
HIS O    O N N 140 
HIS CB   C N N 141 
HIS CG   C Y N 142 
HIS ND1  N Y N 143 
HIS CD2  C Y N 144 
HIS CE1  C Y N 145 
HIS NE2  N Y N 146 
HIS OXT  O N N 147 
HIS H    H N N 148 
HIS H2   H N N 149 
HIS HA   H N N 150 
HIS HB2  H N N 151 
HIS HB3  H N N 152 
HIS HD1  H N N 153 
HIS HD2  H N N 154 
HIS HE1  H N N 155 
HIS HE2  H N N 156 
HIS HXT  H N N 157 
HOH O    O N N 158 
HOH H1   H N N 159 
HOH H2   H N N 160 
ILE N    N N N 161 
ILE CA   C N S 162 
ILE C    C N N 163 
ILE O    O N N 164 
ILE CB   C N S 165 
ILE CG1  C N N 166 
ILE CG2  C N N 167 
ILE CD1  C N N 168 
ILE OXT  O N N 169 
ILE H    H N N 170 
ILE H2   H N N 171 
ILE HA   H N N 172 
ILE HB   H N N 173 
ILE HG12 H N N 174 
ILE HG13 H N N 175 
ILE HG21 H N N 176 
ILE HG22 H N N 177 
ILE HG23 H N N 178 
ILE HD11 H N N 179 
ILE HD12 H N N 180 
ILE HD13 H N N 181 
ILE HXT  H N N 182 
LEU N    N N N 183 
LEU CA   C N S 184 
LEU C    C N N 185 
LEU O    O N N 186 
LEU CB   C N N 187 
LEU CG   C N N 188 
LEU CD1  C N N 189 
LEU CD2  C N N 190 
LEU OXT  O N N 191 
LEU H    H N N 192 
LEU H2   H N N 193 
LEU HA   H N N 194 
LEU HB2  H N N 195 
LEU HB3  H N N 196 
LEU HG   H N N 197 
LEU HD11 H N N 198 
LEU HD12 H N N 199 
LEU HD13 H N N 200 
LEU HD21 H N N 201 
LEU HD22 H N N 202 
LEU HD23 H N N 203 
LEU HXT  H N N 204 
LYS N    N N N 205 
LYS CA   C N S 206 
LYS C    C N N 207 
LYS O    O N N 208 
LYS CB   C N N 209 
LYS CG   C N N 210 
LYS CD   C N N 211 
LYS CE   C N N 212 
LYS NZ   N N N 213 
LYS OXT  O N N 214 
LYS H    H N N 215 
LYS H2   H N N 216 
LYS HA   H N N 217 
LYS HB2  H N N 218 
LYS HB3  H N N 219 
LYS HG2  H N N 220 
LYS HG3  H N N 221 
LYS HD2  H N N 222 
LYS HD3  H N N 223 
LYS HE2  H N N 224 
LYS HE3  H N N 225 
LYS HZ1  H N N 226 
LYS HZ2  H N N 227 
LYS HZ3  H N N 228 
LYS HXT  H N N 229 
MET N    N N N 230 
MET CA   C N S 231 
MET C    C N N 232 
MET O    O N N 233 
MET CB   C N N 234 
MET CG   C N N 235 
MET SD   S N N 236 
MET CE   C N N 237 
MET OXT  O N N 238 
MET H    H N N 239 
MET H2   H N N 240 
MET HA   H N N 241 
MET HB2  H N N 242 
MET HB3  H N N 243 
MET HG2  H N N 244 
MET HG3  H N N 245 
MET HE1  H N N 246 
MET HE2  H N N 247 
MET HE3  H N N 248 
MET HXT  H N N 249 
PHE N    N N N 250 
PHE CA   C N S 251 
PHE C    C N N 252 
PHE O    O N N 253 
PHE CB   C N N 254 
PHE CG   C Y N 255 
PHE CD1  C Y N 256 
PHE CD2  C Y N 257 
PHE CE1  C Y N 258 
PHE CE2  C Y N 259 
PHE CZ   C Y N 260 
PHE OXT  O N N 261 
PHE H    H N N 262 
PHE H2   H N N 263 
PHE HA   H N N 264 
PHE HB2  H N N 265 
PHE HB3  H N N 266 
PHE HD1  H N N 267 
PHE HD2  H N N 268 
PHE HE1  H N N 269 
PHE HE2  H N N 270 
PHE HZ   H N N 271 
PHE HXT  H N N 272 
PRO N    N N N 273 
PRO CA   C N S 274 
PRO C    C N N 275 
PRO O    O N N 276 
PRO CB   C N N 277 
PRO CG   C N N 278 
PRO CD   C N N 279 
PRO OXT  O N N 280 
PRO H    H N N 281 
PRO HA   H N N 282 
PRO HB2  H N N 283 
PRO HB3  H N N 284 
PRO HG2  H N N 285 
PRO HG3  H N N 286 
PRO HD2  H N N 287 
PRO HD3  H N N 288 
PRO HXT  H N N 289 
SER N    N N N 290 
SER CA   C N S 291 
SER C    C N N 292 
SER O    O N N 293 
SER CB   C N N 294 
SER OG   O N N 295 
SER OXT  O N N 296 
SER H    H N N 297 
SER H2   H N N 298 
SER HA   H N N 299 
SER HB2  H N N 300 
SER HB3  H N N 301 
SER HG   H N N 302 
SER HXT  H N N 303 
THR N    N N N 304 
THR CA   C N S 305 
THR C    C N N 306 
THR O    O N N 307 
THR CB   C N R 308 
THR OG1  O N N 309 
THR CG2  C N N 310 
THR OXT  O N N 311 
THR H    H N N 312 
THR H2   H N N 313 
THR HA   H N N 314 
THR HB   H N N 315 
THR HG1  H N N 316 
THR HG21 H N N 317 
THR HG22 H N N 318 
THR HG23 H N N 319 
THR HXT  H N N 320 
TRP N    N N N 321 
TRP CA   C N S 322 
TRP C    C N N 323 
TRP O    O N N 324 
TRP CB   C N N 325 
TRP CG   C Y N 326 
TRP CD1  C Y N 327 
TRP CD2  C Y N 328 
TRP NE1  N Y N 329 
TRP CE2  C Y N 330 
TRP CE3  C Y N 331 
TRP CZ2  C Y N 332 
TRP CZ3  C Y N 333 
TRP CH2  C Y N 334 
TRP OXT  O N N 335 
TRP H    H N N 336 
TRP H2   H N N 337 
TRP HA   H N N 338 
TRP HB2  H N N 339 
TRP HB3  H N N 340 
TRP HD1  H N N 341 
TRP HE1  H N N 342 
TRP HE3  H N N 343 
TRP HZ2  H N N 344 
TRP HZ3  H N N 345 
TRP HH2  H N N 346 
TRP HXT  H N N 347 
TYR N    N N N 348 
TYR CA   C N S 349 
TYR C    C N N 350 
TYR O    O N N 351 
TYR CB   C N N 352 
TYR CG   C Y N 353 
TYR CD1  C Y N 354 
TYR CD2  C Y N 355 
TYR CE1  C Y N 356 
TYR CE2  C Y N 357 
TYR CZ   C Y N 358 
TYR OH   O N N 359 
TYR OXT  O N N 360 
TYR H    H N N 361 
TYR H2   H N N 362 
TYR HA   H N N 363 
TYR HB2  H N N 364 
TYR HB3  H N N 365 
TYR HD1  H N N 366 
TYR HD2  H N N 367 
TYR HE1  H N N 368 
TYR HE2  H N N 369 
TYR HH   H N N 370 
TYR HXT  H N N 371 
VAL N    N N N 372 
VAL CA   C N S 373 
VAL C    C N N 374 
VAL O    O N N 375 
VAL CB   C N N 376 
VAL CG1  C N N 377 
VAL CG2  C N N 378 
VAL OXT  O N N 379 
VAL H    H N N 380 
VAL H2   H N N 381 
VAL HA   H N N 382 
VAL HB   H N N 383 
VAL HG11 H N N 384 
VAL HG12 H N N 385 
VAL HG13 H N N 386 
VAL HG21 H N N 387 
VAL HG22 H N N 388 
VAL HG23 H N N 389 
VAL HXT  H N N 390 
# 
loop_
_chem_comp_bond.comp_id 
_chem_comp_bond.atom_id_1 
_chem_comp_bond.atom_id_2 
_chem_comp_bond.value_order 
_chem_comp_bond.pdbx_aromatic_flag 
_chem_comp_bond.pdbx_stereo_config 
_chem_comp_bond.pdbx_ordinal 
ALA N   CA   sing N N 1   
ALA N   H    sing N N 2   
ALA N   H2   sing N N 3   
ALA CA  C    sing N N 4   
ALA CA  CB   sing N N 5   
ALA CA  HA   sing N N 6   
ALA C   O    doub N N 7   
ALA C   OXT  sing N N 8   
ALA CB  HB1  sing N N 9   
ALA CB  HB2  sing N N 10  
ALA CB  HB3  sing N N 11  
ALA OXT HXT  sing N N 12  
ARG N   CA   sing N N 13  
ARG N   H    sing N N 14  
ARG N   H2   sing N N 15  
ARG CA  C    sing N N 16  
ARG CA  CB   sing N N 17  
ARG CA  HA   sing N N 18  
ARG C   O    doub N N 19  
ARG C   OXT  sing N N 20  
ARG CB  CG   sing N N 21  
ARG CB  HB2  sing N N 22  
ARG CB  HB3  sing N N 23  
ARG CG  CD   sing N N 24  
ARG CG  HG2  sing N N 25  
ARG CG  HG3  sing N N 26  
ARG CD  NE   sing N N 27  
ARG CD  HD2  sing N N 28  
ARG CD  HD3  sing N N 29  
ARG NE  CZ   sing N N 30  
ARG NE  HE   sing N N 31  
ARG CZ  NH1  sing N N 32  
ARG CZ  NH2  doub N N 33  
ARG NH1 HH11 sing N N 34  
ARG NH1 HH12 sing N N 35  
ARG NH2 HH21 sing N N 36  
ARG NH2 HH22 sing N N 37  
ARG OXT HXT  sing N N 38  
ASN N   CA   sing N N 39  
ASN N   H    sing N N 40  
ASN N   H2   sing N N 41  
ASN CA  C    sing N N 42  
ASN CA  CB   sing N N 43  
ASN CA  HA   sing N N 44  
ASN C   O    doub N N 45  
ASN C   OXT  sing N N 46  
ASN CB  CG   sing N N 47  
ASN CB  HB2  sing N N 48  
ASN CB  HB3  sing N N 49  
ASN CG  OD1  doub N N 50  
ASN CG  ND2  sing N N 51  
ASN ND2 HD21 sing N N 52  
ASN ND2 HD22 sing N N 53  
ASN OXT HXT  sing N N 54  
ASP N   CA   sing N N 55  
ASP N   H    sing N N 56  
ASP N   H2   sing N N 57  
ASP CA  C    sing N N 58  
ASP CA  CB   sing N N 59  
ASP CA  HA   sing N N 60  
ASP C   O    doub N N 61  
ASP C   OXT  sing N N 62  
ASP CB  CG   sing N N 63  
ASP CB  HB2  sing N N 64  
ASP CB  HB3  sing N N 65  
ASP CG  OD1  doub N N 66  
ASP CG  OD2  sing N N 67  
ASP OD2 HD2  sing N N 68  
ASP OXT HXT  sing N N 69  
CYS N   CA   sing N N 70  
CYS N   H    sing N N 71  
CYS N   H2   sing N N 72  
CYS CA  C    sing N N 73  
CYS CA  CB   sing N N 74  
CYS CA  HA   sing N N 75  
CYS C   O    doub N N 76  
CYS C   OXT  sing N N 77  
CYS CB  SG   sing N N 78  
CYS CB  HB2  sing N N 79  
CYS CB  HB3  sing N N 80  
CYS SG  HG   sing N N 81  
CYS OXT HXT  sing N N 82  
GLN N   CA   sing N N 83  
GLN N   H    sing N N 84  
GLN N   H2   sing N N 85  
GLN CA  C    sing N N 86  
GLN CA  CB   sing N N 87  
GLN CA  HA   sing N N 88  
GLN C   O    doub N N 89  
GLN C   OXT  sing N N 90  
GLN CB  CG   sing N N 91  
GLN CB  HB2  sing N N 92  
GLN CB  HB3  sing N N 93  
GLN CG  CD   sing N N 94  
GLN CG  HG2  sing N N 95  
GLN CG  HG3  sing N N 96  
GLN CD  OE1  doub N N 97  
GLN CD  NE2  sing N N 98  
GLN NE2 HE21 sing N N 99  
GLN NE2 HE22 sing N N 100 
GLN OXT HXT  sing N N 101 
GLU N   CA   sing N N 102 
GLU N   H    sing N N 103 
GLU N   H2   sing N N 104 
GLU CA  C    sing N N 105 
GLU CA  CB   sing N N 106 
GLU CA  HA   sing N N 107 
GLU C   O    doub N N 108 
GLU C   OXT  sing N N 109 
GLU CB  CG   sing N N 110 
GLU CB  HB2  sing N N 111 
GLU CB  HB3  sing N N 112 
GLU CG  CD   sing N N 113 
GLU CG  HG2  sing N N 114 
GLU CG  HG3  sing N N 115 
GLU CD  OE1  doub N N 116 
GLU CD  OE2  sing N N 117 
GLU OE2 HE2  sing N N 118 
GLU OXT HXT  sing N N 119 
GLY N   CA   sing N N 120 
GLY N   H    sing N N 121 
GLY N   H2   sing N N 122 
GLY CA  C    sing N N 123 
GLY CA  HA2  sing N N 124 
GLY CA  HA3  sing N N 125 
GLY C   O    doub N N 126 
GLY C   OXT  sing N N 127 
GLY OXT HXT  sing N N 128 
HIS N   CA   sing N N 129 
HIS N   H    sing N N 130 
HIS N   H2   sing N N 131 
HIS CA  C    sing N N 132 
HIS CA  CB   sing N N 133 
HIS CA  HA   sing N N 134 
HIS C   O    doub N N 135 
HIS C   OXT  sing N N 136 
HIS CB  CG   sing N N 137 
HIS CB  HB2  sing N N 138 
HIS CB  HB3  sing N N 139 
HIS CG  ND1  sing Y N 140 
HIS CG  CD2  doub Y N 141 
HIS ND1 CE1  doub Y N 142 
HIS ND1 HD1  sing N N 143 
HIS CD2 NE2  sing Y N 144 
HIS CD2 HD2  sing N N 145 
HIS CE1 NE2  sing Y N 146 
HIS CE1 HE1  sing N N 147 
HIS NE2 HE2  sing N N 148 
HIS OXT HXT  sing N N 149 
HOH O   H1   sing N N 150 
HOH O   H2   sing N N 151 
ILE N   CA   sing N N 152 
ILE N   H    sing N N 153 
ILE N   H2   sing N N 154 
ILE CA  C    sing N N 155 
ILE CA  CB   sing N N 156 
ILE CA  HA   sing N N 157 
ILE C   O    doub N N 158 
ILE C   OXT  sing N N 159 
ILE CB  CG1  sing N N 160 
ILE CB  CG2  sing N N 161 
ILE CB  HB   sing N N 162 
ILE CG1 CD1  sing N N 163 
ILE CG1 HG12 sing N N 164 
ILE CG1 HG13 sing N N 165 
ILE CG2 HG21 sing N N 166 
ILE CG2 HG22 sing N N 167 
ILE CG2 HG23 sing N N 168 
ILE CD1 HD11 sing N N 169 
ILE CD1 HD12 sing N N 170 
ILE CD1 HD13 sing N N 171 
ILE OXT HXT  sing N N 172 
LEU N   CA   sing N N 173 
LEU N   H    sing N N 174 
LEU N   H2   sing N N 175 
LEU CA  C    sing N N 176 
LEU CA  CB   sing N N 177 
LEU CA  HA   sing N N 178 
LEU C   O    doub N N 179 
LEU C   OXT  sing N N 180 
LEU CB  CG   sing N N 181 
LEU CB  HB2  sing N N 182 
LEU CB  HB3  sing N N 183 
LEU CG  CD1  sing N N 184 
LEU CG  CD2  sing N N 185 
LEU CG  HG   sing N N 186 
LEU CD1 HD11 sing N N 187 
LEU CD1 HD12 sing N N 188 
LEU CD1 HD13 sing N N 189 
LEU CD2 HD21 sing N N 190 
LEU CD2 HD22 sing N N 191 
LEU CD2 HD23 sing N N 192 
LEU OXT HXT  sing N N 193 
LYS N   CA   sing N N 194 
LYS N   H    sing N N 195 
LYS N   H2   sing N N 196 
LYS CA  C    sing N N 197 
LYS CA  CB   sing N N 198 
LYS CA  HA   sing N N 199 
LYS C   O    doub N N 200 
LYS C   OXT  sing N N 201 
LYS CB  CG   sing N N 202 
LYS CB  HB2  sing N N 203 
LYS CB  HB3  sing N N 204 
LYS CG  CD   sing N N 205 
LYS CG  HG2  sing N N 206 
LYS CG  HG3  sing N N 207 
LYS CD  CE   sing N N 208 
LYS CD  HD2  sing N N 209 
LYS CD  HD3  sing N N 210 
LYS CE  NZ   sing N N 211 
LYS CE  HE2  sing N N 212 
LYS CE  HE3  sing N N 213 
LYS NZ  HZ1  sing N N 214 
LYS NZ  HZ2  sing N N 215 
LYS NZ  HZ3  sing N N 216 
LYS OXT HXT  sing N N 217 
MET N   CA   sing N N 218 
MET N   H    sing N N 219 
MET N   H2   sing N N 220 
MET CA  C    sing N N 221 
MET CA  CB   sing N N 222 
MET CA  HA   sing N N 223 
MET C   O    doub N N 224 
MET C   OXT  sing N N 225 
MET CB  CG   sing N N 226 
MET CB  HB2  sing N N 227 
MET CB  HB3  sing N N 228 
MET CG  SD   sing N N 229 
MET CG  HG2  sing N N 230 
MET CG  HG3  sing N N 231 
MET SD  CE   sing N N 232 
MET CE  HE1  sing N N 233 
MET CE  HE2  sing N N 234 
MET CE  HE3  sing N N 235 
MET OXT HXT  sing N N 236 
PHE N   CA   sing N N 237 
PHE N   H    sing N N 238 
PHE N   H2   sing N N 239 
PHE CA  C    sing N N 240 
PHE CA  CB   sing N N 241 
PHE CA  HA   sing N N 242 
PHE C   O    doub N N 243 
PHE C   OXT  sing N N 244 
PHE CB  CG   sing N N 245 
PHE CB  HB2  sing N N 246 
PHE CB  HB3  sing N N 247 
PHE CG  CD1  doub Y N 248 
PHE CG  CD2  sing Y N 249 
PHE CD1 CE1  sing Y N 250 
PHE CD1 HD1  sing N N 251 
PHE CD2 CE2  doub Y N 252 
PHE CD2 HD2  sing N N 253 
PHE CE1 CZ   doub Y N 254 
PHE CE1 HE1  sing N N 255 
PHE CE2 CZ   sing Y N 256 
PHE CE2 HE2  sing N N 257 
PHE CZ  HZ   sing N N 258 
PHE OXT HXT  sing N N 259 
PRO N   CA   sing N N 260 
PRO N   CD   sing N N 261 
PRO N   H    sing N N 262 
PRO CA  C    sing N N 263 
PRO CA  CB   sing N N 264 
PRO CA  HA   sing N N 265 
PRO C   O    doub N N 266 
PRO C   OXT  sing N N 267 
PRO CB  CG   sing N N 268 
PRO CB  HB2  sing N N 269 
PRO CB  HB3  sing N N 270 
PRO CG  CD   sing N N 271 
PRO CG  HG2  sing N N 272 
PRO CG  HG3  sing N N 273 
PRO CD  HD2  sing N N 274 
PRO CD  HD3  sing N N 275 
PRO OXT HXT  sing N N 276 
SER N   CA   sing N N 277 
SER N   H    sing N N 278 
SER N   H2   sing N N 279 
SER CA  C    sing N N 280 
SER CA  CB   sing N N 281 
SER CA  HA   sing N N 282 
SER C   O    doub N N 283 
SER C   OXT  sing N N 284 
SER CB  OG   sing N N 285 
SER CB  HB2  sing N N 286 
SER CB  HB3  sing N N 287 
SER OG  HG   sing N N 288 
SER OXT HXT  sing N N 289 
THR N   CA   sing N N 290 
THR N   H    sing N N 291 
THR N   H2   sing N N 292 
THR CA  C    sing N N 293 
THR CA  CB   sing N N 294 
THR CA  HA   sing N N 295 
THR C   O    doub N N 296 
THR C   OXT  sing N N 297 
THR CB  OG1  sing N N 298 
THR CB  CG2  sing N N 299 
THR CB  HB   sing N N 300 
THR OG1 HG1  sing N N 301 
THR CG2 HG21 sing N N 302 
THR CG2 HG22 sing N N 303 
THR CG2 HG23 sing N N 304 
THR OXT HXT  sing N N 305 
TRP N   CA   sing N N 306 
TRP N   H    sing N N 307 
TRP N   H2   sing N N 308 
TRP CA  C    sing N N 309 
TRP CA  CB   sing N N 310 
TRP CA  HA   sing N N 311 
TRP C   O    doub N N 312 
TRP C   OXT  sing N N 313 
TRP CB  CG   sing N N 314 
TRP CB  HB2  sing N N 315 
TRP CB  HB3  sing N N 316 
TRP CG  CD1  doub Y N 317 
TRP CG  CD2  sing Y N 318 
TRP CD1 NE1  sing Y N 319 
TRP CD1 HD1  sing N N 320 
TRP CD2 CE2  doub Y N 321 
TRP CD2 CE3  sing Y N 322 
TRP NE1 CE2  sing Y N 323 
TRP NE1 HE1  sing N N 324 
TRP CE2 CZ2  sing Y N 325 
TRP CE3 CZ3  doub Y N 326 
TRP CE3 HE3  sing N N 327 
TRP CZ2 CH2  doub Y N 328 
TRP CZ2 HZ2  sing N N 329 
TRP CZ3 CH2  sing Y N 330 
TRP CZ3 HZ3  sing N N 331 
TRP CH2 HH2  sing N N 332 
TRP OXT HXT  sing N N 333 
TYR N   CA   sing N N 334 
TYR N   H    sing N N 335 
TYR N   H2   sing N N 336 
TYR CA  C    sing N N 337 
TYR CA  CB   sing N N 338 
TYR CA  HA   sing N N 339 
TYR C   O    doub N N 340 
TYR C   OXT  sing N N 341 
TYR CB  CG   sing N N 342 
TYR CB  HB2  sing N N 343 
TYR CB  HB3  sing N N 344 
TYR CG  CD1  doub Y N 345 
TYR CG  CD2  sing Y N 346 
TYR CD1 CE1  sing Y N 347 
TYR CD1 HD1  sing N N 348 
TYR CD2 CE2  doub Y N 349 
TYR CD2 HD2  sing N N 350 
TYR CE1 CZ   doub Y N 351 
TYR CE1 HE1  sing N N 352 
TYR CE2 CZ   sing Y N 353 
TYR CE2 HE2  sing N N 354 
TYR CZ  OH   sing N N 355 
TYR OH  HH   sing N N 356 
TYR OXT HXT  sing N N 357 
VAL N   CA   sing N N 358 
VAL N   H    sing N N 359 
VAL N   H2   sing N N 360 
VAL CA  C    sing N N 361 
VAL CA  CB   sing N N 362 
VAL CA  HA   sing N N 363 
VAL C   O    doub N N 364 
VAL C   OXT  sing N N 365 
VAL CB  CG1  sing N N 366 
VAL CB  CG2  sing N N 367 
VAL CB  HB   sing N N 368 
VAL CG1 HG11 sing N N 369 
VAL CG1 HG12 sing N N 370 
VAL CG1 HG13 sing N N 371 
VAL CG2 HG21 sing N N 372 
VAL CG2 HG22 sing N N 373 
VAL CG2 HG23 sing N N 374 
VAL OXT HXT  sing N N 375 
# 
_pdbx_initial_refinement_model.id               1 
_pdbx_initial_refinement_model.entity_id_list   ? 
_pdbx_initial_refinement_model.type             'experimental model' 
_pdbx_initial_refinement_model.source_name      PDB 
_pdbx_initial_refinement_model.accession_code   1S4Q 
_pdbx_initial_refinement_model.details          'PDB ENTRY 1S4Q' 
# 
_atom_sites.entry_id                    1ZNW 
_atom_sites.fract_transf_matrix[1][1]   0.00247889 
_atom_sites.fract_transf_matrix[1][2]   -0.00850517 
_atom_sites.fract_transf_matrix[1][3]   0.00108299 
_atom_sites.fract_transf_matrix[2][1]   0.00722855 
_atom_sites.fract_transf_matrix[2][2]   0.00146694 
_atom_sites.fract_transf_matrix[2][3]   -0.00502511 
_atom_sites.fract_transf_matrix[3][1]   0.00461073 
_atom_sites.fract_transf_matrix[3][2]   0.00227284 
_atom_sites.fract_transf_matrix[3][3]   0.00729596 
_atom_sites.fract_transf_vector[1]      0.176690 
_atom_sites.fract_transf_vector[2]      0.047013 
_atom_sites.fract_transf_vector[3]      0.331429 
# 
loop_
_atom_type.symbol 
C 
N 
O 
S 
# 
loop_
_atom_site.group_PDB 
_atom_site.id 
_atom_site.type_symbol 
_atom_site.label_atom_id 
_atom_site.label_alt_id 
_atom_site.label_comp_id 
_atom_site.label_asym_id 
_atom_site.label_entity_id 
_atom_site.label_seq_id 
_atom_site.pdbx_PDB_ins_code 
_atom_site.Cartn_x 
_atom_site.Cartn_y 
_atom_site.Cartn_z 
_atom_site.occupancy 
_atom_site.B_iso_or_equiv 
_atom_site.pdbx_formal_charge 
_atom_site.auth_seq_id 
_atom_site.auth_comp_id 
_atom_site.auth_asym_id 
_atom_site.auth_atom_id 
_atom_site.pdbx_PDB_model_num 
ATOM   1    N N   . VAL A 1 19  ? -14.999 2.122   16.827  1.00 31.32 ? 20  VAL A N   1 
ATOM   2    C CA  . VAL A 1 19  ? -14.762 1.974   15.352  1.00 32.08 ? 20  VAL A CA  1 
ATOM   3    C C   . VAL A 1 19  ? -13.272 2.089   15.000  1.00 31.49 ? 20  VAL A C   1 
ATOM   4    O O   . VAL A 1 19  ? -12.612 3.056   15.397  1.00 31.54 ? 20  VAL A O   1 
ATOM   5    C CB  . VAL A 1 19  ? -15.605 2.986   14.521  1.00 32.40 ? 20  VAL A CB  1 
ATOM   6    C CG1 . VAL A 1 19  ? -15.189 2.981   13.027  1.00 32.96 ? 20  VAL A CG1 1 
ATOM   7    C CG2 . VAL A 1 19  ? -17.075 2.657   14.643  1.00 32.75 ? 20  VAL A CG2 1 
ATOM   8    N N   . GLY A 1 20  ? -12.754 1.098   14.270  1.00 30.31 ? 21  GLY A N   1 
ATOM   9    C CA  . GLY A 1 20  ? -11.339 1.084   13.902  1.00 29.48 ? 21  GLY A CA  1 
ATOM   10   C C   . GLY A 1 20  ? -11.009 2.077   12.797  1.00 28.90 ? 21  GLY A C   1 
ATOM   11   O O   . GLY A 1 20  ? -11.810 2.289   11.880  1.00 28.92 ? 21  GLY A O   1 
ATOM   12   N N   . ARG A 1 21  ? -9.840  2.711   12.900  1.00 28.02 ? 22  ARG A N   1 
ATOM   13   C CA  . ARG A 1 21  ? -9.339  3.569   11.829  1.00 27.24 ? 22  ARG A CA  1 
ATOM   14   C C   . ARG A 1 21  ? -8.806  2.722   10.694  1.00 24.91 ? 22  ARG A C   1 
ATOM   15   O O   . ARG A 1 21  ? -8.284  1.630   10.912  1.00 23.74 ? 22  ARG A O   1 
ATOM   16   C CB  . ARG A 1 21  ? -8.234  4.518   12.331  1.00 28.02 ? 22  ARG A CB  1 
ATOM   17   C CG  . ARG A 1 21  ? -8.818  5.707   13.086  1.00 33.85 ? 22  ARG A CG  1 
ATOM   18   C CD  . ARG A 1 21  ? -7.758  6.493   13.811  1.00 40.45 ? 22  ARG A CD  1 
ATOM   19   N NE  . ARG A 1 21  ? -8.345  7.597   14.560  1.00 44.86 ? 22  ARG A NE  1 
ATOM   20   C CZ  . ARG A 1 21  ? -8.737  8.740   14.006  1.00 48.94 ? 22  ARG A CZ  1 
ATOM   21   N NH1 . ARG A 1 21  ? -8.603  8.928   12.685  1.00 49.64 ? 22  ARG A NH1 1 
ATOM   22   N NH2 . ARG A 1 21  ? -9.266  9.697   14.771  1.00 50.02 ? 22  ARG A NH2 1 
ATOM   23   N N   . VAL A 1 22  ? -8.967  3.251   9.486   1.00 23.40 ? 23  VAL A N   1 
ATOM   24   C CA  . VAL A 1 22  ? -8.431  2.660   8.276   1.00 23.01 ? 23  VAL A CA  1 
ATOM   25   C C   . VAL A 1 22  ? -7.388  3.654   7.768   1.00 23.16 ? 23  VAL A C   1 
ATOM   26   O O   . VAL A 1 22  ? -7.681  4.843   7.567   1.00 21.77 ? 23  VAL A O   1 
ATOM   27   C CB  . VAL A 1 22  ? -9.536  2.407   7.191   1.00 22.64 ? 23  VAL A CB  1 
ATOM   28   C CG1 . VAL A 1 22  ? -8.935  1.732   5.941   1.00 21.84 ? 23  VAL A CG1 1 
ATOM   29   C CG2 . VAL A 1 22  ? -10.633 1.541   7.770   1.00 22.22 ? 23  VAL A CG2 1 
ATOM   30   N N   . VAL A 1 23  ? -6.176  3.134   7.634   1.00 22.04 ? 24  VAL A N   1 
ATOM   31   C CA  . VAL A 1 23  ? -5.030  3.868   7.179   1.00 21.35 ? 24  VAL A CA  1 
ATOM   32   C C   . VAL A 1 23  ? -4.544  3.209   5.902   1.00 20.58 ? 24  VAL A C   1 
ATOM   33   O O   . VAL A 1 23  ? -4.355  1.992   5.854   1.00 21.38 ? 24  VAL A O   1 
ATOM   34   C CB  . VAL A 1 23  ? -3.908  3.872   8.226   1.00 21.31 ? 24  VAL A CB  1 
ATOM   35   C CG1 . VAL A 1 23  ? -2.664  4.554   7.636   1.00 21.66 ? 24  VAL A CG1 1 
ATOM   36   C CG2 . VAL A 1 23  ? -4.371  4.615   9.475   1.00 21.78 ? 24  VAL A CG2 1 
ATOM   37   N N   . VAL A 1 24  ? -4.410  4.026   4.871   1.00 20.33 ? 25  VAL A N   1 
ATOM   38   C CA  . VAL A 1 24  ? -3.837  3.644   3.577   1.00 21.66 ? 25  VAL A CA  1 
ATOM   39   C C   . VAL A 1 24  ? -2.415  4.194   3.466   1.00 21.48 ? 25  VAL A C   1 
ATOM   40   O O   . VAL A 1 24  ? -2.223  5.397   3.387   1.00 22.87 ? 25  VAL A O   1 
ATOM   41   C CB  . VAL A 1 24  ? -4.670  4.238   2.414   1.00 20.79 ? 25  VAL A CB  1 
ATOM   42   C CG1 . VAL A 1 24  ? -4.039  3.879   1.060   1.00 21.71 ? 25  VAL A CG1 1 
ATOM   43   C CG2 . VAL A 1 24  ? -6.122  3.763   2.495   1.00 20.86 ? 25  VAL A CG2 1 
ATOM   44   N N   . LEU A 1 25  ? -1.442  3.304   3.460   1.00 21.75 ? 26  LEU A N   1 
ATOM   45   C CA  . LEU A 1 25  ? -0.026  3.651   3.406   1.00 21.37 ? 26  LEU A CA  1 
ATOM   46   C C   . LEU A 1 25  ? 0.516   3.522   1.990   1.00 20.89 ? 26  LEU A C   1 
ATOM   47   O O   . LEU A 1 25  ? 0.436   2.460   1.398   1.00 20.28 ? 26  LEU A O   1 
ATOM   48   C CB  . LEU A 1 25  ? 0.769   2.679   4.273   1.00 21.66 ? 26  LEU A CB  1 
ATOM   49   C CG  . LEU A 1 25  ? 2.072   3.027   4.997   1.00 24.07 ? 26  LEU A CG  1 
ATOM   50   C CD1 . LEU A 1 25  ? 3.033   1.856   4.920   1.00 23.37 ? 26  LEU A CD1 1 
ATOM   51   C CD2 . LEU A 1 25  ? 2.707   4.353   4.590   1.00 22.99 ? 26  LEU A CD2 1 
ATOM   52   N N   . SER A 1 26  ? 1.089   4.603   1.467   1.00 19.85 ? 27  SER A N   1 
ATOM   53   C CA  . SER A 1 26  ? 1.734   4.567   0.164   1.00 20.40 ? 27  SER A CA  1 
ATOM   54   C C   . SER A 1 26  ? 2.936   5.500   0.176   1.00 19.89 ? 27  SER A C   1 
ATOM   55   O O   . SER A 1 26  ? 3.332   5.979   1.231   1.00 20.40 ? 27  SER A O   1 
ATOM   56   C CB  . SER A 1 26  ? 0.733   4.973   -0.938  1.00 20.56 ? 27  SER A CB  1 
ATOM   57   O OG  . SER A 1 26  ? 1.265   4.649   -2.201  1.00 19.89 ? 27  SER A OG  1 
ATOM   58   N N   . GLY A 1 27  ? 3.538   5.713   -0.984  1.00 20.68 ? 28  GLY A N   1 
ATOM   59   C CA  . GLY A 1 27  ? 4.757   6.499   -1.077  1.00 21.43 ? 28  GLY A CA  1 
ATOM   60   C C   . GLY A 1 27  ? 5.473   6.179   -2.377  1.00 22.85 ? 28  GLY A C   1 
ATOM   61   O O   . GLY A 1 27  ? 4.950   5.422   -3.196  1.00 21.77 ? 28  GLY A O   1 
ATOM   62   N N   . PRO A 1 28  ? 6.674   6.759   -2.586  1.00 23.85 ? 29  PRO A N   1 
ATOM   63   C CA  . PRO A 1 28  ? 7.442   6.451   -3.789  1.00 24.84 ? 29  PRO A CA  1 
ATOM   64   C C   . PRO A 1 28  ? 7.752   4.963   -3.867  1.00 26.79 ? 29  PRO A C   1 
ATOM   65   O O   . PRO A 1 28  ? 7.955   4.343   -2.832  1.00 26.60 ? 29  PRO A O   1 
ATOM   66   C CB  . PRO A 1 28  ? 8.752   7.230   -3.575  1.00 24.49 ? 29  PRO A CB  1 
ATOM   67   C CG  . PRO A 1 28  ? 8.398   8.353   -2.724  1.00 24.07 ? 29  PRO A CG  1 
ATOM   68   C CD  . PRO A 1 28  ? 7.386   7.731   -1.730  1.00 24.08 ? 29  PRO A CD  1 
ATOM   69   N N   . SER A 1 29  ? 7.763   4.387   -5.070  1.00 29.08 ? 30  SER A N   1 
ATOM   70   C CA  . SER A 1 29  ? 8.318   3.048   -5.241  1.00 31.83 ? 30  SER A CA  1 
ATOM   71   C C   . SER A 1 29  ? 9.698   3.092   -4.566  1.00 33.41 ? 30  SER A C   1 
ATOM   72   O O   . SER A 1 29  ? 10.531  3.935   -4.908  1.00 34.30 ? 30  SER A O   1 
ATOM   73   C CB  . SER A 1 29  ? 8.452   2.641   -6.711  1.00 32.25 ? 30  SER A CB  1 
ATOM   74   O OG  . SER A 1 29  ? 7.518   3.283   -7.608  1.00 31.86 ? 30  SER A OG  1 
ATOM   75   N N   . ALA A 1 30  ? 9.889   2.254   -3.539  1.00 34.15 ? 31  ALA A N   1 
ATOM   76   C CA  . ALA A 1 30  ? 11.193  2.030   -2.897  1.00 34.74 ? 31  ALA A CA  1 
ATOM   77   C C   . ALA A 1 30  ? 11.686  3.169   -1.985  1.00 35.32 ? 31  ALA A C   1 
ATOM   78   O O   . ALA A 1 30  ? 12.847  3.562   -2.030  1.00 35.44 ? 31  ALA A O   1 
ATOM   79   C CB  . ALA A 1 30  ? 12.272  1.601   -3.943  1.00 34.33 ? 31  ALA A CB  1 
ATOM   80   N N   . VAL A 1 31  ? 10.795  3.676   -1.141  1.00 36.18 ? 32  VAL A N   1 
ATOM   81   C CA  . VAL A 1 31  ? 11.200  4.599   -0.072  1.00 36.95 ? 32  VAL A CA  1 
ATOM   82   C C   . VAL A 1 31  ? 11.390  3.877   1.294   1.00 38.09 ? 32  VAL A C   1 
ATOM   83   O O   . VAL A 1 31  ? 11.995  4.436   2.246   1.00 38.77 ? 32  VAL A O   1 
ATOM   84   C CB  . VAL A 1 31  ? 10.228  5.823   0.048   1.00 36.80 ? 32  VAL A CB  1 
ATOM   85   C CG1 . VAL A 1 31  ? 9.078   5.532   1.022   1.00 33.54 ? 32  VAL A CG1 1 
ATOM   86   C CG2 . VAL A 1 31  ? 11.018  7.076   0.422   1.00 35.78 ? 32  VAL A CG2 1 
ATOM   87   N N   . GLY A 1 32  ? 10.896  2.636   1.380   1.00 38.86 ? 33  GLY A N   1 
ATOM   88   C CA  . GLY A 1 32  ? 11.088  1.807   2.587   1.00 39.51 ? 33  GLY A CA  1 
ATOM   89   C C   . GLY A 1 32  ? 9.823   1.382   3.299   1.00 39.80 ? 33  GLY A C   1 
ATOM   90   O O   . GLY A 1 32  ? 9.775   1.366   4.536   1.00 39.66 ? 33  GLY A O   1 
ATOM   91   N N   . LYS A 1 33  ? 8.812   0.984   2.529   1.00 40.69 ? 34  LYS A N   1 
ATOM   92   C CA  . LYS A 1 33  ? 7.468   0.695   3.094   1.00 40.57 ? 34  LYS A CA  1 
ATOM   93   C C   . LYS A 1 33  ? 7.289   -0.647  3.823   1.00 40.44 ? 34  LYS A C   1 
ATOM   94   O O   . LYS A 1 33  ? 6.570   -0.717  4.822   1.00 40.69 ? 34  LYS A O   1 
ATOM   95   C CB  . LYS A 1 33  ? 6.403   0.830   2.011   1.00 41.13 ? 34  LYS A CB  1 
ATOM   96   C CG  . LYS A 1 33  ? 5.979   2.253   1.720   1.00 42.49 ? 34  LYS A CG  1 
ATOM   97   C CD  . LYS A 1 33  ? 5.073   2.294   0.497   1.00 48.61 ? 34  LYS A CD  1 
ATOM   98   C CE  . LYS A 1 33  ? 3.916   1.301   0.634   1.00 49.41 ? 34  LYS A CE  1 
ATOM   99   N NZ  . LYS A 1 33  ? 3.223   1.004   -0.657  1.00 49.86 ? 34  LYS A NZ  1 
ATOM   100  N N   . SER A 1 34  ? 7.946   -1.702  3.349   1.00 39.54 ? 35  SER A N   1 
ATOM   101  C CA  . SER A 1 34  ? 7.710   -3.073  3.867   1.00 38.58 ? 35  SER A CA  1 
ATOM   102  C C   . SER A 1 34  ? 8.311   -3.418  5.260   1.00 37.39 ? 35  SER A C   1 
ATOM   103  O O   . SER A 1 34  ? 7.744   -4.241  5.995   1.00 37.00 ? 35  SER A O   1 
ATOM   104  C CB  . SER A 1 34  ? 8.132   -4.108  2.809   1.00 39.03 ? 35  SER A CB  1 
ATOM   105  O OG  . SER A 1 34  ? 8.528   -5.358  3.378   1.00 41.04 ? 35  SER A OG  1 
ATOM   106  N N   . THR A 1 35  ? 9.462   -2.833  5.599   1.00 35.63 ? 36  THR A N   1 
ATOM   107  C CA  . THR A 1 35  ? 10.017  -2.965  6.944   1.00 34.32 ? 36  THR A CA  1 
ATOM   108  C C   . THR A 1 35  ? 9.141   -2.210  7.952   1.00 32.66 ? 36  THR A C   1 
ATOM   109  O O   . THR A 1 35  ? 8.947   -2.664  9.072   1.00 31.75 ? 36  THR A O   1 
ATOM   110  C CB  . THR A 1 35  ? 11.484  -2.478  7.015   1.00 34.71 ? 36  THR A CB  1 
ATOM   111  O OG1 . THR A 1 35  ? 11.614  -1.195  6.372   1.00 36.50 ? 36  THR A OG1 1 
ATOM   112  C CG2 . THR A 1 35  ? 12.406  -3.477  6.309   1.00 35.49 ? 36  THR A CG2 1 
ATOM   113  N N   . VAL A 1 36  ? 8.611   -1.068  7.510   1.00 30.86 ? 37  VAL A N   1 
ATOM   114  C CA  . VAL A 1 36  ? 7.673   -0.251  8.266   1.00 29.51 ? 37  VAL A CA  1 
ATOM   115  C C   . VAL A 1 36  ? 6.389   -1.047  8.542   1.00 28.88 ? 37  VAL A C   1 
ATOM   116  O O   . VAL A 1 36  ? 5.907   -1.071  9.680   1.00 27.14 ? 37  VAL A O   1 
ATOM   117  C CB  . VAL A 1 36  ? 7.381   1.097   7.529   1.00 29.65 ? 37  VAL A CB  1 
ATOM   118  C CG1 . VAL A 1 36  ? 6.173   1.826   8.129   1.00 30.09 ? 37  VAL A CG1 1 
ATOM   119  C CG2 . VAL A 1 36  ? 8.610   2.012   7.550   1.00 29.93 ? 37  VAL A CG2 1 
ATOM   120  N N   . VAL A 1 37  ? 5.865   -1.723  7.518   1.00 27.99 ? 38  VAL A N   1 
ATOM   121  C CA  . VAL A 1 37  ? 4.676   -2.566  7.688   1.00 27.72 ? 38  VAL A CA  1 
ATOM   122  C C   . VAL A 1 37  ? 4.908   -3.657  8.732   1.00 27.70 ? 38  VAL A C   1 
ATOM   123  O O   . VAL A 1 37  ? 4.032   -3.935  9.548   1.00 26.98 ? 38  VAL A O   1 
ATOM   124  C CB  . VAL A 1 37  ? 4.162   -3.159  6.355   1.00 28.00 ? 38  VAL A CB  1 
ATOM   125  C CG1 . VAL A 1 37  ? 3.121   -4.253  6.620   1.00 27.44 ? 38  VAL A CG1 1 
ATOM   126  C CG2 . VAL A 1 37  ? 3.526   -2.067  5.505   1.00 27.19 ? 38  VAL A CG2 1 
ATOM   127  N N   . ARG A 1 38  ? 6.090   -4.269  8.688   1.00 27.21 ? 39  ARG A N   1 
ATOM   128  C CA  . ARG A 1 38  ? 6.419   -5.330  9.597   1.00 27.59 ? 39  ARG A CA  1 
ATOM   129  C C   . ARG A 1 38  ? 6.448   -4.786  11.032  1.00 26.55 ? 39  ARG A C   1 
ATOM   130  O O   . ARG A 1 38  ? 5.917   -5.427  11.936  1.00 25.66 ? 39  ARG A O   1 
ATOM   131  C CB  . ARG A 1 38  ? 7.766   -5.956  9.236   1.00 28.06 ? 39  ARG A CB  1 
ATOM   132  C CG  . ARG A 1 38  ? 8.176   -7.087  10.187  1.00 31.99 ? 39  ARG A CG  1 
ATOM   133  C CD  . ARG A 1 38  ? 9.360   -7.870  9.633   1.00 36.98 ? 39  ARG A CD  1 
ATOM   134  N NE  . ARG A 1 38  ? 10.556  -7.763  10.467  1.00 42.25 ? 39  ARG A NE  1 
ATOM   135  C CZ  . ARG A 1 38  ? 11.639  -7.031  10.176  1.00 45.74 ? 39  ARG A CZ  1 
ATOM   136  N NH1 . ARG A 1 38  ? 11.697  -6.294  9.056   1.00 45.70 ? 39  ARG A NH1 1 
ATOM   137  N NH2 . ARG A 1 38  ? 12.675  -7.031  11.019  1.00 45.16 ? 39  ARG A NH2 1 
ATOM   138  N N   . CYS A 1 39  ? 7.055   -3.607  11.216  1.00 25.71 ? 40  CYS A N   1 
ATOM   139  C CA  . CYS A 1 39  ? 7.113   -2.958  12.529  1.00 25.53 ? 40  CYS A CA  1 
ATOM   140  C C   . CYS A 1 39  ? 5.704   -2.687  13.064  1.00 23.63 ? 40  CYS A C   1 
ATOM   141  O O   . CYS A 1 39  ? 5.435   -2.866  14.256  1.00 21.05 ? 40  CYS A O   1 
ATOM   142  C CB  . CYS A 1 39  ? 7.895   -1.626  12.480  1.00 26.91 ? 40  CYS A CB  1 
ATOM   143  S SG  . CYS A 1 39  ? 7.862   -0.696  14.107  1.00 33.81 ? 40  CYS A SG  1 
ATOM   144  N N   . LEU A 1 40  ? 4.820   -2.221  12.185  1.00 22.35 ? 41  LEU A N   1 
ATOM   145  C CA  . LEU A 1 40  ? 3.470   -1.878  12.597  1.00 21.91 ? 41  LEU A CA  1 
ATOM   146  C C   . LEU A 1 40  ? 2.692   -3.089  13.071  1.00 22.57 ? 41  LEU A C   1 
ATOM   147  O O   . LEU A 1 40  ? 1.938   -3.016  14.041  1.00 21.80 ? 41  LEU A O   1 
ATOM   148  C CB  . LEU A 1 40  ? 2.713   -1.172  11.478  1.00 21.96 ? 41  LEU A CB  1 
ATOM   149  C CG  . LEU A 1 40  ? 3.144   0.283   11.233  1.00 20.44 ? 41  LEU A CG  1 
ATOM   150  C CD1 . LEU A 1 40  ? 2.414   0.855   10.003  1.00 18.26 ? 41  LEU A CD1 1 
ATOM   151  C CD2 . LEU A 1 40  ? 2.849   1.106   12.500  1.00 19.50 ? 41  LEU A CD2 1 
ATOM   152  N N   . ARG A 1 41  ? 2.898   -4.215  12.388  1.00 22.91 ? 42  ARG A N   1 
ATOM   153  C CA  . ARG A 1 41  ? 2.168   -5.431  12.714  1.00 23.84 ? 42  ARG A CA  1 
ATOM   154  C C   . ARG A 1 41  ? 2.672   -6.022  14.020  1.00 23.61 ? 42  ARG A C   1 
ATOM   155  O O   . ARG A 1 41  ? 1.934   -6.678  14.724  1.00 22.87 ? 42  ARG A O   1 
ATOM   156  C CB  . ARG A 1 41  ? 2.241   -6.436  11.539  1.00 24.14 ? 42  ARG A CB  1 
ATOM   157  C CG  . ARG A 1 41  ? 1.495   -5.904  10.289  1.00 26.02 ? 42  ARG A CG  1 
ATOM   158  C CD  . ARG A 1 41  ? 1.437   -6.957  9.173   1.00 31.60 ? 42  ARG A CD  1 
ATOM   159  N NE  . ARG A 1 41  ? 0.529   -8.045  9.547   1.00 31.22 ? 42  ARG A NE  1 
ATOM   160  C CZ  . ARG A 1 41  ? 0.356   -9.150  8.829   1.00 34.58 ? 42  ARG A CZ  1 
ATOM   161  N NH1 . ARG A 1 41  ? 1.024   -9.312  7.679   1.00 31.81 ? 42  ARG A NH1 1 
ATOM   162  N NH2 . ARG A 1 41  ? -0.494  -10.079 9.257   1.00 31.54 ? 42  ARG A NH2 1 
ATOM   163  N N   . GLU A 1 42  ? 3.924   -5.739  14.366  1.00 24.40 ? 43  GLU A N   1 
ATOM   164  C CA  . GLU A 1 42  ? 4.461   -6.169  15.647  1.00 25.15 ? 43  GLU A CA  1 
ATOM   165  C C   . GLU A 1 42  ? 4.018   -5.274  16.799  1.00 24.46 ? 43  GLU A C   1 
ATOM   166  O O   . GLU A 1 42  ? 3.898   -5.729  17.922  1.00 25.33 ? 43  GLU A O   1 
ATOM   167  C CB  . GLU A 1 42  ? 5.995   -6.221  15.601  1.00 26.10 ? 43  GLU A CB  1 
ATOM   168  C CG  . GLU A 1 42  ? 6.556   -7.191  14.569  1.00 30.81 ? 43  GLU A CG  1 
ATOM   169  C CD  . GLU A 1 42  ? 6.303   -8.655  14.928  1.00 38.21 ? 43  GLU A CD  1 
ATOM   170  O OE1 . GLU A 1 42  ? 6.999   -9.205  15.831  1.00 40.11 ? 43  GLU A OE1 1 
ATOM   171  O OE2 . GLU A 1 42  ? 5.415   -9.264  14.286  1.00 41.43 ? 43  GLU A OE2 1 
ATOM   172  N N   . ARG A 1 43  ? 3.814   -3.998  16.526  1.00 24.03 ? 44  ARG A N   1 
ATOM   173  C CA  . ARG A 1 43  ? 3.514   -3.016  17.579  1.00 23.99 ? 44  ARG A CA  1 
ATOM   174  C C   . ARG A 1 43  ? 2.007   -3.030  17.995  1.00 23.05 ? 44  ARG A C   1 
ATOM   175  O O   . ARG A 1 43  ? 1.652   -2.781  19.152  1.00 21.94 ? 44  ARG A O   1 
ATOM   176  C CB  . ARG A 1 43  ? 4.013   -1.611  17.142  1.00 23.65 ? 44  ARG A CB  1 
ATOM   177  C CG  . ARG A 1 43  ? 5.412   -1.215  17.761  1.00 27.32 ? 44  ARG A CG  1 
ATOM   178  C CD  . ARG A 1 43  ? 6.617   -0.903  16.824  1.00 33.95 ? 44  ARG A CD  1 
ATOM   179  N NE  . ARG A 1 43  ? 7.052   0.521   16.836  1.00 33.15 ? 44  ARG A NE  1 
ATOM   180  C CZ  . ARG A 1 43  ? 8.308   0.984   17.002  1.00 34.24 ? 44  ARG A CZ  1 
ATOM   181  N NH1 . ARG A 1 43  ? 9.342   0.140   17.137  1.00 33.07 ? 44  ARG A NH1 1 
ATOM   182  N NH2 . ARG A 1 43  ? 8.546   2.319   17.013  1.00 26.84 ? 44  ARG A NH2 1 
ATOM   183  N N   . ILE A 1 44  ? 1.141   -3.330  17.030  1.00 22.09 ? 45  ILE A N   1 
ATOM   184  C CA  . ILE A 1 44  ? -0.314  -3.386  17.242  1.00 21.80 ? 45  ILE A CA  1 
ATOM   185  C C   . ILE A 1 44  ? -0.752  -4.844  17.064  1.00 21.96 ? 45  ILE A C   1 
ATOM   186  O O   . ILE A 1 44  ? -0.842  -5.316  15.928  1.00 20.72 ? 45  ILE A O   1 
ATOM   187  C CB  . ILE A 1 44  ? -1.046  -2.454  16.243  1.00 21.30 ? 45  ILE A CB  1 
ATOM   188  C CG1 . ILE A 1 44  ? -0.450  -1.029  16.312  1.00 21.08 ? 45  ILE A CG1 1 
ATOM   189  C CG2 . ILE A 1 44  ? -2.580  -2.426  16.532  1.00 21.80 ? 45  ILE A CG2 1 
ATOM   190  C CD1 . ILE A 1 44  ? -0.912  -0.108  15.187  1.00 19.79 ? 45  ILE A CD1 1 
ATOM   191  N N   . PRO A 1 45  ? -0.988  -5.566  18.189  1.00 23.07 ? 46  PRO A N   1 
ATOM   192  C CA  . PRO A 1 45  ? -1.185  -7.032  18.143  1.00 23.33 ? 46  PRO A CA  1 
ATOM   193  C C   . PRO A 1 45  ? -2.348  -7.508  17.257  1.00 22.93 ? 46  PRO A C   1 
ATOM   194  O O   . PRO A 1 45  ? -2.264  -8.560  16.613  1.00 22.74 ? 46  PRO A O   1 
ATOM   195  C CB  . PRO A 1 45  ? -1.395  -7.421  19.611  1.00 24.26 ? 46  PRO A CB  1 
ATOM   196  C CG  . PRO A 1 45  ? -1.694  -6.133  20.353  1.00 25.18 ? 46  PRO A CG  1 
ATOM   197  C CD  . PRO A 1 45  ? -1.024  -5.036  19.567  1.00 23.32 ? 46  PRO A CD  1 
ATOM   198  N N   . ASN A 1 46  ? -3.399  -6.707  17.182  1.00 22.21 ? 47  ASN A N   1 
ATOM   199  C CA  . ASN A 1 46  ? -4.547  -7.066  16.383  1.00 21.65 ? 47  ASN A CA  1 
ATOM   200  C C   . ASN A 1 46  ? -4.747  -6.209  15.139  1.00 20.87 ? 47  ASN A C   1 
ATOM   201  O O   . ASN A 1 46  ? -5.860  -6.135  14.626  1.00 21.52 ? 47  ASN A O   1 
ATOM   202  C CB  . ASN A 1 46  ? -5.786  -7.018  17.266  1.00 22.91 ? 47  ASN A CB  1 
ATOM   203  C CG  . ASN A 1 46  ? -6.237  -5.606  17.542  1.00 23.10 ? 47  ASN A CG  1 
ATOM   204  O OD1 . ASN A 1 46  ? -5.424  -4.692  17.589  1.00 23.91 ? 47  ASN A OD1 1 
ATOM   205  N ND2 . ASN A 1 46  ? -7.554  -5.417  17.672  1.00 24.36 ? 47  ASN A ND2 1 
ATOM   206  N N   . LEU A 1 47  ? -3.686  -5.575  14.633  1.00 19.69 ? 48  LEU A N   1 
ATOM   207  C CA  . LEU A 1 47  ? -3.780  -4.802  13.395  1.00 19.28 ? 48  LEU A CA  1 
ATOM   208  C C   . LEU A 1 47  ? -4.229  -5.725  12.275  1.00 19.55 ? 48  LEU A C   1 
ATOM   209  O O   . LEU A 1 47  ? -3.644  -6.797  12.108  1.00 19.44 ? 48  LEU A O   1 
ATOM   210  C CB  . LEU A 1 47  ? -2.403  -4.210  13.031  1.00 18.96 ? 48  LEU A CB  1 
ATOM   211  C CG  . LEU A 1 47  ? -2.375  -3.393  11.721  1.00 20.62 ? 48  LEU A CG  1 
ATOM   212  C CD1 . LEU A 1 47  ? -3.396  -2.207  11.777  1.00 19.78 ? 48  LEU A CD1 1 
ATOM   213  C CD2 . LEU A 1 47  ? -0.952  -2.879  11.458  1.00 20.66 ? 48  LEU A CD2 1 
ATOM   214  N N   . HIS A 1 48  ? -5.289  -5.354  11.556  1.00 19.64 ? 49  HIS A N   1 
ATOM   215  C CA  . HIS A 1 48  ? -5.691  -6.103  10.387  1.00 19.42 ? 49  HIS A CA  1 
ATOM   216  C C   . HIS A 1 48  ? -5.038  -5.502  9.137   1.00 20.09 ? 49  HIS A C   1 
ATOM   217  O O   . HIS A 1 48  ? -5.385  -4.405  8.716   1.00 19.67 ? 49  HIS A O   1 
ATOM   218  C CB  . HIS A 1 48  ? -7.220  -6.127  10.186  1.00 19.26 ? 49  HIS A CB  1 
ATOM   219  C CG  . HIS A 1 48  ? -7.648  -6.928  8.987   1.00 19.69 ? 49  HIS A CG  1 
ATOM   220  N ND1 . HIS A 1 48  ? -7.335  -8.268  8.831   1.00 20.34 ? 49  HIS A ND1 1 
ATOM   221  C CD2 . HIS A 1 48  ? -8.311  -6.565  7.863   1.00 21.20 ? 49  HIS A CD2 1 
ATOM   222  C CE1 . HIS A 1 48  ? -7.808  -8.692  7.669   1.00 21.48 ? 49  HIS A CE1 1 
ATOM   223  N NE2 . HIS A 1 48  ? -8.406  -7.677  7.064   1.00 19.28 ? 49  HIS A NE2 1 
ATOM   224  N N   . PHE A 1 49  ? -4.113  -6.259  8.557   1.00 21.08 ? 50  PHE A N   1 
ATOM   225  C CA  . PHE A 1 49  ? -3.461  -5.901  7.330   1.00 22.29 ? 50  PHE A CA  1 
ATOM   226  C C   . PHE A 1 49  ? -4.366  -6.413  6.222   1.00 21.78 ? 50  PHE A C   1 
ATOM   227  O O   . PHE A 1 49  ? -4.657  -7.604  6.142   1.00 21.70 ? 50  PHE A O   1 
ATOM   228  C CB  . PHE A 1 49  ? -2.060  -6.537  7.258   1.00 23.30 ? 50  PHE A CB  1 
ATOM   229  C CG  . PHE A 1 49  ? -1.227  -6.034  6.113   1.00 23.90 ? 50  PHE A CG  1 
ATOM   230  C CD1 . PHE A 1 49  ? -1.019  -4.672  5.938   1.00 27.81 ? 50  PHE A CD1 1 
ATOM   231  C CD2 . PHE A 1 49  ? -0.662  -6.920  5.201   1.00 28.59 ? 50  PHE A CD2 1 
ATOM   232  C CE1 . PHE A 1 49  ? -0.271  -4.192  4.849   1.00 26.71 ? 50  PHE A CE1 1 
ATOM   233  C CE2 . PHE A 1 49  ? 0.111   -6.446  4.121   1.00 30.68 ? 50  PHE A CE2 1 
ATOM   234  C CZ  . PHE A 1 49  ? 0.303   -5.071  3.963   1.00 28.17 ? 50  PHE A CZ  1 
ATOM   235  N N   . SER A 1 50  ? -4.868  -5.490  5.422   1.00 21.41 ? 51  SER A N   1 
ATOM   236  C CA  . SER A 1 50  ? -5.783  -5.813  4.327   1.00 22.23 ? 51  SER A CA  1 
ATOM   237  C C   . SER A 1 50  ? -5.210  -6.937  3.452   1.00 22.01 ? 51  SER A C   1 
ATOM   238  O O   . SER A 1 50  ? -4.064  -6.881  3.062   1.00 22.21 ? 51  SER A O   1 
ATOM   239  C CB  . SER A 1 50  ? -5.968  -4.572  3.457   1.00 21.81 ? 51  SER A CB  1 
ATOM   240  O OG  . SER A 1 50  ? -6.943  -4.802  2.481   1.00 24.23 ? 51  SER A OG  1 
ATOM   241  N N   . VAL A 1 51  ? -6.031  -7.945  3.182   1.00 22.39 ? 52  VAL A N   1 
ATOM   242  C CA  . VAL A 1 51  ? -5.661  -9.103  2.394   1.00 23.45 ? 52  VAL A CA  1 
ATOM   243  C C   . VAL A 1 51  ? -6.285  -8.890  0.998   1.00 24.15 ? 52  VAL A C   1 
ATOM   244  O O   . VAL A 1 51  ? -7.512  -8.949  0.832   1.00 23.67 ? 52  VAL A O   1 
ATOM   245  C CB  . VAL A 1 51  ? -6.204  -10.402 3.062   1.00 23.36 ? 52  VAL A CB  1 
ATOM   246  C CG1 . VAL A 1 51  ? -5.930  -11.620 2.197   1.00 24.52 ? 52  VAL A CG1 1 
ATOM   247  C CG2 . VAL A 1 51  ? -5.607  -10.583 4.490   1.00 21.82 ? 52  VAL A CG2 1 
ATOM   248  N N   . SER A 1 52  ? -5.434  -8.590  0.022   1.00 23.92 ? 53  SER A N   1 
ATOM   249  C CA  . SER A 1 52  ? -5.854  -8.369  -1.363  1.00 24.74 ? 53  SER A CA  1 
ATOM   250  C C   . SER A 1 52  ? -6.490  -9.584  -2.044  1.00 25.11 ? 53  SER A C   1 
ATOM   251  O O   . SER A 1 52  ? -6.044  -10.723 -1.838  1.00 25.28 ? 53  SER A O   1 
ATOM   252  C CB  . SER A 1 52  ? -4.643  -7.903  -2.181  1.00 25.48 ? 53  SER A CB  1 
ATOM   253  O OG  . SER A 1 52  ? -4.199  -6.639  -1.663  1.00 26.05 ? 53  SER A OG  1 
ATOM   254  N N   . ALA A 1 53  ? -7.528  -9.334  -2.846  1.00 24.11 ? 54  ALA A N   1 
ATOM   255  C CA  . ALA A 1 53  ? -8.007  -10.311 -3.820  1.00 24.22 ? 54  ALA A CA  1 
ATOM   256  C C   . ALA A 1 53  ? -7.034  -10.354 -4.986  1.00 23.71 ? 54  ALA A C   1 
ATOM   257  O O   . ALA A 1 53  ? -6.452  -9.354  -5.348  1.00 23.12 ? 54  ALA A O   1 
ATOM   258  C CB  . ALA A 1 53  ? -9.406  -9.953  -4.318  1.00 23.40 ? 54  ALA A CB  1 
ATOM   259  N N   . THR A 1 54  ? -6.852  -11.538 -5.552  1.00 23.52 ? 55  THR A N   1 
ATOM   260  C CA  . THR A 1 54  ? -6.055  -11.678 -6.739  1.00 23.21 ? 55  THR A CA  1 
ATOM   261  C C   . THR A 1 54  ? -6.630  -12.780 -7.629  1.00 22.02 ? 55  THR A C   1 
ATOM   262  O O   . THR A 1 54  ? -7.313  -13.676 -7.148  1.00 22.03 ? 55  THR A O   1 
ATOM   263  C CB  . THR A 1 54  ? -4.575  -11.909 -6.391  1.00 23.15 ? 55  THR A CB  1 
ATOM   264  O OG1 . THR A 1 54  ? -3.824  -11.905 -7.604  1.00 22.23 ? 55  THR A OG1 1 
ATOM   265  C CG2 . THR A 1 54  ? -4.371  -13.275 -5.679  1.00 22.46 ? 55  THR A CG2 1 
ATOM   266  N N   . THR A 1 55  ? -6.379  -12.693 -8.929  1.00 22.07 ? 56  THR A N   1 
ATOM   267  C CA  . THR A 1 55  ? -6.840  -13.737 -9.829  1.00 21.79 ? 56  THR A CA  1 
ATOM   268  C C   . THR A 1 55  ? -5.694  -14.647 -10.247 1.00 21.25 ? 56  THR A C   1 
ATOM   269  O O   . THR A 1 55  ? -5.908  -15.545 -11.032 1.00 20.33 ? 56  THR A O   1 
ATOM   270  C CB  . THR A 1 55  ? -7.550  -13.198 -11.099 1.00 21.91 ? 56  THR A CB  1 
ATOM   271  O OG1 . THR A 1 55  ? -6.622  -12.407 -11.853 1.00 21.78 ? 56  THR A OG1 1 
ATOM   272  C CG2 . THR A 1 55  ? -8.710  -12.337 -10.721 1.00 21.87 ? 56  THR A CG2 1 
ATOM   273  N N   . ARG A 1 56  ? -4.483  -14.416 -9.747  1.00 20.86 ? 57  ARG A N   1 
ATOM   274  C CA  . ARG A 1 56  ? -3.409  -15.372 -10.028 1.00 22.41 ? 57  ARG A CA  1 
ATOM   275  C C   . ARG A 1 56  ? -3.653  -16.625 -9.170  1.00 22.03 ? 57  ARG A C   1 
ATOM   276  O O   . ARG A 1 56  ? -4.461  -16.575 -8.235  1.00 21.79 ? 57  ARG A O   1 
ATOM   277  C CB  . ARG A 1 56  ? -2.020  -14.757 -9.776  1.00 22.24 ? 57  ARG A CB  1 
ATOM   278  C CG  . ARG A 1 56  ? -1.546  -14.754 -8.326  1.00 22.90 ? 57  ARG A CG  1 
ATOM   279  C CD  . ARG A 1 56  ? -0.036  -14.512 -8.338  1.00 24.17 ? 57  ARG A CD  1 
ATOM   280  N NE  . ARG A 1 56  ? 0.500   -14.030 -7.054  1.00 22.63 ? 57  ARG A NE  1 
ATOM   281  C CZ  . ARG A 1 56  ? 0.668   -14.770 -5.956  1.00 24.52 ? 57  ARG A CZ  1 
ATOM   282  N NH1 . ARG A 1 56  ? 0.276   -16.044 -5.904  1.00 22.81 ? 57  ARG A NH1 1 
ATOM   283  N NH2 . ARG A 1 56  ? 1.177   -14.203 -4.859  1.00 25.37 ? 57  ARG A NH2 1 
ATOM   284  N N   . ALA A 1 57  ? -2.995  -17.742 -9.509  1.00 21.73 ? 58  ALA A N   1 
ATOM   285  C CA  . ALA A 1 57  ? -3.080  -18.973 -8.701  1.00 21.32 ? 58  ALA A CA  1 
ATOM   286  C C   . ALA A 1 57  ? -2.204  -18.867 -7.454  1.00 21.41 ? 58  ALA A C   1 
ATOM   287  O O   . ALA A 1 57  ? -1.218  -18.130 -7.461  1.00 20.81 ? 58  ALA A O   1 
ATOM   288  C CB  . ALA A 1 57  ? -2.681  -20.215 -9.555  1.00 21.25 ? 58  ALA A CB  1 
ATOM   289  N N   . PRO A 1 58  ? -2.572  -19.574 -6.354  1.00 22.31 ? 59  PRO A N   1 
ATOM   290  C CA  . PRO A 1 58  ? -1.689  -19.571 -5.186  1.00 22.49 ? 59  PRO A CA  1 
ATOM   291  C C   . PRO A 1 58  ? -0.338  -20.241 -5.410  1.00 23.29 ? 59  PRO A C   1 
ATOM   292  O O   . PRO A 1 58  ? -0.234  -21.231 -6.147  1.00 22.49 ? 59  PRO A O   1 
ATOM   293  C CB  . PRO A 1 58  ? -2.483  -20.332 -4.096  1.00 23.38 ? 59  PRO A CB  1 
ATOM   294  C CG  . PRO A 1 58  ? -3.614  -20.997 -4.783  1.00 23.77 ? 59  PRO A CG  1 
ATOM   295  C CD  . PRO A 1 58  ? -3.813  -20.342 -6.137  1.00 21.86 ? 59  PRO A CD  1 
ATOM   296  N N   . ARG A 1 59  ? 0.697   -19.661 -4.804  1.00 22.98 ? 60  ARG A N   1 
ATOM   297  C CA  . ARG A 1 59  ? 1.983   -20.331 -4.669  1.00 23.67 ? 60  ARG A CA  1 
ATOM   298  C C   . ARG A 1 59  ? 1.870   -21.314 -3.472  1.00 23.35 ? 60  ARG A C   1 
ATOM   299  O O   . ARG A 1 59  ? 1.082   -21.090 -2.551  1.00 23.12 ? 60  ARG A O   1 
ATOM   300  C CB  . ARG A 1 59  ? 3.088   -19.292 -4.426  1.00 23.80 ? 60  ARG A CB  1 
ATOM   301  C CG  . ARG A 1 59  ? 3.273   -18.309 -5.602  1.00 25.10 ? 60  ARG A CG  1 
ATOM   302  C CD  . ARG A 1 59  ? 4.046   -17.061 -5.183  1.00 25.95 ? 60  ARG A CD  1 
ATOM   303  N NE  . ARG A 1 59  ? 4.049   -16.032 -6.225  1.00 23.63 ? 60  ARG A NE  1 
ATOM   304  C CZ  . ARG A 1 59  ? 4.414   -14.769 -6.025  1.00 25.64 ? 60  ARG A CZ  1 
ATOM   305  N NH1 . ARG A 1 59  ? 4.814   -14.362 -4.812  1.00 25.81 ? 60  ARG A NH1 1 
ATOM   306  N NH2 . ARG A 1 59  ? 4.374   -13.900 -7.026  1.00 24.25 ? 60  ARG A NH2 1 
ATOM   307  N N   . PRO A 1 60  ? 2.624   -22.422 -3.499  1.00 22.89 ? 61  PRO A N   1 
ATOM   308  C CA  . PRO A 1 60  ? 2.714   -23.265 -2.302  1.00 23.19 ? 61  PRO A CA  1 
ATOM   309  C C   . PRO A 1 60  ? 3.102   -22.473 -1.055  1.00 23.78 ? 61  PRO A C   1 
ATOM   310  O O   . PRO A 1 60  ? 3.963   -21.594 -1.119  1.00 24.24 ? 61  PRO A O   1 
ATOM   311  C CB  . PRO A 1 60  ? 3.815   -24.268 -2.674  1.00 22.92 ? 61  PRO A CB  1 
ATOM   312  C CG  . PRO A 1 60  ? 3.665   -24.405 -4.161  1.00 22.16 ? 61  PRO A CG  1 
ATOM   313  C CD  . PRO A 1 60  ? 3.379   -22.993 -4.628  1.00 22.54 ? 61  PRO A CD  1 
ATOM   314  N N   . GLY A 1 61  ? 2.451   -22.763 0.067   1.00 23.61 ? 62  GLY A N   1 
ATOM   315  C CA  . GLY A 1 61  ? 2.656   -21.955 1.270   1.00 24.32 ? 62  GLY A CA  1 
ATOM   316  C C   . GLY A 1 61  ? 1.729   -20.754 1.440   1.00 24.41 ? 62  GLY A C   1 
ATOM   317  O O   . GLY A 1 61  ? 1.639   -20.205 2.536   1.00 24.49 ? 62  GLY A O   1 
ATOM   318  N N   . GLU A 1 62  ? 1.057   -20.313 0.375   1.00 23.73 ? 63  GLU A N   1 
ATOM   319  C CA  . GLU A 1 62  ? 0.099   -19.222 0.515   1.00 23.82 ? 63  GLU A CA  1 
ATOM   320  C C   . GLU A 1 62  ? -1.222  -19.825 0.972   1.00 23.85 ? 63  GLU A C   1 
ATOM   321  O O   . GLU A 1 62  ? -1.581  -20.957 0.596   1.00 22.87 ? 63  GLU A O   1 
ATOM   322  C CB  . GLU A 1 62  ? -0.070  -18.390 -0.770  1.00 24.32 ? 63  GLU A CB  1 
ATOM   323  C CG  . GLU A 1 62  ? 1.118   -17.472 -1.094  1.00 25.24 ? 63  GLU A CG  1 
ATOM   324  C CD  . GLU A 1 62  ? 0.994   -16.795 -2.475  1.00 28.95 ? 63  GLU A CD  1 
ATOM   325  O OE1 . GLU A 1 62  ? 0.288   -17.330 -3.365  1.00 26.15 ? 63  GLU A OE1 1 
ATOM   326  O OE2 . GLU A 1 62  ? 1.592   -15.710 -2.668  1.00 27.62 ? 63  GLU A OE2 1 
ATOM   327  N N   . VAL A 1 63  ? -1.908  -19.091 1.841   1.00 22.40 ? 64  VAL A N   1 
ATOM   328  C CA  . VAL A 1 63  ? -3.134  -19.561 2.426   1.00 22.45 ? 64  VAL A CA  1 
ATOM   329  C C   . VAL A 1 63  ? -4.226  -18.573 2.018   1.00 23.02 ? 64  VAL A C   1 
ATOM   330  O O   . VAL A 1 63  ? -4.063  -17.347 2.176   1.00 23.02 ? 64  VAL A O   1 
ATOM   331  C CB  . VAL A 1 63  ? -2.989  -19.690 3.975   1.00 22.18 ? 64  VAL A CB  1 
ATOM   332  C CG1 . VAL A 1 63  ? -4.334  -20.037 4.662   1.00 23.21 ? 64  VAL A CG1 1 
ATOM   333  C CG2 . VAL A 1 63  ? -1.914  -20.709 4.333   1.00 22.62 ? 64  VAL A CG2 1 
ATOM   334  N N   . ASP A 1 64  ? -5.298  -19.108 1.430   1.00 23.03 ? 65  ASP A N   1 
ATOM   335  C CA  . ASP A 1 64  ? -6.460  -18.313 1.015   1.00 23.61 ? 65  ASP A CA  1 
ATOM   336  C C   . ASP A 1 64  ? -7.086  -17.616 2.240   1.00 22.90 ? 65  ASP A C   1 
ATOM   337  O O   . ASP A 1 64  ? -7.394  -18.262 3.236   1.00 21.97 ? 65  ASP A O   1 
ATOM   338  C CB  . ASP A 1 64  ? -7.484  -19.225 0.304   1.00 24.42 ? 65  ASP A CB  1 
ATOM   339  C CG  . ASP A 1 64  ? -8.624  -18.445 -0.390  1.00 26.73 ? 65  ASP A CG  1 
ATOM   340  O OD1 . ASP A 1 64  ? -8.446  -17.282 -0.767  1.00 24.24 ? 65  ASP A OD1 1 
ATOM   341  O OD2 . ASP A 1 64  ? -9.721  -19.032 -0.582  1.00 31.72 ? 65  ASP A OD2 1 
ATOM   342  N N   . GLY A 1 65  ? -7.240  -16.295 2.165   1.00 22.59 ? 66  GLY A N   1 
ATOM   343  C CA  . GLY A 1 65  ? -7.795  -15.519 3.272   1.00 22.88 ? 66  GLY A CA  1 
ATOM   344  C C   . GLY A 1 65  ? -6.731  -14.920 4.173   1.00 22.30 ? 66  GLY A C   1 
ATOM   345  O O   . GLY A 1 65  ? -7.039  -14.090 5.015   1.00 22.38 ? 66  GLY A O   1 
ATOM   346  N N   . VAL A 1 66  ? -5.475  -15.296 3.947   1.00 21.87 ? 67  VAL A N   1 
ATOM   347  C CA  . VAL A 1 66  ? -4.343  -14.850 4.774   1.00 22.29 ? 67  VAL A CA  1 
ATOM   348  C C   . VAL A 1 66  ? -3.354  -14.111 3.894   1.00 22.59 ? 67  VAL A C   1 
ATOM   349  O O   . VAL A 1 66  ? -3.101  -12.917 4.092   1.00 22.65 ? 67  VAL A O   1 
ATOM   350  C CB  . VAL A 1 66  ? -3.664  -16.054 5.501   1.00 22.64 ? 67  VAL A CB  1 
ATOM   351  C CG1 . VAL A 1 66  ? -2.328  -15.644 6.198   1.00 24.75 ? 67  VAL A CG1 1 
ATOM   352  C CG2 . VAL A 1 66  ? -4.622  -16.672 6.509   1.00 22.23 ? 67  VAL A CG2 1 
ATOM   353  N N   . ASP A 1 67  ? -2.833  -14.794 2.867   1.00 22.09 ? 68  ASP A N   1 
ATOM   354  C CA  . ASP A 1 67  ? -1.924  -14.153 1.944   1.00 22.25 ? 68  ASP A CA  1 
ATOM   355  C C   . ASP A 1 67  ? -2.684  -13.352 0.893   1.00 21.72 ? 68  ASP A C   1 
ATOM   356  O O   . ASP A 1 67  ? -2.365  -12.199 0.649   1.00 21.72 ? 68  ASP A O   1 
ATOM   357  C CB  . ASP A 1 67  ? -0.989  -15.208 1.315   1.00 22.56 ? 68  ASP A CB  1 
ATOM   358  C CG  . ASP A 1 67  ? -0.087  -15.822 2.347   1.00 25.49 ? 68  ASP A CG  1 
ATOM   359  O OD1 . ASP A 1 67  ? 0.928   -15.178 2.680   1.00 30.43 ? 68  ASP A OD1 1 
ATOM   360  O OD2 . ASP A 1 67  ? -0.419  -16.892 2.900   1.00 25.09 ? 68  ASP A OD2 1 
ATOM   361  N N   . TYR A 1 68  ? -3.681  -13.974 0.277   1.00 21.55 ? 69  TYR A N   1 
ATOM   362  C CA  . TYR A 1 68  ? -4.562  -13.311 -0.678  1.00 22.10 ? 69  TYR A CA  1 
ATOM   363  C C   . TYR A 1 68  ? -5.938  -13.949 -0.557  1.00 22.02 ? 69  TYR A C   1 
ATOM   364  O O   . TYR A 1 68  ? -6.086  -15.017 0.047   1.00 21.21 ? 69  TYR A O   1 
ATOM   365  C CB  . TYR A 1 68  ? -4.062  -13.482 -2.135  1.00 22.78 ? 69  TYR A CB  1 
ATOM   366  C CG  . TYR A 1 68  ? -2.807  -12.694 -2.443  1.00 24.76 ? 69  TYR A CG  1 
ATOM   367  C CD1 . TYR A 1 68  ? -2.893  -11.379 -2.894  1.00 28.03 ? 69  TYR A CD1 1 
ATOM   368  C CD2 . TYR A 1 68  ? -1.548  -13.257 -2.279  1.00 26.86 ? 69  TYR A CD2 1 
ATOM   369  C CE1 . TYR A 1 68  ? -1.783  -10.647 -3.173  1.00 29.64 ? 69  TYR A CE1 1 
ATOM   370  C CE2 . TYR A 1 68  ? -0.400  -12.510 -2.532  1.00 29.88 ? 69  TYR A CE2 1 
ATOM   371  C CZ  . TYR A 1 68  ? -0.535  -11.209 -2.990  1.00 31.17 ? 69  TYR A CZ  1 
ATOM   372  O OH  . TYR A 1 68  ? 0.576   -10.438 -3.240  1.00 33.96 ? 69  TYR A OH  1 
ATOM   373  N N   . HIS A 1 69  ? -6.951  -13.280 -1.101  1.00 21.19 ? 70  HIS A N   1 
ATOM   374  C CA  . HIS A 1 69  ? -8.192  -13.973 -1.410  1.00 21.72 ? 70  HIS A CA  1 
ATOM   375  C C   . HIS A 1 69  ? -8.066  -14.386 -2.874  1.00 21.63 ? 70  HIS A C   1 
ATOM   376  O O   . HIS A 1 69  ? -8.054  -13.543 -3.751  1.00 21.24 ? 70  HIS A O   1 
ATOM   377  C CB  . HIS A 1 69  ? -9.402  -13.066 -1.199  1.00 21.44 ? 70  HIS A CB  1 
ATOM   378  C CG  . HIS A 1 69  ? -9.662  -12.731 0.243   1.00 20.78 ? 70  HIS A CG  1 
ATOM   379  N ND1 . HIS A 1 69  ? -10.308 -13.595 1.102   1.00 19.38 ? 70  HIS A ND1 1 
ATOM   380  C CD2 . HIS A 1 69  ? -9.387  -11.615 0.962   1.00 21.69 ? 70  HIS A CD2 1 
ATOM   381  C CE1 . HIS A 1 69  ? -10.405 -13.032 2.296   1.00 21.35 ? 70  HIS A CE1 1 
ATOM   382  N NE2 . HIS A 1 69  ? -9.847  -11.831 2.240   1.00 19.34 ? 70  HIS A NE2 1 
ATOM   383  N N   . PHE A 1 70  ? -7.950  -15.683 -3.113  1.00 22.18 ? 71  PHE A N   1 
ATOM   384  C CA  . PHE A 1 70  ? -7.798  -16.218 -4.452  1.00 23.50 ? 71  PHE A CA  1 
ATOM   385  C C   . PHE A 1 70  ? -9.154  -16.407 -5.142  1.00 24.33 ? 71  PHE A C   1 
ATOM   386  O O   . PHE A 1 70  ? -9.944  -17.302 -4.797  1.00 24.55 ? 71  PHE A O   1 
ATOM   387  C CB  . PHE A 1 70  ? -6.981  -17.526 -4.427  1.00 22.86 ? 71  PHE A CB  1 
ATOM   388  C CG  . PHE A 1 70  ? -5.589  -17.338 -3.896  1.00 22.99 ? 71  PHE A CG  1 
ATOM   389  C CD1 . PHE A 1 70  ? -4.605  -16.757 -4.689  1.00 22.61 ? 71  PHE A CD1 1 
ATOM   390  C CD2 . PHE A 1 70  ? -5.275  -17.683 -2.586  1.00 23.72 ? 71  PHE A CD2 1 
ATOM   391  C CE1 . PHE A 1 70  ? -3.339  -16.557 -4.217  1.00 21.39 ? 71  PHE A CE1 1 
ATOM   392  C CE2 . PHE A 1 70  ? -3.985  -17.477 -2.088  1.00 22.28 ? 71  PHE A CE2 1 
ATOM   393  C CZ  . PHE A 1 70  ? -3.017  -16.920 -2.912  1.00 21.83 ? 71  PHE A CZ  1 
ATOM   394  N N   . ILE A 1 71  ? -9.425  -15.546 -6.114  1.00 24.66 ? 72  ILE A N   1 
ATOM   395  C CA  . ILE A 1 71  ? -10.664 -15.672 -6.862  1.00 25.94 ? 72  ILE A CA  1 
ATOM   396  C C   . ILE A 1 71  ? -10.416 -15.841 -8.374  1.00 25.50 ? 72  ILE A C   1 
ATOM   397  O O   . ILE A 1 71  ? -9.323  -15.611 -8.876  1.00 24.98 ? 72  ILE A O   1 
ATOM   398  C CB  . ILE A 1 71  ? -11.673 -14.538 -6.520  1.00 26.18 ? 72  ILE A CB  1 
ATOM   399  C CG1 . ILE A 1 71  ? -11.105 -13.170 -6.847  1.00 27.25 ? 72  ILE A CG1 1 
ATOM   400  C CG2 . ILE A 1 71  ? -12.088 -14.602 -5.032  1.00 28.04 ? 72  ILE A CG2 1 
ATOM   401  C CD1 . ILE A 1 71  ? -12.173 -12.120 -6.837  1.00 29.04 ? 72  ILE A CD1 1 
ATOM   402  N N   . ASP A 1 72  ? -11.419 -16.292 -9.097  1.00 25.84 ? 73  ASP A N   1 
ATOM   403  C CA  . ASP A 1 72  ? -11.233 -16.505 -10.522 1.00 25.90 ? 73  ASP A CA  1 
ATOM   404  C C   . ASP A 1 72  ? -11.569 -15.205 -11.268 1.00 25.45 ? 73  ASP A C   1 
ATOM   405  O O   . ASP A 1 72  ? -12.257 -14.331 -10.701 1.00 24.36 ? 73  ASP A O   1 
ATOM   406  C CB  . ASP A 1 72  ? -12.016 -17.734 -11.012 1.00 26.62 ? 73  ASP A CB  1 
ATOM   407  C CG  . ASP A 1 72  ? -13.518 -17.553 -10.961 1.00 28.54 ? 73  ASP A CG  1 
ATOM   408  O OD1 . ASP A 1 72  ? -13.976 -16.406 -10.911 1.00 30.71 ? 73  ASP A OD1 1 
ATOM   409  O OD2 . ASP A 1 72  ? -14.266 -18.572 -11.006 1.00 30.72 ? 73  ASP A OD2 1 
ATOM   410  N N   . PRO A 1 73  ? -11.045 -15.044 -12.507 1.00 25.15 ? 74  PRO A N   1 
ATOM   411  C CA  . PRO A 1 73  ? -11.232 -13.806 -13.275 1.00 24.97 ? 74  PRO A CA  1 
ATOM   412  C C   . PRO A 1 73  ? -12.692 -13.364 -13.461 1.00 24.87 ? 74  PRO A C   1 
ATOM   413  O O   . PRO A 1 73  ? -12.969 -12.168 -13.443 1.00 24.04 ? 74  PRO A O   1 
ATOM   414  C CB  . PRO A 1 73  ? -10.599 -14.141 -14.627 1.00 25.06 ? 74  PRO A CB  1 
ATOM   415  C CG  . PRO A 1 73  ? -9.535  -15.137 -14.270 1.00 25.51 ? 74  PRO A CG  1 
ATOM   416  C CD  . PRO A 1 73  ? -10.200 -16.007 -13.242 1.00 25.43 ? 74  PRO A CD  1 
ATOM   417  N N   . THR A 1 74  ? -13.604 -14.322 -13.657 1.00 25.10 ? 75  THR A N   1 
ATOM   418  C CA  . THR A 1 74  ? -15.025 -14.010 -13.843 1.00 25.06 ? 75  THR A CA  1 
ATOM   419  C C   . THR A 1 74  ? -15.612 -13.394 -12.564 1.00 24.85 ? 75  THR A C   1 
ATOM   420  O O   . THR A 1 74  ? -16.268 -12.347 -12.621 1.00 24.36 ? 75  THR A O   1 
ATOM   421  C CB  . THR A 1 74  ? -15.832 -15.247 -14.317 1.00 25.44 ? 75  THR A CB  1 
ATOM   422  O OG1 . THR A 1 74  ? -15.413 -15.610 -15.646 1.00 25.45 ? 75  THR A OG1 1 
ATOM   423  C CG2 . THR A 1 74  ? -17.348 -14.954 -14.343 1.00 25.49 ? 75  THR A CG2 1 
ATOM   424  N N   . ARG A 1 75  ? -15.357 -14.032 -11.421 1.00 24.33 ? 76  ARG A N   1 
ATOM   425  C CA  . ARG A 1 75  ? -15.806 -13.518 -10.127 1.00 24.38 ? 76  ARG A CA  1 
ATOM   426  C C   . ARG A 1 75  ? -15.182 -12.158 -9.829  1.00 23.67 ? 76  ARG A C   1 
ATOM   427  O O   . ARG A 1 75  ? -15.853 -11.294 -9.275  1.00 23.58 ? 76  ARG A O   1 
ATOM   428  C CB  . ARG A 1 75  ? -15.489 -14.517 -9.002  1.00 25.42 ? 76  ARG A CB  1 
ATOM   429  C CG  . ARG A 1 75  ? -15.822 -14.054 -7.572  1.00 27.35 ? 76  ARG A CG  1 
ATOM   430  C CD  . ARG A 1 75  ? -17.317 -13.737 -7.398  1.00 32.69 ? 76  ARG A CD  1 
ATOM   431  N NE  . ARG A 1 75  ? -17.614 -13.314 -6.027  1.00 35.66 ? 76  ARG A NE  1 
ATOM   432  C CZ  . ARG A 1 75  ? -18.722 -12.683 -5.644  1.00 37.03 ? 76  ARG A CZ  1 
ATOM   433  N NH1 . ARG A 1 75  ? -19.665 -12.363 -6.529  1.00 37.30 ? 76  ARG A NH1 1 
ATOM   434  N NH2 . ARG A 1 75  ? -18.874 -12.354 -4.360  1.00 39.09 ? 76  ARG A NH2 1 
ATOM   435  N N   . PHE A 1 76  ? -13.913 -11.971 -10.204 1.00 22.20 ? 77  PHE A N   1 
ATOM   436  C CA  . PHE A 1 76  ? -13.217 -10.684 -9.996  1.00 21.84 ? 77  PHE A CA  1 
ATOM   437  C C   . PHE A 1 76  ? -13.908 -9.587  -10.808 1.00 21.10 ? 77  PHE A C   1 
ATOM   438  O O   . PHE A 1 76  ? -14.099 -8.487  -10.313 1.00 19.45 ? 77  PHE A O   1 
ATOM   439  C CB  . PHE A 1 76  ? -11.710 -10.766 -10.329 1.00 20.84 ? 77  PHE A CB  1 
ATOM   440  C CG  . PHE A 1 76  ? -10.871 -9.626  -9.724  1.00 22.72 ? 77  PHE A CG  1 
ATOM   441  C CD1 . PHE A 1 76  ? -10.156 -9.811  -8.538  1.00 23.57 ? 77  PHE A CD1 1 
ATOM   442  C CD2 . PHE A 1 76  ? -10.805 -8.376  -10.338 1.00 22.24 ? 77  PHE A CD2 1 
ATOM   443  C CE1 . PHE A 1 76  ? -9.379  -8.793  -7.994  1.00 22.96 ? 77  PHE A CE1 1 
ATOM   444  C CE2 . PHE A 1 76  ? -10.036 -7.355  -9.795  1.00 21.87 ? 77  PHE A CE2 1 
ATOM   445  C CZ  . PHE A 1 76  ? -9.340  -7.563  -8.607  1.00 24.32 ? 77  PHE A CZ  1 
ATOM   446  N N   . GLN A 1 77  ? -14.297 -9.911  -12.050 1.00 21.30 ? 78  GLN A N   1 
ATOM   447  C CA  . GLN A 1 77  ? -15.072 -8.977  -12.874 1.00 22.09 ? 78  GLN A CA  1 
ATOM   448  C C   . GLN A 1 77  ? -16.434 -8.663  -12.254 1.00 22.18 ? 78  GLN A C   1 
ATOM   449  O O   . GLN A 1 77  ? -16.842 -7.498  -12.250 1.00 22.43 ? 78  GLN A O   1 
ATOM   450  C CB  . GLN A 1 77  ? -15.250 -9.453  -14.327 1.00 21.72 ? 78  GLN A CB  1 
ATOM   451  C CG  . GLN A 1 77  ? -15.828 -8.341  -15.237 1.00 23.48 ? 78  GLN A CG  1 
ATOM   452  C CD  . GLN A 1 77  ? -14.836 -7.192  -15.478 1.00 25.81 ? 78  GLN A CD  1 
ATOM   453  O OE1 . GLN A 1 77  ? -13.747 -7.408  -16.019 1.00 27.55 ? 78  GLN A OE1 1 
ATOM   454  N NE2 . GLN A 1 77  ? -15.214 -5.973  -15.092 1.00 24.09 ? 78  GLN A NE2 1 
ATOM   455  N N   . GLN A 1 78  ? -17.122 -9.676  -11.719 1.00 22.26 ? 79  GLN A N   1 
ATOM   456  C CA  . GLN A 1 78  ? -18.367 -9.414  -10.978 1.00 23.59 ? 79  GLN A CA  1 
ATOM   457  C C   . GLN A 1 78  ? -18.113 -8.391  -9.867  1.00 22.75 ? 79  GLN A C   1 
ATOM   458  O O   . GLN A 1 78  ? -18.844 -7.432  -9.731  1.00 22.97 ? 79  GLN A O   1 
ATOM   459  C CB  . GLN A 1 78  ? -18.983 -10.696 -10.402 1.00 23.30 ? 79  GLN A CB  1 
ATOM   460  C CG  . GLN A 1 78  ? -19.552 -11.654 -11.461 1.00 27.79 ? 79  GLN A CG  1 
ATOM   461  C CD  . GLN A 1 78  ? -20.150 -12.927 -10.867 1.00 29.80 ? 79  GLN A CD  1 
ATOM   462  O OE1 . GLN A 1 78  ? -19.756 -13.376 -9.781  1.00 32.68 ? 79  GLN A OE1 1 
ATOM   463  N NE2 . GLN A 1 78  ? -21.093 -13.518 -11.584 1.00 31.65 ? 79  GLN A NE2 1 
ATOM   464  N N   . LEU A 1 79  ? -17.052 -8.584  -9.092  1.00 23.68 ? 80  LEU A N   1 
ATOM   465  C CA  . LEU A 1 79  ? -16.747 -7.664  -7.981  1.00 23.71 ? 80  LEU A CA  1 
ATOM   466  C C   . LEU A 1 79  ? -16.475 -6.219  -8.446  1.00 23.25 ? 80  LEU A C   1 
ATOM   467  O O   . LEU A 1 79  ? -16.973 -5.269  -7.845  1.00 22.80 ? 80  LEU A O   1 
ATOM   468  C CB  . LEU A 1 79  ? -15.601 -8.221  -7.119  1.00 24.51 ? 80  LEU A CB  1 
ATOM   469  C CG  . LEU A 1 79  ? -15.925 -9.563  -6.440  1.00 25.45 ? 80  LEU A CG  1 
ATOM   470  C CD1 . LEU A 1 79  ? -14.667 -10.135 -5.783  1.00 26.82 ? 80  LEU A CD1 1 
ATOM   471  C CD2 . LEU A 1 79  ? -17.073 -9.449  -5.425  1.00 26.20 ? 80  LEU A CD2 1 
ATOM   472  N N   . ILE A 1 80  ? -15.712 -6.059  -9.524  1.00 23.39 ? 81  ILE A N   1 
ATOM   473  C CA  . ILE A 1 80  ? -15.517 -4.730  -10.142 1.00 23.45 ? 81  ILE A CA  1 
ATOM   474  C C   . ILE A 1 80  ? -16.872 -4.064  -10.422 1.00 23.76 ? 81  ILE A C   1 
ATOM   475  O O   . ILE A 1 80  ? -17.106 -2.927  -9.996  1.00 23.40 ? 81  ILE A O   1 
ATOM   476  C CB  . ILE A 1 80  ? -14.647 -4.792  -11.443 1.00 23.53 ? 81  ILE A CB  1 
ATOM   477  C CG1 . ILE A 1 80  ? -13.185 -5.185  -11.100 1.00 23.80 ? 81  ILE A CG1 1 
ATOM   478  C CG2 . ILE A 1 80  ? -14.653 -3.472  -12.184 1.00 21.89 ? 81  ILE A CG2 1 
ATOM   479  C CD1 . ILE A 1 80  ? -12.463 -5.888  -12.255 1.00 23.75 ? 81  ILE A CD1 1 
ATOM   480  N N   . ASP A 1 81  ? -17.745 -4.793  -11.119 1.00 23.57 ? 82  ASP A N   1 
ATOM   481  C CA  . ASP A 1 81  ? -19.024 -4.284  -11.584 1.00 24.35 ? 82  ASP A CA  1 
ATOM   482  C C   . ASP A 1 81  ? -19.988 -3.968  -10.445 1.00 24.03 ? 82  ASP A C   1 
ATOM   483  O O   . ASP A 1 81  ? -20.796 -3.065  -10.573 1.00 23.57 ? 82  ASP A O   1 
ATOM   484  C CB  . ASP A 1 81  ? -19.668 -5.260  -12.593 1.00 24.56 ? 82  ASP A CB  1 
ATOM   485  C CG  . ASP A 1 81  ? -18.905 -5.338  -13.921 1.00 26.24 ? 82  ASP A CG  1 
ATOM   486  O OD1 . ASP A 1 81  ? -17.973 -4.531  -14.149 1.00 28.36 ? 82  ASP A OD1 1 
ATOM   487  O OD2 . ASP A 1 81  ? -19.253 -6.205  -14.759 1.00 27.80 ? 82  ASP A OD2 1 
ATOM   488  N N   . GLN A 1 82  ? -19.885 -4.694  -9.326  1.00 23.84 ? 83  GLN A N   1 
ATOM   489  C CA  . GLN A 1 82  ? -20.754 -4.438  -8.165  1.00 23.86 ? 83  GLN A CA  1 
ATOM   490  C C   . GLN A 1 82  ? -20.220 -3.385  -7.194  1.00 23.14 ? 83  GLN A C   1 
ATOM   491  O O   . GLN A 1 82  ? -20.825 -3.134  -6.138  1.00 22.71 ? 83  GLN A O   1 
ATOM   492  C CB  . GLN A 1 82  ? -21.027 -5.728  -7.399  1.00 24.12 ? 83  GLN A CB  1 
ATOM   493  C CG  . GLN A 1 82  ? -21.929 -6.708  -8.135  1.00 26.12 ? 83  GLN A CG  1 
ATOM   494  C CD  . GLN A 1 82  ? -21.871 -8.083  -7.514  1.00 28.16 ? 83  GLN A CD  1 
ATOM   495  O OE1 . GLN A 1 82  ? -21.385 -8.256  -6.381  1.00 29.37 ? 83  GLN A OE1 1 
ATOM   496  N NE2 . GLN A 1 82  ? -22.338 -9.077  -8.253  1.00 28.11 ? 83  GLN A NE2 1 
ATOM   497  N N   . GLY A 1 83  ? -19.103 -2.769  -7.564  1.00 22.21 ? 84  GLY A N   1 
ATOM   498  C CA  . GLY A 1 83  ? -18.416 -1.802  -6.712  1.00 22.17 ? 84  GLY A CA  1 
ATOM   499  C C   . GLY A 1 83  ? -17.887 -2.363  -5.393  1.00 21.17 ? 84  GLY A C   1 
ATOM   500  O O   . GLY A 1 83  ? -17.944 -1.684  -4.371  1.00 20.57 ? 84  GLY A O   1 
ATOM   501  N N   . GLU A 1 84  ? -17.384 -3.601  -5.407  1.00 20.95 ? 85  GLU A N   1 
ATOM   502  C CA  . GLU A 1 84  ? -16.933 -4.254  -4.177  1.00 20.74 ? 85  GLU A CA  1 
ATOM   503  C C   . GLU A 1 84  ? -15.418 -4.146  -3.945  1.00 20.45 ? 85  GLU A C   1 
ATOM   504  O O   . GLU A 1 84  ? -14.894 -4.676  -2.968  1.00 19.11 ? 85  GLU A O   1 
ATOM   505  C CB  . GLU A 1 84  ? -17.391 -5.722  -4.111  1.00 20.89 ? 85  GLU A CB  1 
ATOM   506  C CG  . GLU A 1 84  ? -18.940 -5.922  -4.064  1.00 24.57 ? 85  GLU A CG  1 
ATOM   507  C CD  . GLU A 1 84  ? -19.571 -5.694  -2.676  1.00 29.82 ? 85  GLU A CD  1 
ATOM   508  O OE1 . GLU A 1 84  ? -18.875 -5.311  -1.690  1.00 32.14 ? 85  GLU A OE1 1 
ATOM   509  O OE2 . GLU A 1 84  ? -20.806 -5.883  -2.575  1.00 33.63 ? 85  GLU A OE2 1 
ATOM   510  N N   . LEU A 1 85  ? -14.727 -3.458  -4.846  1.00 20.58 ? 86  LEU A N   1 
ATOM   511  C CA  . LEU A 1 85  ? -13.297 -3.251  -4.716  1.00 20.96 ? 86  LEU A CA  1 
ATOM   512  C C   . LEU A 1 85  ? -13.060 -1.779  -4.398  1.00 20.94 ? 86  LEU A C   1 
ATOM   513  O O   . LEU A 1 85  ? -13.595 -0.920  -5.082  1.00 20.50 ? 86  LEU A O   1 
ATOM   514  C CB  . LEU A 1 85  ? -12.587 -3.558  -6.042  1.00 20.87 ? 86  LEU A CB  1 
ATOM   515  C CG  . LEU A 1 85  ? -12.088 -4.946  -6.457  1.00 22.33 ? 86  LEU A CG  1 
ATOM   516  C CD1 . LEU A 1 85  ? -11.242 -5.608  -5.358  1.00 21.25 ? 86  LEU A CD1 1 
ATOM   517  C CD2 . LEU A 1 85  ? -13.173 -5.846  -6.882  1.00 22.90 ? 86  LEU A CD2 1 
ATOM   518  N N   . LEU A 1 86  ? -12.228 -1.491  -3.403  1.00 20.45 ? 87  LEU A N   1 
ATOM   519  C CA  . LEU A 1 86  ? -11.828 -0.099  -3.138  1.00 20.91 ? 87  LEU A CA  1 
ATOM   520  C C   . LEU A 1 86  ? -10.877 0.391   -4.230  1.00 21.56 ? 87  LEU A C   1 
ATOM   521  O O   . LEU A 1 86  ? -10.910 1.564   -4.607  1.00 20.47 ? 87  LEU A O   1 
ATOM   522  C CB  . LEU A 1 86  ? -11.187 0.020   -1.758  1.00 20.81 ? 87  LEU A CB  1 
ATOM   523  C CG  . LEU A 1 86  ? -12.091 -0.386  -0.587  1.00 20.99 ? 87  LEU A CG  1 
ATOM   524  C CD1 . LEU A 1 86  ? -11.376 -0.278  0.770   1.00 20.61 ? 87  LEU A CD1 1 
ATOM   525  C CD2 . LEU A 1 86  ? -13.409 0.437   -0.605  1.00 20.19 ? 87  LEU A CD2 1 
ATOM   526  N N   . GLU A 1 87  ? -10.036 -0.531  -4.722  1.00 20.27 ? 88  GLU A N   1 
ATOM   527  C CA  . GLU A 1 87  ? -9.123  -0.278  -5.830  1.00 20.66 ? 88  GLU A CA  1 
ATOM   528  C C   . GLU A 1 87  ? -8.748  -1.608  -6.421  1.00 20.12 ? 88  GLU A C   1 
ATOM   529  O O   . GLU A 1 87  ? -8.765  -2.629  -5.724  1.00 19.80 ? 88  GLU A O   1 
ATOM   530  C CB  . GLU A 1 87  ? -7.829  0.439   -5.346  1.00 20.83 ? 88  GLU A CB  1 
ATOM   531  C CG  . GLU A 1 87  ? -7.018  -0.293  -4.257  1.00 19.46 ? 88  GLU A CG  1 
ATOM   532  C CD  . GLU A 1 87  ? -6.077  -1.401  -4.791  1.00 24.05 ? 88  GLU A CD  1 
ATOM   533  O OE1 . GLU A 1 87  ? -5.751  -2.339  -4.001  1.00 24.54 ? 88  GLU A OE1 1 
ATOM   534  O OE2 . GLU A 1 87  ? -5.619  -1.323  -5.956  1.00 23.14 ? 88  GLU A OE2 1 
ATOM   535  N N   . TRP A 1 88  ? -8.371  -1.596  -7.691  1.00 20.66 ? 89  TRP A N   1 
ATOM   536  C CA  . TRP A 1 88  ? -7.828  -2.789  -8.358  1.00 20.63 ? 89  TRP A CA  1 
ATOM   537  C C   . TRP A 1 88  ? -6.897  -2.344  -9.500  1.00 21.35 ? 89  TRP A C   1 
ATOM   538  O O   . TRP A 1 88  ? -6.965  -1.187  -9.945  1.00 20.54 ? 89  TRP A O   1 
ATOM   539  C CB  . TRP A 1 88  ? -8.944  -3.710  -8.876  1.00 20.01 ? 89  TRP A CB  1 
ATOM   540  C CG  . TRP A 1 88  ? -9.793  -3.097  -9.981  1.00 22.25 ? 89  TRP A CG  1 
ATOM   541  C CD1 . TRP A 1 88  ? -10.866 -2.247  -9.833  1.00 21.79 ? 89  TRP A CD1 1 
ATOM   542  C CD2 . TRP A 1 88  ? -9.630  -3.292  -11.395 1.00 23.73 ? 89  TRP A CD2 1 
ATOM   543  N NE1 . TRP A 1 88  ? -11.363 -1.896  -11.063 1.00 23.70 ? 89  TRP A NE1 1 
ATOM   544  C CE2 . TRP A 1 88  ? -10.630 -2.526  -12.040 1.00 22.95 ? 89  TRP A CE2 1 
ATOM   545  C CE3 . TRP A 1 88  ? -8.729  -4.034  -12.178 1.00 23.51 ? 89  TRP A CE3 1 
ATOM   546  C CZ2 . TRP A 1 88  ? -10.761 -2.481  -13.445 1.00 25.64 ? 89  TRP A CZ2 1 
ATOM   547  C CZ3 . TRP A 1 88  ? -8.859  -3.993  -13.569 1.00 22.77 ? 89  TRP A CZ3 1 
ATOM   548  C CH2 . TRP A 1 88  ? -9.871  -3.223  -14.186 1.00 25.14 ? 89  TRP A CH2 1 
ATOM   549  N N   . ALA A 1 89  ? -6.031  -3.254  -9.947  1.00 20.96 ? 90  ALA A N   1 
ATOM   550  C CA  . ALA A 1 89  ? -5.125  -2.968  -11.046 1.00 22.46 ? 90  ALA A CA  1 
ATOM   551  C C   . ALA A 1 89  ? -4.876  -4.235  -11.853 1.00 22.29 ? 90  ALA A C   1 
ATOM   552  O O   . ALA A 1 89  ? -5.008  -5.330  -11.317 1.00 22.66 ? 90  ALA A O   1 
ATOM   553  C CB  . ALA A 1 89  ? -3.783  -2.426  -10.504 1.00 22.55 ? 90  ALA A CB  1 
ATOM   554  N N   . GLU A 1 90  ? -4.496  -4.069  -13.120 1.00 22.75 ? 91  GLU A N   1 
ATOM   555  C CA  . GLU A 1 90  ? -3.942  -5.153  -13.931 1.00 22.81 ? 91  GLU A CA  1 
ATOM   556  C C   . GLU A 1 90  ? -2.486  -5.322  -13.499 1.00 23.09 ? 91  GLU A C   1 
ATOM   557  O O   . GLU A 1 90  ? -1.770  -4.333  -13.247 1.00 22.92 ? 91  GLU A O   1 
ATOM   558  C CB  . GLU A 1 90  ? -4.000  -4.813  -15.435 1.00 23.68 ? 91  GLU A CB  1 
ATOM   559  C CG  . GLU A 1 90  ? -5.330  -4.171  -15.920 1.00 25.87 ? 91  GLU A CG  1 
ATOM   560  C CD  . GLU A 1 90  ? -6.367  -5.177  -16.414 1.00 30.33 ? 91  GLU A CD  1 
ATOM   561  O OE1 . GLU A 1 90  ? -6.108  -6.399  -16.334 1.00 32.15 ? 91  GLU A OE1 1 
ATOM   562  O OE2 . GLU A 1 90  ? -7.447  -4.741  -16.905 1.00 33.58 ? 91  GLU A OE2 1 
ATOM   563  N N   . ILE A 1 91  ? -2.062  -6.576  -13.415 1.00 22.50 ? 92  ILE A N   1 
ATOM   564  C CA  . ILE A 1 91  ? -0.741  -6.919  -12.974 1.00 22.94 ? 92  ILE A CA  1 
ATOM   565  C C   . ILE A 1 91  ? 0.006   -7.556  -14.148 1.00 23.72 ? 92  ILE A C   1 
ATOM   566  O O   . ILE A 1 91  ? -0.589  -8.303  -14.939 1.00 22.20 ? 92  ILE A O   1 
ATOM   567  C CB  . ILE A 1 91  ? -0.789  -7.900  -11.754 1.00 23.35 ? 92  ILE A CB  1 
ATOM   568  C CG1 . ILE A 1 91  ? -1.739  -7.394  -10.644 1.00 22.30 ? 92  ILE A CG1 1 
ATOM   569  C CG2 . ILE A 1 91  ? 0.625   -8.202  -11.221 1.00 22.38 ? 92  ILE A CG2 1 
ATOM   570  C CD1 . ILE A 1 91  ? -1.389  -5.988  -10.057 1.00 23.40 ? 92  ILE A CD1 1 
ATOM   571  N N   . HIS A 1 92  ? 1.292   -7.214  -14.265 1.00 25.20 ? 93  HIS A N   1 
ATOM   572  C CA  . HIS A 1 92  ? 2.157   -7.672  -15.353 1.00 26.86 ? 93  HIS A CA  1 
ATOM   573  C C   . HIS A 1 92  ? 1.444   -7.508  -16.682 1.00 27.17 ? 93  HIS A C   1 
ATOM   574  O O   . HIS A 1 92  ? 1.335   -8.462  -17.467 1.00 26.92 ? 93  HIS A O   1 
ATOM   575  C CB  . HIS A 1 92  ? 2.584   -9.132  -15.140 1.00 28.00 ? 93  HIS A CB  1 
ATOM   576  C CG  . HIS A 1 92  ? 3.465   -9.334  -13.946 1.00 30.35 ? 93  HIS A CG  1 
ATOM   577  N ND1 . HIS A 1 92  ? 3.350   -10.425 -13.103 1.00 34.19 ? 93  HIS A ND1 1 
ATOM   578  C CD2 . HIS A 1 92  ? 4.468   -8.572  -13.444 1.00 33.08 ? 93  HIS A CD2 1 
ATOM   579  C CE1 . HIS A 1 92  ? 4.258   -10.337 -12.146 1.00 35.15 ? 93  HIS A CE1 1 
ATOM   580  N NE2 . HIS A 1 92  ? 4.948   -9.220  -12.329 1.00 36.20 ? 93  HIS A NE2 1 
ATOM   581  N N   . GLY A 1 93  ? 0.939   -6.295  -16.911 1.00 27.46 ? 94  GLY A N   1 
ATOM   582  C CA  . GLY A 1 93  ? 0.297   -5.928  -18.181 1.00 27.36 ? 94  GLY A CA  1 
ATOM   583  C C   . GLY A 1 93  ? -0.993  -6.689  -18.455 1.00 27.56 ? 94  GLY A C   1 
ATOM   584  O O   . GLY A 1 93  ? -1.363  -6.869  -19.606 1.00 28.53 ? 94  GLY A O   1 
ATOM   585  N N   . GLY A 1 94  ? -1.667  -7.159  -17.406 1.00 26.94 ? 95  GLY A N   1 
ATOM   586  C CA  . GLY A 1 94  ? -2.946  -7.848  -17.568 1.00 26.82 ? 95  GLY A CA  1 
ATOM   587  C C   . GLY A 1 94  ? -2.918  -9.372  -17.494 1.00 26.24 ? 95  GLY A C   1 
ATOM   588  O O   . GLY A 1 94  ? -3.931  -10.020 -17.771 1.00 27.44 ? 95  GLY A O   1 
ATOM   589  N N   . LEU A 1 95  ? -1.769  -9.947  -17.143 1.00 24.98 ? 96  LEU A N   1 
ATOM   590  C CA  . LEU A 1 95  ? -1.664  -11.392 -16.830 1.00 24.05 ? 96  LEU A CA  1 
ATOM   591  C C   . LEU A 1 95  ? -2.776  -11.812 -15.851 1.00 23.19 ? 96  LEU A C   1 
ATOM   592  O O   . LEU A 1 95  ? -3.470  -12.825 -16.044 1.00 22.07 ? 96  LEU A O   1 
ATOM   593  C CB  . LEU A 1 95  ? -0.298  -11.701 -16.209 1.00 23.92 ? 96  LEU A CB  1 
ATOM   594  C CG  . LEU A 1 95  ? -0.050  -13.150 -15.760 1.00 24.92 ? 96  LEU A CG  1 
ATOM   595  C CD1 . LEU A 1 95  ? -0.105  -14.125 -16.956 1.00 23.46 ? 96  LEU A CD1 1 
ATOM   596  C CD2 . LEU A 1 95  ? 1.281   -13.265 -15.015 1.00 24.98 ? 96  LEU A CD2 1 
ATOM   597  N N   . HIS A 1 96  ? -2.945  -10.995 -14.810 1.00 21.33 ? 97  HIS A N   1 
ATOM   598  C CA  . HIS A 1 96  ? -4.014  -11.177 -13.857 1.00 20.95 ? 97  HIS A CA  1 
ATOM   599  C C   . HIS A 1 96  ? -4.323  -9.830  -13.196 1.00 20.70 ? 97  HIS A C   1 
ATOM   600  O O   . HIS A 1 96  ? -3.804  -8.788  -13.595 1.00 20.85 ? 97  HIS A O   1 
ATOM   601  C CB  . HIS A 1 96  ? -3.647  -12.248 -12.802 1.00 20.52 ? 97  HIS A CB  1 
ATOM   602  C CG  . HIS A 1 96  ? -2.492  -11.874 -11.928 1.00 19.94 ? 97  HIS A CG  1 
ATOM   603  N ND1 . HIS A 1 96  ? -2.643  -11.295 -10.677 1.00 22.46 ? 97  HIS A ND1 1 
ATOM   604  C CD2 . HIS A 1 96  ? -1.159  -12.019 -12.116 1.00 19.18 ? 97  HIS A CD2 1 
ATOM   605  C CE1 . HIS A 1 96  ? -1.451  -11.099 -10.141 1.00 19.54 ? 97  HIS A CE1 1 
ATOM   606  N NE2 . HIS A 1 96  ? -0.537  -11.531 -10.995 1.00 20.22 ? 97  HIS A NE2 1 
ATOM   607  N N   . ARG A 1 97  ? -5.186  -9.870  -12.196 1.00 20.79 ? 98  ARG A N   1 
ATOM   608  C CA  . ARG A 1 97  ? -5.640  -8.664  -11.510 1.00 21.18 ? 98  ARG A CA  1 
ATOM   609  C C   . ARG A 1 97  ? -5.507  -8.846  -10.010 1.00 20.79 ? 98  ARG A C   1 
ATOM   610  O O   . ARG A 1 97  ? -5.599  -9.974  -9.514  1.00 20.38 ? 98  ARG A O   1 
ATOM   611  C CB  . ARG A 1 97  ? -7.105  -8.418  -11.863 1.00 20.73 ? 98  ARG A CB  1 
ATOM   612  C CG  . ARG A 1 97  ? -7.269  -7.799  -13.223 1.00 20.99 ? 98  ARG A CG  1 
ATOM   613  C CD  . ARG A 1 97  ? -8.662  -8.044  -13.774 1.00 23.17 ? 98  ARG A CD  1 
ATOM   614  N NE  . ARG A 1 97  ? -8.924  -7.184  -14.923 1.00 24.88 ? 98  ARG A NE  1 
ATOM   615  C CZ  . ARG A 1 97  ? -10.108 -7.066  -15.531 1.00 27.84 ? 98  ARG A CZ  1 
ATOM   616  N NH1 . ARG A 1 97  ? -11.164 -7.786  -15.133 1.00 26.67 ? 98  ARG A NH1 1 
ATOM   617  N NH2 . ARG A 1 97  ? -10.230 -6.224  -16.558 1.00 27.70 ? 98  ARG A NH2 1 
ATOM   618  N N   . SER A 1 98  ? -5.307  -7.735  -9.299  1.00 21.30 ? 99  SER A N   1 
ATOM   619  C CA  . SER A 1 98  ? -5.307  -7.709  -7.825  1.00 22.12 ? 99  SER A CA  1 
ATOM   620  C C   . SER A 1 98  ? -5.967  -6.439  -7.343  1.00 21.65 ? 99  SER A C   1 
ATOM   621  O O   . SER A 1 98  ? -5.929  -5.428  -8.028  1.00 20.31 ? 99  SER A O   1 
ATOM   622  C CB  . SER A 1 98  ? -3.877  -7.768  -7.270  1.00 22.12 ? 99  SER A CB  1 
ATOM   623  O OG  . SER A 1 98  ? -3.308  -9.054  -7.561  1.00 27.69 ? 99  SER A OG  1 
ATOM   624  N N   . GLY A 1 99  ? -6.522  -6.474  -6.134  1.00 22.08 ? 100 GLY A N   1 
ATOM   625  C CA  . GLY A 1 99  ? -7.102  -5.287  -5.551  1.00 22.44 ? 100 GLY A CA  1 
ATOM   626  C C   . GLY A 1 99  ? -7.580  -5.500  -4.124  1.00 22.52 ? 100 GLY A C   1 
ATOM   627  O O   . GLY A 1 99  ? -7.448  -6.588  -3.555  1.00 22.76 ? 100 GLY A O   1 
ATOM   628  N N   . THR A 1 100 ? -8.148  -4.448  -3.572  1.00 21.94 ? 101 THR A N   1 
ATOM   629  C CA  . THR A 1 100 ? -8.593  -4.397  -2.172  1.00 21.35 ? 101 THR A CA  1 
ATOM   630  C C   . THR A 1 100 ? -10.110 -4.526  -2.122  1.00 21.21 ? 101 THR A C   1 
ATOM   631  O O   . THR A 1 100 ? -10.830 -3.743  -2.728  1.00 21.09 ? 101 THR A O   1 
ATOM   632  C CB  . THR A 1 100 ? -8.147  -3.079  -1.502  1.00 21.81 ? 101 THR A CB  1 
ATOM   633  O OG1 . THR A 1 100 ? -6.715  -2.978  -1.602  1.00 22.10 ? 101 THR A OG1 1 
ATOM   634  C CG2 . THR A 1 100 ? -8.523  -3.058  -0.003  1.00 19.26 ? 101 THR A CG2 1 
ATOM   635  N N   . LEU A 1 101 ? -10.571 -5.531  -1.387  1.00 20.74 ? 102 LEU A N   1 
ATOM   636  C CA  . LEU A 1 101 ? -11.987 -5.753  -1.137  1.00 20.32 ? 102 LEU A CA  1 
ATOM   637  C C   . LEU A 1 101 ? -12.506 -4.783  -0.076  1.00 19.78 ? 102 LEU A C   1 
ATOM   638  O O   . LEU A 1 101 ? -11.913 -4.609  0.995   1.00 18.77 ? 102 LEU A O   1 
ATOM   639  C CB  . LEU A 1 101 ? -12.215 -7.192  -0.674  1.00 20.05 ? 102 LEU A CB  1 
ATOM   640  C CG  . LEU A 1 101 ? -11.949 -8.298  -1.698  1.00 21.54 ? 102 LEU A CG  1 
ATOM   641  C CD1 . LEU A 1 101 ? -11.936 -9.627  -0.979  1.00 21.60 ? 102 LEU A CD1 1 
ATOM   642  C CD2 . LEU A 1 101 ? -12.986 -8.286  -2.816  1.00 23.52 ? 102 LEU A CD2 1 
ATOM   643  N N   . ALA A 1 102 ? -13.629 -4.170  -0.386  1.00 19.22 ? 103 ALA A N   1 
ATOM   644  C CA  . ALA A 1 102 ? -14.281 -3.218  0.509   1.00 19.28 ? 103 ALA A CA  1 
ATOM   645  C C   . ALA A 1 102 ? -14.820 -3.880  1.760   1.00 19.06 ? 103 ALA A C   1 
ATOM   646  O O   . ALA A 1 102 ? -14.632 -3.364  2.846   1.00 18.90 ? 103 ALA A O   1 
ATOM   647  C CB  . ALA A 1 102 ? -15.437 -2.482  -0.236  1.00 18.38 ? 103 ALA A CB  1 
ATOM   648  N N   . GLN A 1 103 ? -15.514 -5.007  1.600   1.00 20.19 ? 104 GLN A N   1 
ATOM   649  C CA  . GLN A 1 103 ? -16.296 -5.572  2.709   1.00 21.40 ? 104 GLN A CA  1 
ATOM   650  C C   . GLN A 1 103 ? -15.468 -5.993  3.949   1.00 20.82 ? 104 GLN A C   1 
ATOM   651  O O   . GLN A 1 103 ? -15.846 -5.649  5.060   1.00 20.71 ? 104 GLN A O   1 
ATOM   652  C CB  . GLN A 1 103 ? -17.256 -6.669  2.226   1.00 22.08 ? 104 GLN A CB  1 
ATOM   653  C CG  . GLN A 1 103 ? -18.672 -6.505  2.807   1.00 27.76 ? 104 GLN A CG  1 
ATOM   654  C CD  . GLN A 1 103 ? -19.701 -7.394  2.123   1.00 34.30 ? 104 GLN A CD  1 
ATOM   655  O OE1 . GLN A 1 103 ? -20.282 -7.018  1.094   1.00 38.47 ? 104 GLN A OE1 1 
ATOM   656  N NE2 . GLN A 1 103 ? -19.929 -8.583  2.685   1.00 36.36 ? 104 GLN A NE2 1 
ATOM   657  N N   . PRO A 1 104 ? -14.322 -6.698  3.765   1.00 20.50 ? 105 PRO A N   1 
ATOM   658  C CA  . PRO A 1 104 ? -13.507 -7.011  4.963   1.00 20.25 ? 105 PRO A CA  1 
ATOM   659  C C   . PRO A 1 104 ? -12.931 -5.785  5.668   1.00 19.58 ? 105 PRO A C   1 
ATOM   660  O O   . PRO A 1 104 ? -12.815 -5.767  6.891   1.00 20.47 ? 105 PRO A O   1 
ATOM   661  C CB  . PRO A 1 104 ? -12.349 -7.874  4.412   1.00 20.48 ? 105 PRO A CB  1 
ATOM   662  C CG  . PRO A 1 104 ? -12.776 -8.309  3.035   1.00 19.72 ? 105 PRO A CG  1 
ATOM   663  C CD  . PRO A 1 104 ? -13.720 -7.248  2.529   1.00 20.28 ? 105 PRO A CD  1 
ATOM   664  N N   . VAL A 1 105 ? -12.578 -4.760  4.916   1.00 19.50 ? 106 VAL A N   1 
ATOM   665  C CA  . VAL A 1 105 ? -12.085 -3.523  5.510   1.00 19.35 ? 106 VAL A CA  1 
ATOM   666  C C   . VAL A 1 105 ? -13.182 -2.911  6.359   1.00 19.29 ? 106 VAL A C   1 
ATOM   667  O O   . VAL A 1 105 ? -12.974 -2.567  7.528   1.00 19.61 ? 106 VAL A O   1 
ATOM   668  C CB  . VAL A 1 105 ? -11.595 -2.519  4.405   1.00 19.87 ? 106 VAL A CB  1 
ATOM   669  C CG1 . VAL A 1 105 ? -11.423 -1.090  4.960   1.00 18.49 ? 106 VAL A CG1 1 
ATOM   670  C CG2 . VAL A 1 105 ? -10.299 -3.026  3.772   1.00 20.21 ? 106 VAL A CG2 1 
ATOM   671  N N   . ARG A 1 106 ? -14.366 -2.800  5.776   1.00 19.14 ? 107 ARG A N   1 
ATOM   672  C CA  . ARG A 1 106 ? -15.486 -2.202  6.476   1.00 19.73 ? 107 ARG A CA  1 
ATOM   673  C C   . ARG A 1 106 ? -15.886 -3.015  7.697   1.00 19.09 ? 107 ARG A C   1 
ATOM   674  O O   . ARG A 1 106 ? -16.149 -2.442  8.759   1.00 18.64 ? 107 ARG A O   1 
ATOM   675  C CB  . ARG A 1 106 ? -16.666 -2.013  5.512   1.00 20.28 ? 107 ARG A CB  1 
ATOM   676  C CG  . ARG A 1 106 ? -16.416 -0.879  4.503   1.00 22.07 ? 107 ARG A CG  1 
ATOM   677  C CD  . ARG A 1 106 ? -17.679 -0.537  3.677   1.00 26.88 ? 107 ARG A CD  1 
ATOM   678  N NE  . ARG A 1 106 ? -17.333 0.291   2.509   1.00 28.21 ? 107 ARG A NE  1 
ATOM   679  C CZ  . ARG A 1 106 ? -17.111 1.606   2.549   1.00 29.32 ? 107 ARG A CZ  1 
ATOM   680  N NH1 . ARG A 1 106 ? -17.205 2.280   3.692   1.00 27.82 ? 107 ARG A NH1 1 
ATOM   681  N NH2 . ARG A 1 106 ? -16.814 2.256   1.426   1.00 31.11 ? 107 ARG A NH2 1 
ATOM   682  N N   . ALA A 1 107 ? -15.901 -4.346  7.555   1.00 18.04 ? 108 ALA A N   1 
ATOM   683  C CA  . ALA A 1 107 ? -16.309 -5.221  8.657   1.00 17.32 ? 108 ALA A CA  1 
ATOM   684  C C   . ALA A 1 107 ? -15.296 -5.159  9.807   1.00 17.61 ? 108 ALA A C   1 
ATOM   685  O O   . ALA A 1 107 ? -15.700 -5.041  10.959  1.00 16.81 ? 108 ALA A O   1 
ATOM   686  C CB  . ALA A 1 107 ? -16.468 -6.634  8.178   1.00 17.37 ? 108 ALA A CB  1 
ATOM   687  N N   . ALA A 1 108 ? -13.987 -5.262  9.487   1.00 17.46 ? 109 ALA A N   1 
ATOM   688  C CA  . ALA A 1 108 ? -12.919 -5.062  10.490  1.00 17.25 ? 109 ALA A CA  1 
ATOM   689  C C   . ALA A 1 108 ? -13.090 -3.735  11.226  1.00 17.48 ? 109 ALA A C   1 
ATOM   690  O O   . ALA A 1 108 ? -13.144 -3.702  12.460  1.00 17.57 ? 109 ALA A O   1 
ATOM   691  C CB  . ALA A 1 108 ? -11.529 -5.121  9.831   1.00 17.52 ? 109 ALA A CB  1 
ATOM   692  N N   . ALA A 1 109 ? -13.159 -2.636  10.479  1.00 17.74 ? 110 ALA A N   1 
ATOM   693  C CA  . ALA A 1 109 ? -13.427 -1.315  11.127  1.00 18.48 ? 110 ALA A CA  1 
ATOM   694  C C   . ALA A 1 109 ? -14.674 -1.256  12.019  1.00 18.12 ? 110 ALA A C   1 
ATOM   695  O O   . ALA A 1 109 ? -14.608 -0.669  13.088  1.00 19.02 ? 110 ALA A O   1 
ATOM   696  C CB  . ALA A 1 109 ? -13.447 -0.159  10.090  1.00 18.42 ? 110 ALA A CB  1 
ATOM   697  N N   . ALA A 1 110 ? -15.792 -1.864  11.608  1.00 17.94 ? 111 ALA A N   1 
ATOM   698  C CA  . ALA A 1 110 ? -17.015 -1.864  12.431  1.00 18.88 ? 111 ALA A CA  1 
ATOM   699  C C   . ALA A 1 110 ? -16.840 -2.712  13.691  1.00 18.86 ? 111 ALA A C   1 
ATOM   700  O O   . ALA A 1 110 ? -17.545 -2.532  14.671  1.00 17.91 ? 111 ALA A O   1 
ATOM   701  C CB  . ALA A 1 110 ? -18.248 -2.349  11.630  1.00 18.24 ? 111 ALA A CB  1 
ATOM   702  N N   . THR A 1 111 ? -15.886 -3.643  13.649  1.00 19.27 ? 112 THR A N   1 
ATOM   703  C CA  . THR A 1 111 ? -15.603 -4.476  14.812  1.00 19.62 ? 112 THR A CA  1 
ATOM   704  C C   . THR A 1 111 ? -14.679 -3.740  15.815  1.00 20.49 ? 112 THR A C   1 
ATOM   705  O O   . THR A 1 111 ? -14.508 -4.173  16.952  1.00 21.44 ? 112 THR A O   1 
ATOM   706  C CB  . THR A 1 111 ? -15.056 -5.846  14.345  1.00 19.41 ? 112 THR A CB  1 
ATOM   707  O OG1 . THR A 1 111 ? -15.991 -6.402  13.408  1.00 18.73 ? 112 THR A OG1 1 
ATOM   708  C CG2 . THR A 1 111 ? -14.913 -6.816  15.507  1.00 18.36 ? 112 THR A CG2 1 
ATOM   709  N N   . GLY A 1 112 ? -14.115 -2.613  15.409  1.00 20.68 ? 113 GLY A N   1 
ATOM   710  C CA  . GLY A 1 112 ? -13.205 -1.865  16.294  1.00 21.71 ? 113 GLY A CA  1 
ATOM   711  C C   . GLY A 1 112 ? -11.740 -2.246  16.066  1.00 21.94 ? 113 GLY A C   1 
ATOM   712  O O   . GLY A 1 112 ? -10.853 -1.788  16.782  1.00 22.79 ? 113 GLY A O   1 
ATOM   713  N N   . VAL A 1 113 ? -11.472 -3.063  15.063  1.00 21.84 ? 114 VAL A N   1 
ATOM   714  C CA  . VAL A 1 113 ? -10.081 -3.423  14.760  1.00 23.00 ? 114 VAL A CA  1 
ATOM   715  C C   . VAL A 1 113 ? -9.471  -2.436  13.745  1.00 22.41 ? 114 VAL A C   1 
ATOM   716  O O   . VAL A 1 113 ? -10.115 -2.091  12.770  1.00 23.29 ? 114 VAL A O   1 
ATOM   717  C CB  . VAL A 1 113 ? -9.865  -4.970  14.423  1.00 22.80 ? 114 VAL A CB  1 
ATOM   718  C CG1 . VAL A 1 113 ? -11.156 -5.771  14.364  1.00 25.70 ? 114 VAL A CG1 1 
ATOM   719  C CG2 . VAL A 1 113 ? -8.936  -5.228  13.233  1.00 22.18 ? 114 VAL A CG2 1 
ATOM   720  N N   . PRO A 1 114 ? -8.252  -1.953  14.015  1.00 22.35 ? 115 PRO A N   1 
ATOM   721  C CA  . PRO A 1 114 ? -7.617  -1.020  13.069  1.00 22.31 ? 115 PRO A CA  1 
ATOM   722  C C   . PRO A 1 114 ? -7.220  -1.744  11.789  1.00 20.68 ? 115 PRO A C   1 
ATOM   723  O O   . PRO A 1 114 ? -6.838  -2.900  11.838  1.00 20.86 ? 115 PRO A O   1 
ATOM   724  C CB  . PRO A 1 114 ? -6.355  -0.543  13.809  1.00 22.30 ? 115 PRO A CB  1 
ATOM   725  C CG  . PRO A 1 114 ? -6.114  -1.528  14.877  1.00 23.38 ? 115 PRO A CG  1 
ATOM   726  C CD  . PRO A 1 114 ? -7.406  -2.236  15.194  1.00 22.19 ? 115 PRO A CD  1 
ATOM   727  N N   . VAL A 1 115 ? -7.314  -1.050  10.663  1.00 20.55 ? 116 VAL A N   1 
ATOM   728  C CA  . VAL A 1 115 ? -6.955  -1.612  9.364   1.00 19.42 ? 116 VAL A CA  1 
ATOM   729  C C   . VAL A 1 115 ? -5.827  -0.804  8.690   1.00 19.26 ? 116 VAL A C   1 
ATOM   730  O O   . VAL A 1 115 ? -5.871  0.428   8.630   1.00 19.79 ? 116 VAL A O   1 
ATOM   731  C CB  . VAL A 1 115 ? -8.194  -1.681  8.403   1.00 19.24 ? 116 VAL A CB  1 
ATOM   732  C CG1 . VAL A 1 115 ? -7.826  -2.379  7.099   1.00 18.82 ? 116 VAL A CG1 1 
ATOM   733  C CG2 . VAL A 1 115 ? -9.357  -2.420  9.080   1.00 19.45 ? 116 VAL A CG2 1 
ATOM   734  N N   . LEU A 1 116 ? -4.842  -1.525  8.174   1.00 19.35 ? 117 LEU A N   1 
ATOM   735  C CA  . LEU A 1 116 ? -3.794  -0.948  7.335   1.00 19.73 ? 117 LEU A CA  1 
ATOM   736  C C   . LEU A 1 116 ? -3.896  -1.535  5.921   1.00 19.67 ? 117 LEU A C   1 
ATOM   737  O O   . LEU A 1 116 ? -3.939  -2.745  5.736   1.00 19.65 ? 117 LEU A O   1 
ATOM   738  C CB  . LEU A 1 116 ? -2.401  -1.298  7.894   1.00 19.50 ? 117 LEU A CB  1 
ATOM   739  C CG  . LEU A 1 116 ? -1.186  -0.748  7.121   1.00 19.40 ? 117 LEU A CG  1 
ATOM   740  C CD1 . LEU A 1 116 ? -1.197  0.779   7.224   1.00 19.99 ? 117 LEU A CD1 1 
ATOM   741  C CD2 . LEU A 1 116 ? 0.090   -1.317  7.759   1.00 22.15 ? 117 LEU A CD2 1 
ATOM   742  N N   . ILE A 1 117 ? -3.921  -0.658  4.930   1.00 20.16 ? 118 ILE A N   1 
ATOM   743  C CA  . ILE A 1 117 ? -3.861  -1.067  3.528   1.00 20.12 ? 118 ILE A CA  1 
ATOM   744  C C   . ILE A 1 117 ? -2.586  -0.474  2.944   1.00 20.73 ? 118 ILE A C   1 
ATOM   745  O O   . ILE A 1 117 ? -2.357  0.723   3.037   1.00 21.13 ? 118 ILE A O   1 
ATOM   746  C CB  . ILE A 1 117 ? -5.087  -0.500  2.718   1.00 20.50 ? 118 ILE A CB  1 
ATOM   747  C CG1 . ILE A 1 117 ? -6.412  -0.888  3.404   1.00 17.94 ? 118 ILE A CG1 1 
ATOM   748  C CG2 . ILE A 1 117 ? -5.010  -0.969  1.226   1.00 19.66 ? 118 ILE A CG2 1 
ATOM   749  C CD1 . ILE A 1 117 ? -7.658  -0.043  2.945   1.00 19.45 ? 118 ILE A CD1 1 
ATOM   750  N N   . GLU A 1 118 ? -1.757  -1.307  2.352   1.00 20.28 ? 119 GLU A N   1 
ATOM   751  C CA  . GLU A 1 118 ? -0.551  -0.825  1.744   1.00 21.63 ? 119 GLU A CA  1 
ATOM   752  C C   . GLU A 1 118 ? -0.752  -0.935  0.242   1.00 20.81 ? 119 GLU A C   1 
ATOM   753  O O   . GLU A 1 118 ? -1.018  -2.037  -0.255  1.00 20.23 ? 119 GLU A O   1 
ATOM   754  C CB  . GLU A 1 118 ? 0.619   -1.727  2.191   1.00 22.72 ? 119 GLU A CB  1 
ATOM   755  C CG  . GLU A 1 118 ? 1.978   -1.256  1.747   1.00 29.01 ? 119 GLU A CG  1 
ATOM   756  C CD  . GLU A 1 118 ? 3.006   -2.382  1.764   1.00 39.44 ? 119 GLU A CD  1 
ATOM   757  O OE1 . GLU A 1 118 ? 2.722   -3.469  2.353   1.00 41.75 ? 119 GLU A OE1 1 
ATOM   758  O OE2 . GLU A 1 118 ? 4.108   -2.165  1.204   1.00 43.42 ? 119 GLU A OE2 1 
ATOM   759  N N   . VAL A 1 119 ? -0.646  0.191   -0.471  1.00 19.27 ? 120 VAL A N   1 
ATOM   760  C CA  . VAL A 1 119 ? -0.842  0.216   -1.936  1.00 18.67 ? 120 VAL A CA  1 
ATOM   761  C C   . VAL A 1 119 ? 0.095   1.216   -2.601  1.00 18.20 ? 120 VAL A C   1 
ATOM   762  O O   . VAL A 1 119 ? 0.617   2.116   -1.927  1.00 17.91 ? 120 VAL A O   1 
ATOM   763  C CB  . VAL A 1 119 ? -2.302  0.656   -2.320  1.00 19.45 ? 120 VAL A CB  1 
ATOM   764  C CG1 . VAL A 1 119 ? -3.235  -0.480  -2.210  1.00 21.47 ? 120 VAL A CG1 1 
ATOM   765  C CG2 . VAL A 1 119 ? -2.761  1.835   -1.438  1.00 18.56 ? 120 VAL A CG2 1 
ATOM   766  N N   . ASP A 1 120 ? 0.308   1.069   -3.913  1.00 17.76 ? 121 ASP A N   1 
ATOM   767  C CA  . ASP A 1 120 ? 0.983   2.106   -4.700  1.00 17.80 ? 121 ASP A CA  1 
ATOM   768  C C   . ASP A 1 120 ? 0.104   3.358   -4.784  1.00 17.71 ? 121 ASP A C   1 
ATOM   769  O O   . ASP A 1 120 ? -1.032  3.363   -4.287  1.00 16.46 ? 121 ASP A O   1 
ATOM   770  C CB  . ASP A 1 120 ? 1.418   1.594   -6.091  1.00 18.30 ? 121 ASP A CB  1 
ATOM   771  C CG  . ASP A 1 120 ? 0.240   1.210   -7.008  1.00 21.31 ? 121 ASP A CG  1 
ATOM   772  O OD1 . ASP A 1 120 ? -0.933  1.562   -6.732  1.00 20.17 ? 121 ASP A OD1 1 
ATOM   773  O OD2 . ASP A 1 120 ? 0.506   0.565   -8.057  1.00 23.81 ? 121 ASP A OD2 1 
ATOM   774  N N   . LEU A 1 121 ? 0.657   4.418   -5.362  1.00 17.26 ? 122 LEU A N   1 
ATOM   775  C CA  . LEU A 1 121 ? 0.007   5.720   -5.354  1.00 16.71 ? 122 LEU A CA  1 
ATOM   776  C C   . LEU A 1 121 ? -1.312  5.715   -6.129  1.00 16.47 ? 122 LEU A C   1 
ATOM   777  O O   . LEU A 1 121 ? -2.245  6.346   -5.696  1.00 16.72 ? 122 LEU A O   1 
ATOM   778  C CB  . LEU A 1 121 ? 0.949   6.790   -5.891  1.00 16.70 ? 122 LEU A CB  1 
ATOM   779  C CG  . LEU A 1 121 ? 2.212   7.006   -5.037  1.00 18.27 ? 122 LEU A CG  1 
ATOM   780  C CD1 . LEU A 1 121 ? 3.229   7.752   -5.841  1.00 19.67 ? 122 LEU A CD1 1 
ATOM   781  C CD2 . LEU A 1 121 ? 1.927   7.703   -3.736  1.00 18.73 ? 122 LEU A CD2 1 
ATOM   782  N N   . ALA A 1 122 ? -1.388  5.012   -7.255  1.00 15.90 ? 123 ALA A N   1 
ATOM   783  C CA  . ALA A 1 122 ? -2.654  4.894   -7.985  1.00 16.59 ? 123 ALA A CA  1 
ATOM   784  C C   . ALA A 1 122 ? -3.751  4.204   -7.141  1.00 16.83 ? 123 ALA A C   1 
ATOM   785  O O   . ALA A 1 122 ? -4.884  4.632   -7.139  1.00 17.27 ? 123 ALA A O   1 
ATOM   786  C CB  . ALA A 1 122 ? -2.434  4.180   -9.346  1.00 17.25 ? 123 ALA A CB  1 
ATOM   787  N N   . GLY A 1 123 ? -3.389  3.156   -6.396  1.00 17.29 ? 124 GLY A N   1 
ATOM   788  C CA  . GLY A 1 123 ? -4.290  2.475   -5.485  1.00 16.78 ? 124 GLY A CA  1 
ATOM   789  C C   . GLY A 1 123 ? -4.764  3.390   -4.366  1.00 17.99 ? 124 GLY A C   1 
ATOM   790  O O   . GLY A 1 123 ? -5.943  3.375   -4.007  1.00 17.19 ? 124 GLY A O   1 
ATOM   791  N N   . ALA A 1 124 ? -3.862  4.188   -3.801  1.00 18.55 ? 125 ALA A N   1 
ATOM   792  C CA  . ALA A 1 124 ? -4.256  5.114   -2.732  1.00 20.50 ? 125 ALA A CA  1 
ATOM   793  C C   . ALA A 1 124 ? -5.233  6.186   -3.256  1.00 21.34 ? 125 ALA A C   1 
ATOM   794  O O   . ALA A 1 124 ? -6.236  6.450   -2.604  1.00 21.42 ? 125 ALA A O   1 
ATOM   795  C CB  . ALA A 1 124 ? -3.062  5.759   -2.084  1.00 20.08 ? 125 ALA A CB  1 
ATOM   796  N N   . ARG A 1 125 ? -4.919  6.789   -4.403  1.00 22.14 ? 126 ARG A N   1 
ATOM   797  C CA  . ARG A 1 125 ? -5.849  7.711   -5.084  1.00 24.17 ? 126 ARG A CA  1 
ATOM   798  C C   . ARG A 1 125 ? -7.230  7.073   -5.296  1.00 23.82 ? 126 ARG A C   1 
ATOM   799  O O   . ARG A 1 125 ? -8.257  7.705   -5.010  1.00 24.88 ? 126 ARG A O   1 
ATOM   800  C CB  . ARG A 1 125 ? -5.299  8.188   -6.419  1.00 24.12 ? 126 ARG A CB  1 
ATOM   801  C CG  . ARG A 1 125 ? -4.517  9.461   -6.294  1.00 27.93 ? 126 ARG A CG  1 
ATOM   802  C CD  . ARG A 1 125 ? -3.843  9.867   -7.600  1.00 32.21 ? 126 ARG A CD  1 
ATOM   803  N NE  . ARG A 1 125 ? -2.455  10.227  -7.312  1.00 36.27 ? 126 ARG A NE  1 
ATOM   804  C CZ  . ARG A 1 125 ? -1.387  9.675   -7.895  1.00 39.08 ? 126 ARG A CZ  1 
ATOM   805  N NH1 . ARG A 1 125 ? -0.179  10.084  -7.512  1.00 36.96 ? 126 ARG A NH1 1 
ATOM   806  N NH2 . ARG A 1 125 ? -1.520  8.739   -8.869  1.00 37.10 ? 126 ARG A NH2 1 
ATOM   807  N N   . ALA A 1 126 ? -7.261  5.830   -5.768  1.00 22.60 ? 127 ALA A N   1 
ATOM   808  C CA  . ALA A 1 126 ? -8.548  5.132   -5.960  1.00 22.23 ? 127 ALA A CA  1 
ATOM   809  C C   . ALA A 1 126 ? -9.337  4.935   -4.650  1.00 22.46 ? 127 ALA A C   1 
ATOM   810  O O   . ALA A 1 126 ? -10.562 5.158   -4.624  1.00 21.32 ? 127 ALA A O   1 
ATOM   811  C CB  . ALA A 1 126 ? -8.346  3.789   -6.690  1.00 21.15 ? 127 ALA A CB  1 
ATOM   812  N N   . ILE A 1 127 ? -8.644  4.524   -3.578  1.00 22.39 ? 128 ILE A N   1 
ATOM   813  C CA  . ILE A 1 127 ? -9.276  4.296   -2.267  1.00 23.54 ? 128 ILE A CA  1 
ATOM   814  C C   . ILE A 1 127 ? -9.846  5.592   -1.648  1.00 25.40 ? 128 ILE A C   1 
ATOM   815  O O   . ILE A 1 127 ? -10.900 5.562   -0.997  1.00 25.58 ? 128 ILE A O   1 
ATOM   816  C CB  . ILE A 1 127 ? -8.339  3.577   -1.258  1.00 24.30 ? 128 ILE A CB  1 
ATOM   817  C CG1 . ILE A 1 127 ? -7.992  2.163   -1.759  1.00 23.43 ? 128 ILE A CG1 1 
ATOM   818  C CG2 . ILE A 1 127 ? -8.995  3.488   0.164   1.00 23.42 ? 128 ILE A CG2 1 
ATOM   819  C CD1 . ILE A 1 127 ? -6.911  1.481   -0.945  1.00 20.09 ? 128 ILE A CD1 1 
ATOM   820  N N   . LYS A 1 128 ? -9.213  6.736   -1.897  1.00 25.92 ? 129 LYS A N   1 
ATOM   821  C CA  . LYS A 1 128 ? -9.811  7.973   -1.396  1.00 27.35 ? 129 LYS A CA  1 
ATOM   822  C C   . LYS A 1 128 ? -11.173 8.275   -2.037  1.00 26.72 ? 129 LYS A C   1 
ATOM   823  O O   . LYS A 1 128 ? -12.047 8.834   -1.382  1.00 27.43 ? 129 LYS A O   1 
ATOM   824  C CB  . LYS A 1 128 ? -8.865  9.167   -1.482  1.00 27.70 ? 129 LYS A CB  1 
ATOM   825  C CG  . LYS A 1 128 ? -9.236  10.290  -0.471  1.00 31.55 ? 129 LYS A CG  1 
ATOM   826  C CD  . LYS A 1 128 ? -9.068  9.842   1.023   1.00 31.25 ? 129 LYS A CD  1 
ATOM   827  C CE  . LYS A 1 128 ? -9.415  11.018  1.961   1.00 33.09 ? 129 LYS A CE  1 
ATOM   828  N NZ  . LYS A 1 128 ? -9.501  10.702  3.440   1.00 31.09 ? 129 LYS A NZ  1 
ATOM   829  N N   . LYS A 1 129 ? -11.378 7.860   -3.283  1.00 26.32 ? 130 LYS A N   1 
ATOM   830  C CA  . LYS A 1 129 ? -12.688 8.024   -3.934  1.00 25.46 ? 130 LYS A CA  1 
ATOM   831  C C   . LYS A 1 129 ? -13.733 7.048   -3.399  1.00 24.63 ? 130 LYS A C   1 
ATOM   832  O O   . LYS A 1 129 ? -14.853 7.432   -3.098  1.00 24.40 ? 130 LYS A O   1 
ATOM   833  C CB  . LYS A 1 129 ? -12.565 7.919   -5.457  1.00 25.88 ? 130 LYS A CB  1 
ATOM   834  C CG  . LYS A 1 129 ? -11.534 8.885   -6.032  1.00 29.15 ? 130 LYS A CG  1 
ATOM   835  C CD  . LYS A 1 129 ? -11.397 8.809   -7.553  1.00 33.92 ? 130 LYS A CD  1 
ATOM   836  C CE  . LYS A 1 129 ? -12.157 9.986   -8.190  1.00 38.30 ? 130 LYS A CE  1 
ATOM   837  N NZ  . LYS A 1 129 ? -11.310 10.753  -9.190  1.00 38.95 ? 130 LYS A NZ  1 
ATOM   838  N N   . THR A 1 130 ? -13.357 5.782   -3.272  1.00 23.75 ? 131 THR A N   1 
ATOM   839  C CA  . THR A 1 130 ? -14.283 4.734   -2.865  1.00 23.50 ? 131 THR A CA  1 
ATOM   840  C C   . THR A 1 130 ? -14.489 4.669   -1.341  1.00 23.23 ? 131 THR A C   1 
ATOM   841  O O   . THR A 1 130 ? -15.514 4.160   -0.885  1.00 23.02 ? 131 THR A O   1 
ATOM   842  C CB  . THR A 1 130 ? -13.809 3.359   -3.378  1.00 23.30 ? 131 THR A CB  1 
ATOM   843  O OG1 . THR A 1 130 ? -12.492 3.116   -2.895  1.00 24.15 ? 131 THR A OG1 1 
ATOM   844  C CG2 . THR A 1 130 ? -13.764 3.332   -4.920  1.00 25.55 ? 131 THR A CG2 1 
ATOM   845  N N   . MET A 1 131 ? -13.526 5.164   -0.558  1.00 22.36 ? 132 MET A N   1 
ATOM   846  C CA  . MET A 1 131 ? -13.682 5.221   0.895   1.00 23.07 ? 132 MET A CA  1 
ATOM   847  C C   . MET A 1 131 ? -13.039 6.489   1.450   1.00 23.54 ? 132 MET A C   1 
ATOM   848  O O   . MET A 1 131 ? -11.906 6.444   1.956   1.00 23.73 ? 132 MET A O   1 
ATOM   849  C CB  . MET A 1 131 ? -13.078 3.962   1.561   1.00 23.35 ? 132 MET A CB  1 
ATOM   850  C CG  . MET A 1 131 ? -13.283 3.866   3.067   1.00 23.97 ? 132 MET A CG  1 
ATOM   851  S SD  . MET A 1 131 ? -12.667 2.308   3.722   1.00 26.68 ? 132 MET A SD  1 
ATOM   852  C CE  . MET A 1 131 ? -13.564 2.230   5.294   1.00 32.19 ? 132 MET A CE  1 
ATOM   853  N N   . PRO A 1 132 ? -13.740 7.630   1.348   1.00 24.22 ? 133 PRO A N   1 
ATOM   854  C CA  . PRO A 1 132 ? -13.111 8.892   1.786   1.00 24.71 ? 133 PRO A CA  1 
ATOM   855  C C   . PRO A 1 132 ? -12.749 8.990   3.267   1.00 24.81 ? 133 PRO A C   1 
ATOM   856  O O   . PRO A 1 132 ? -11.871 9.770   3.601   1.00 26.26 ? 133 PRO A O   1 
ATOM   857  C CB  . PRO A 1 132 ? -14.124 9.977   1.375   1.00 24.54 ? 133 PRO A CB  1 
ATOM   858  C CG  . PRO A 1 132 ? -15.373 9.266   1.086   1.00 24.76 ? 133 PRO A CG  1 
ATOM   859  C CD  . PRO A 1 132 ? -15.098 7.835   0.808   1.00 24.11 ? 133 PRO A CD  1 
ATOM   860  N N   . GLU A 1 133 ? -13.379 8.201   4.134   1.00 24.79 ? 134 GLU A N   1 
ATOM   861  C CA  . GLU A 1 133 ? -13.042 8.201   5.564   1.00 25.65 ? 134 GLU A CA  1 
ATOM   862  C C   . GLU A 1 133 ? -11.731 7.455   5.897   1.00 24.91 ? 134 GLU A C   1 
ATOM   863  O O   . GLU A 1 133 ? -11.248 7.503   7.030   1.00 25.08 ? 134 GLU A O   1 
ATOM   864  C CB  . GLU A 1 133 ? -14.205 7.652   6.418   1.00 26.31 ? 134 GLU A CB  1 
ATOM   865  C CG  . GLU A 1 133 ? -14.397 6.116   6.337   1.00 28.66 ? 134 GLU A CG  1 
ATOM   866  C CD  . GLU A 1 133 ? -15.414 5.666   5.270   1.00 31.37 ? 134 GLU A CD  1 
ATOM   867  O OE1 . GLU A 1 133 ? -15.606 6.346   4.222   1.00 28.70 ? 134 GLU A OE1 1 
ATOM   868  O OE2 . GLU A 1 133 ? -16.022 4.591   5.491   1.00 33.82 ? 134 GLU A OE2 1 
ATOM   869  N N   . ALA A 1 134 ? -11.162 6.755   4.920   1.00 23.92 ? 135 ALA A N   1 
ATOM   870  C CA  . ALA A 1 134 ? -9.819  6.191   5.085   1.00 23.49 ? 135 ALA A CA  1 
ATOM   871  C C   . ALA A 1 134 ? -8.806  7.342   5.171   1.00 22.77 ? 135 ALA A C   1 
ATOM   872  O O   . ALA A 1 134 ? -8.916  8.325   4.447   1.00 22.55 ? 135 ALA A O   1 
ATOM   873  C CB  . ALA A 1 134 ? -9.475  5.252   3.907   1.00 23.19 ? 135 ALA A CB  1 
ATOM   874  N N   . VAL A 1 135 ? -7.809  7.208   6.035   1.00 22.71 ? 136 VAL A N   1 
ATOM   875  C CA  . VAL A 1 135 ? -6.724  8.196   6.124   1.00 23.12 ? 136 VAL A CA  1 
ATOM   876  C C   . VAL A 1 135 ? -5.542  7.782   5.254   1.00 22.17 ? 136 VAL A C   1 
ATOM   877  O O   . VAL A 1 135 ? -4.948  6.719   5.477   1.00 22.32 ? 136 VAL A O   1 
ATOM   878  C CB  . VAL A 1 135 ? -6.231  8.381   7.576   1.00 23.63 ? 136 VAL A CB  1 
ATOM   879  C CG1 . VAL A 1 135 ? -5.072  9.431   7.615   1.00 24.53 ? 136 VAL A CG1 1 
ATOM   880  C CG2 . VAL A 1 135 ? -7.411  8.825   8.477   1.00 24.69 ? 136 VAL A CG2 1 
ATOM   881  N N   . THR A 1 136 ? -5.221  8.609   4.258   1.00 21.34 ? 137 THR A N   1 
ATOM   882  C CA  . THR A 1 136 ? -4.141  8.289   3.324   1.00 20.98 ? 137 THR A CA  1 
ATOM   883  C C   . THR A 1 136 ? -2.844  8.926   3.840   1.00 20.69 ? 137 THR A C   1 
ATOM   884  O O   . THR A 1 136 ? -2.798  10.110  4.209   1.00 19.89 ? 137 THR A O   1 
ATOM   885  C CB  . THR A 1 136 ? -4.453  8.774   1.881   1.00 21.47 ? 137 THR A CB  1 
ATOM   886  O OG1 . THR A 1 136 ? -4.783  10.158  1.921   1.00 20.40 ? 137 THR A OG1 1 
ATOM   887  C CG2 . THR A 1 136 ? -5.670  8.009   1.288   1.00 22.38 ? 137 THR A CG2 1 
ATOM   888  N N   . VAL A 1 137 ? -1.784  8.133   3.831   1.00 20.11 ? 138 VAL A N   1 
ATOM   889  C CA  . VAL A 1 137 ? -0.499  8.571   4.352   1.00 19.57 ? 138 VAL A CA  1 
ATOM   890  C C   . VAL A 1 137 ? 0.564   8.298   3.307   1.00 18.83 ? 138 VAL A C   1 
ATOM   891  O O   . VAL A 1 137 ? 0.637   7.205   2.760   1.00 19.20 ? 138 VAL A O   1 
ATOM   892  C CB  . VAL A 1 137 ? -0.130  7.769   5.636   1.00 19.79 ? 138 VAL A CB  1 
ATOM   893  C CG1 . VAL A 1 137 ? 1.241   8.228   6.187   1.00 20.06 ? 138 VAL A CG1 1 
ATOM   894  C CG2 . VAL A 1 137 ? -1.229  7.872   6.684   1.00 18.71 ? 138 VAL A CG2 1 
ATOM   895  N N   . PHE A 1 138 ? 1.370   9.304   3.032   1.00 19.10 ? 139 PHE A N   1 
ATOM   896  C CA  . PHE A 1 138 ? 2.492   9.211   2.109   1.00 18.79 ? 139 PHE A CA  1 
ATOM   897  C C   . PHE A 1 138 ? 3.747   9.146   2.965   1.00 18.49 ? 139 PHE A C   1 
ATOM   898  O O   . PHE A 1 138 ? 4.052   10.070  3.747   1.00 18.40 ? 139 PHE A O   1 
ATOM   899  C CB  . PHE A 1 138 ? 2.497   10.468  1.244   1.00 18.27 ? 139 PHE A CB  1 
ATOM   900  C CG  . PHE A 1 138 ? 3.520   10.481  0.135   1.00 19.47 ? 139 PHE A CG  1 
ATOM   901  C CD1 . PHE A 1 138 ? 3.137   10.213  -1.171  1.00 19.22 ? 139 PHE A CD1 1 
ATOM   902  C CD2 . PHE A 1 138 ? 4.834   10.844  0.378   1.00 19.99 ? 139 PHE A CD2 1 
ATOM   903  C CE1 . PHE A 1 138 ? 4.057   10.287  -2.217  1.00 21.37 ? 139 PHE A CE1 1 
ATOM   904  C CE2 . PHE A 1 138 ? 5.768   10.910  -0.668  1.00 21.90 ? 139 PHE A CE2 1 
ATOM   905  C CZ  . PHE A 1 138 ? 5.371   10.628  -1.965  1.00 20.62 ? 139 PHE A CZ  1 
ATOM   906  N N   . LEU A 1 139 ? 4.482   8.062   2.800   1.00 18.53 ? 140 LEU A N   1 
ATOM   907  C CA  . LEU A 1 139 ? 5.748   7.883   3.491   1.00 18.67 ? 140 LEU A CA  1 
ATOM   908  C C   . LEU A 1 139 ? 6.848   8.539   2.659   1.00 19.20 ? 140 LEU A C   1 
ATOM   909  O O   . LEU A 1 139 ? 7.224   8.014   1.622   1.00 19.22 ? 140 LEU A O   1 
ATOM   910  C CB  . LEU A 1 139 ? 6.038   6.385   3.679   1.00 18.90 ? 140 LEU A CB  1 
ATOM   911  C CG  . LEU A 1 139 ? 7.249   6.070   4.563   1.00 20.51 ? 140 LEU A CG  1 
ATOM   912  C CD1 . LEU A 1 139 ? 7.013   6.685   5.967   1.00 19.36 ? 140 LEU A CD1 1 
ATOM   913  C CD2 . LEU A 1 139 ? 7.436   4.577   4.630   1.00 19.93 ? 140 LEU A CD2 1 
ATOM   914  N N   . ALA A 1 140 ? 7.350   9.686   3.116   1.00 18.38 ? 141 ALA A N   1 
ATOM   915  C CA  . ALA A 1 140 ? 8.297   10.485  2.325   1.00 18.01 ? 141 ALA A CA  1 
ATOM   916  C C   . ALA A 1 140 ? 9.721   10.183  2.811   1.00 17.85 ? 141 ALA A C   1 
ATOM   917  O O   . ALA A 1 140 ? 9.913   9.807   3.984   1.00 18.20 ? 141 ALA A O   1 
ATOM   918  C CB  . ALA A 1 140 ? 7.987   11.983  2.488   1.00 17.60 ? 141 ALA A CB  1 
ATOM   919  N N   . PRO A 1 141 ? 10.717  10.343  1.936   1.00 18.37 ? 142 PRO A N   1 
ATOM   920  C CA  . PRO A 1 141 ? 12.107  10.188  2.361   1.00 18.87 ? 142 PRO A CA  1 
ATOM   921  C C   . PRO A 1 141 ? 12.530  11.429  3.175   1.00 19.53 ? 142 PRO A C   1 
ATOM   922  O O   . PRO A 1 141 ? 11.905  12.475  3.024   1.00 18.22 ? 142 PRO A O   1 
ATOM   923  C CB  . PRO A 1 141 ? 12.858  10.134  1.037   1.00 18.95 ? 142 PRO A CB  1 
ATOM   924  C CG  . PRO A 1 141 ? 12.039  11.016  0.141   1.00 19.86 ? 142 PRO A CG  1 
ATOM   925  C CD  . PRO A 1 141 ? 10.621  10.720  0.513   1.00 18.28 ? 142 PRO A CD  1 
ATOM   926  N N   . PRO A 1 142 ? 13.602  11.329  4.007   1.00 20.91 ? 143 PRO A N   1 
ATOM   927  C CA  . PRO A 1 142 ? 13.983  12.534  4.759   1.00 21.36 ? 143 PRO A CA  1 
ATOM   928  C C   . PRO A 1 142 ? 14.605  13.615  3.864   1.00 22.34 ? 143 PRO A C   1 
ATOM   929  O O   . PRO A 1 142 ? 14.674  14.785  4.267   1.00 22.25 ? 143 PRO A O   1 
ATOM   930  C CB  . PRO A 1 142 ? 14.982  12.023  5.813   1.00 21.99 ? 143 PRO A CB  1 
ATOM   931  C CG  . PRO A 1 142 ? 15.487  10.709  5.287   1.00 22.34 ? 143 PRO A CG  1 
ATOM   932  C CD  . PRO A 1 142 ? 14.481  10.173  4.287   1.00 20.85 ? 143 PRO A CD  1 
ATOM   933  N N   . SER A 1 143 ? 15.035  13.232  2.662   1.00 21.17 ? 144 SER A N   1 
ATOM   934  C CA  . SER A 1 143 ? 15.576  14.182  1.711   1.00 21.75 ? 144 SER A CA  1 
ATOM   935  C C   . SER A 1 143 ? 15.634  13.554  0.351   1.00 20.98 ? 144 SER A C   1 
ATOM   936  O O   . SER A 1 143 ? 15.594  12.318  0.223   1.00 20.45 ? 144 SER A O   1 
ATOM   937  C CB  . SER A 1 143 ? 16.995  14.657  2.126   1.00 21.91 ? 144 SER A CB  1 
ATOM   938  O OG  . SER A 1 143 ? 17.957  13.634  1.919   1.00 21.53 ? 144 SER A OG  1 
ATOM   939  N N   . TRP A 1 144 ? 15.760  14.395  -0.672  1.00 20.95 ? 145 TRP A N   1 
ATOM   940  C CA  . TRP A 1 144 ? 16.050  13.884  -2.002  1.00 20.85 ? 145 TRP A CA  1 
ATOM   941  C C   . TRP A 1 144 ? 17.322  13.000  -2.065  1.00 21.09 ? 145 TRP A C   1 
ATOM   942  O O   . TRP A 1 144 ? 17.302  11.916  -2.671  1.00 20.11 ? 145 TRP A O   1 
ATOM   943  C CB  . TRP A 1 144 ? 16.124  14.998  -3.056  1.00 21.49 ? 145 TRP A CB  1 
ATOM   944  C CG  . TRP A 1 144 ? 16.593  14.415  -4.384  1.00 20.33 ? 145 TRP A CG  1 
ATOM   945  C CD1 . TRP A 1 144 ? 17.833  14.560  -4.956  1.00 21.89 ? 145 TRP A CD1 1 
ATOM   946  C CD2 . TRP A 1 144 ? 15.845  13.562  -5.258  1.00 22.01 ? 145 TRP A CD2 1 
ATOM   947  N NE1 . TRP A 1 144 ? 17.889  13.869  -6.156  1.00 19.87 ? 145 TRP A NE1 1 
ATOM   948  C CE2 . TRP A 1 144 ? 16.688  13.237  -6.353  1.00 20.61 ? 145 TRP A CE2 1 
ATOM   949  C CE3 . TRP A 1 144 ? 14.520  13.052  -5.239  1.00 23.11 ? 145 TRP A CE3 1 
ATOM   950  C CZ2 . TRP A 1 144 ? 16.258  12.424  -7.414  1.00 21.99 ? 145 TRP A CZ2 1 
ATOM   951  C CZ3 . TRP A 1 144 ? 14.101  12.228  -6.292  1.00 23.72 ? 145 TRP A CZ3 1 
ATOM   952  C CH2 . TRP A 1 144 ? 14.965  11.923  -7.364  1.00 22.84 ? 145 TRP A CH2 1 
ATOM   953  N N   . GLN A 1 145 ? 18.423  13.491  -1.490  1.00 21.49 ? 146 GLN A N   1 
ATOM   954  C CA  . GLN A 1 145 ? 19.702  12.782  -1.549  1.00 22.70 ? 146 GLN A CA  1 
ATOM   955  C C   . GLN A 1 145 ? 19.647  11.405  -0.872  1.00 22.62 ? 146 GLN A C   1 
ATOM   956  O O   . GLN A 1 145 ? 20.227  10.454  -1.365  1.00 23.57 ? 146 GLN A O   1 
ATOM   957  C CB  . GLN A 1 145 ? 20.837  13.649  -0.975  1.00 23.94 ? 146 GLN A CB  1 
ATOM   958  C CG  . GLN A 1 145 ? 21.231  14.778  -1.957  1.00 25.07 ? 146 GLN A CG  1 
ATOM   959  C CD  . GLN A 1 145 ? 22.182  15.773  -1.339  1.00 27.49 ? 146 GLN A CD  1 
ATOM   960  O OE1 . GLN A 1 145 ? 22.730  15.515  -0.288  1.00 32.90 ? 146 GLN A OE1 1 
ATOM   961  N NE2 . GLN A 1 145 ? 22.406  16.909  -2.002  1.00 28.05 ? 146 GLN A NE2 1 
ATOM   962  N N   . ASP A 1 146 ? 18.875  11.289  0.190   1.00 22.67 ? 147 ASP A N   1 
ATOM   963  C CA  . ASP A 1 146 ? 18.636  9.996   0.842   1.00 23.51 ? 147 ASP A CA  1 
ATOM   964  C C   . ASP A 1 146 ? 17.941  9.016   -0.146  1.00 22.94 ? 147 ASP A C   1 
ATOM   965  O O   . ASP A 1 146 ? 18.391  7.893   -0.321  1.00 22.74 ? 147 ASP A O   1 
ATOM   966  C CB  . ASP A 1 146 ? 17.837  10.254  2.130   1.00 24.23 ? 147 ASP A CB  1 
ATOM   967  C CG  . ASP A 1 146 ? 17.459  8.984   2.886   1.00 27.64 ? 147 ASP A CG  1 
ATOM   968  O OD1 . ASP A 1 146 ? 17.953  8.833   4.014   1.00 28.07 ? 147 ASP A OD1 1 
ATOM   969  O OD2 . ASP A 1 146 ? 16.643  8.162   2.380   1.00 31.39 ? 147 ASP A OD2 1 
ATOM   970  N N   . LEU A 1 147 ? 16.880  9.451   -0.815  1.00 22.20 ? 148 LEU A N   1 
ATOM   971  C CA  . LEU A 1 147 ? 16.205  8.587   -1.758  1.00 21.96 ? 148 LEU A CA  1 
ATOM   972  C C   . LEU A 1 147 ? 17.096  8.300   -2.982  1.00 22.18 ? 148 LEU A C   1 
ATOM   973  O O   . LEU A 1 147 ? 17.186  7.162   -3.422  1.00 21.84 ? 148 LEU A O   1 
ATOM   974  C CB  . LEU A 1 147 ? 14.892  9.225   -2.207  1.00 22.93 ? 148 LEU A CB  1 
ATOM   975  C CG  . LEU A 1 147 ? 13.987  8.488   -3.210  1.00 24.31 ? 148 LEU A CG  1 
ATOM   976  C CD1 . LEU A 1 147 ? 13.783  7.016   -2.822  1.00 26.12 ? 148 LEU A CD1 1 
ATOM   977  C CD2 . LEU A 1 147 ? 12.646  9.194   -3.390  1.00 24.07 ? 148 LEU A CD2 1 
ATOM   978  N N   . GLN A 1 148 ? 17.730  9.340   -3.534  1.00 21.45 ? 149 GLN A N   1 
ATOM   979  C CA  . GLN A 1 148 ? 18.631  9.146   -4.667  1.00 22.01 ? 149 GLN A CA  1 
ATOM   980  C C   . GLN A 1 148 ? 19.730  8.125   -4.364  1.00 22.38 ? 149 GLN A C   1 
ATOM   981  O O   . GLN A 1 148 ? 20.062  7.307   -5.234  1.00 22.08 ? 149 GLN A O   1 
ATOM   982  C CB  . GLN A 1 148 ? 19.253  10.476  -5.103  1.00 20.77 ? 149 GLN A CB  1 
ATOM   983  C CG  . GLN A 1 148 ? 20.192  10.375  -6.302  1.00 20.43 ? 149 GLN A CG  1 
ATOM   984  C CD  . GLN A 1 148 ? 20.809  11.719  -6.632  1.00 20.74 ? 149 GLN A CD  1 
ATOM   985  O OE1 . GLN A 1 148 ? 20.250  12.465  -7.426  1.00 20.26 ? 149 GLN A OE1 1 
ATOM   986  N NE2 . GLN A 1 148 ? 21.906  12.081  -5.944  1.00 18.02 ? 149 GLN A NE2 1 
ATOM   987  N N   . ALA A 1 149 ? 20.320  8.212   -3.164  1.00 22.39 ? 150 ALA A N   1 
ATOM   988  C CA  . ALA A 1 149 ? 21.361  7.263   -2.767  1.00 23.40 ? 150 ALA A CA  1 
ATOM   989  C C   . ALA A 1 149 ? 20.845  5.813   -2.803  1.00 23.66 ? 150 ALA A C   1 
ATOM   990  O O   . ALA A 1 149 ? 21.531  4.929   -3.289  1.00 23.39 ? 150 ALA A O   1 
ATOM   991  C CB  . ALA A 1 149 ? 21.928  7.601   -1.411  1.00 22.28 ? 150 ALA A CB  1 
ATOM   992  N N   . ARG A 1 150 ? 19.632  5.576   -2.312  1.00 24.96 ? 151 ARG A N   1 
ATOM   993  C CA  . ARG A 1 150 ? 19.060  4.229   -2.359  1.00 25.92 ? 151 ARG A CA  1 
ATOM   994  C C   . ARG A 1 150 ? 18.750  3.727   -3.777  1.00 25.96 ? 151 ARG A C   1 
ATOM   995  O O   . ARG A 1 150 ? 18.895  2.536   -4.046  1.00 25.54 ? 151 ARG A O   1 
ATOM   996  C CB  . ARG A 1 150 ? 17.817  4.154   -1.496  1.00 26.86 ? 151 ARG A CB  1 
ATOM   997  C CG  . ARG A 1 150 ? 18.198  4.132   -0.010  1.00 30.63 ? 151 ARG A CG  1 
ATOM   998  C CD  . ARG A 1 150 ? 17.013  4.056   0.923   1.00 34.41 ? 151 ARG A CD  1 
ATOM   999  N NE  . ARG A 1 150 ? 16.420  5.372   1.118   1.00 36.07 ? 151 ARG A NE  1 
ATOM   1000 C CZ  . ARG A 1 150 ? 15.203  5.701   0.698   1.00 39.12 ? 151 ARG A CZ  1 
ATOM   1001 N NH1 . ARG A 1 150 ? 14.472  4.793   0.056   1.00 38.93 ? 151 ARG A NH1 1 
ATOM   1002 N NH2 . ARG A 1 150 ? 14.726  6.931   0.911   1.00 38.25 ? 151 ARG A NH2 1 
ATOM   1003 N N   . LEU A 1 151 ? 18.313  4.637   -4.657  1.00 25.44 ? 152 LEU A N   1 
ATOM   1004 C CA  . LEU A 1 151 ? 18.001  4.298   -6.063  1.00 26.08 ? 152 LEU A CA  1 
ATOM   1005 C C   . LEU A 1 151 ? 19.251  3.990   -6.895  1.00 25.46 ? 152 LEU A C   1 
ATOM   1006 O O   . LEU A 1 151 ? 19.231  3.136   -7.771  1.00 26.08 ? 152 LEU A O   1 
ATOM   1007 C CB  . LEU A 1 151 ? 17.188  5.421   -6.730  1.00 25.84 ? 152 LEU A CB  1 
ATOM   1008 C CG  . LEU A 1 151 ? 15.778  5.634   -6.161  1.00 27.64 ? 152 LEU A CG  1 
ATOM   1009 C CD1 . LEU A 1 151 ? 15.129  6.869   -6.771  1.00 27.62 ? 152 LEU A CD1 1 
ATOM   1010 C CD2 . LEU A 1 151 ? 14.880  4.412   -6.344  1.00 24.95 ? 152 LEU A CD2 1 
ATOM   1011 N N   . ILE A 1 152 ? 20.327  4.720   -6.648  1.00 24.83 ? 153 ILE A N   1 
ATOM   1012 C CA  . ILE A 1 152 ? 21.629  4.373   -7.219  1.00 24.05 ? 153 ILE A CA  1 
ATOM   1013 C C   . ILE A 1 152 ? 22.083  3.029   -6.665  1.00 23.92 ? 153 ILE A C   1 
ATOM   1014 O O   . ILE A 1 152 ? 22.520  2.149   -7.425  1.00 24.55 ? 153 ILE A O   1 
ATOM   1015 C CB  . ILE A 1 152 ? 22.671  5.472   -6.928  1.00 23.75 ? 153 ILE A CB  1 
ATOM   1016 C CG1 . ILE A 1 152 ? 22.272  6.758   -7.678  1.00 24.30 ? 153 ILE A CG1 1 
ATOM   1017 C CG2 . ILE A 1 152 ? 24.100  5.035   -7.334  1.00 24.36 ? 153 ILE A CG2 1 
ATOM   1018 C CD1 . ILE A 1 152 ? 23.054  7.982   -7.218  1.00 23.01 ? 153 ILE A CD1 1 
ATOM   1019 N N   . GLY A 1 153 ? 21.981  2.876   -5.343  1.00 23.09 ? 154 GLY A N   1 
ATOM   1020 C CA  . GLY A 1 153 ? 22.309  1.624   -4.665  1.00 22.44 ? 154 GLY A CA  1 
ATOM   1021 C C   . GLY A 1 153 ? 23.769  1.239   -4.841  1.00 21.10 ? 154 GLY A C   1 
ATOM   1022 O O   . GLY A 1 153 ? 24.660  2.092   -4.738  1.00 20.63 ? 154 GLY A O   1 
ATOM   1023 N N   . ARG A 1 154 ? 24.003  -0.050  -5.092  1.00 19.92 ? 155 ARG A N   1 
ATOM   1024 C CA  . ARG A 1 154 ? 25.327  -0.564  -5.404  1.00 19.06 ? 155 ARG A CA  1 
ATOM   1025 C C   . ARG A 1 154 ? 25.742  -0.309  -6.876  1.00 18.42 ? 155 ARG A C   1 
ATOM   1026 O O   . ARG A 1 154 ? 26.807  -0.736  -7.304  1.00 17.39 ? 155 ARG A O   1 
ATOM   1027 C CB  . ARG A 1 154 ? 25.407  -2.069  -5.056  1.00 19.59 ? 155 ARG A CB  1 
ATOM   1028 C CG  . ARG A 1 154 ? 25.434  -2.440  -3.536  1.00 19.87 ? 155 ARG A CG  1 
ATOM   1029 C CD  . ARG A 1 154 ? 26.847  -2.601  -2.987  1.00 20.35 ? 155 ARG A CD  1 
ATOM   1030 N NE  . ARG A 1 154 ? 27.066  -3.880  -2.256  1.00 25.63 ? 155 ARG A NE  1 
ATOM   1031 C CZ  . ARG A 1 154 ? 27.949  -4.817  -2.609  1.00 23.84 ? 155 ARG A CZ  1 
ATOM   1032 N NH1 . ARG A 1 154 ? 28.731  -4.667  -3.672  1.00 22.95 ? 155 ARG A NH1 1 
ATOM   1033 N NH2 . ARG A 1 154 ? 28.076  -5.915  -1.883  1.00 29.74 ? 155 ARG A NH2 1 
ATOM   1034 N N   . GLY A 1 155 ? 24.912  0.412   -7.629  1.00 19.23 ? 156 GLY A N   1 
ATOM   1035 C CA  . GLY A 1 155 ? 25.220  0.791   -9.015  1.00 20.60 ? 156 GLY A CA  1 
ATOM   1036 C C   . GLY A 1 155 ? 25.285  -0.378  -10.000 1.00 21.93 ? 156 GLY A C   1 
ATOM   1037 O O   . GLY A 1 155 ? 26.093  -0.382  -10.941 1.00 22.13 ? 156 GLY A O   1 
ATOM   1038 N N   . THR A 1 156 ? 24.409  -1.354  -9.785  1.00 22.50 ? 157 THR A N   1 
ATOM   1039 C CA  . THR A 1 156 ? 24.315  -2.576  -10.582 1.00 23.73 ? 157 THR A CA  1 
ATOM   1040 C C   . THR A 1 156 ? 23.446  -2.392  -11.829 1.00 24.11 ? 157 THR A C   1 
ATOM   1041 O O   . THR A 1 156 ? 23.488  -3.205  -12.744 1.00 23.49 ? 157 THR A O   1 
ATOM   1042 C CB  . THR A 1 156 ? 23.681  -3.696  -9.727  1.00 23.88 ? 157 THR A CB  1 
ATOM   1043 O OG1 . THR A 1 156 ? 22.475  -3.197  -9.112  1.00 25.09 ? 157 THR A OG1 1 
ATOM   1044 C CG2 . THR A 1 156 ? 24.645  -4.157  -8.635  1.00 23.91 ? 157 THR A CG2 1 
ATOM   1045 N N   . GLU A 1 157 ? 22.653  -1.319  -11.839 1.00 25.31 ? 158 GLU A N   1 
ATOM   1046 C CA  . GLU A 1 157 ? 21.746  -0.983  -12.935 1.00 26.25 ? 158 GLU A CA  1 
ATOM   1047 C C   . GLU A 1 157 ? 22.396  -0.017  -13.939 1.00 25.74 ? 158 GLU A C   1 
ATOM   1048 O O   . GLU A 1 157 ? 23.356  0.654   -13.611 1.00 26.07 ? 158 GLU A O   1 
ATOM   1049 C CB  . GLU A 1 157 ? 20.435  -0.442  -12.362 1.00 26.32 ? 158 GLU A CB  1 
ATOM   1050 C CG  . GLU A 1 157 ? 19.503  -1.576  -11.892 1.00 32.46 ? 158 GLU A CG  1 
ATOM   1051 C CD  . GLU A 1 157 ? 18.670  -1.250  -10.651 1.00 38.37 ? 158 GLU A CD  1 
ATOM   1052 O OE1 . GLU A 1 157 ? 18.377  -0.054  -10.392 1.00 41.31 ? 158 GLU A OE1 1 
ATOM   1053 O OE2 . GLU A 1 157 ? 18.305  -2.214  -9.917  1.00 41.37 ? 158 GLU A OE2 1 
ATOM   1054 N N   . THR A 1 158 ? 21.894  0.025   -15.173 1.00 25.48 ? 159 THR A N   1 
ATOM   1055 C CA  . THR A 1 158 ? 22.433  0.934   -16.195 1.00 24.64 ? 159 THR A CA  1 
ATOM   1056 C C   . THR A 1 158 ? 22.048  2.392   -15.870 1.00 24.33 ? 159 THR A C   1 
ATOM   1057 O O   . THR A 1 158 ? 21.109  2.644   -15.113 1.00 24.02 ? 159 THR A O   1 
ATOM   1058 C CB  . THR A 1 158 ? 21.906  0.621   -17.614 1.00 24.49 ? 159 THR A CB  1 
ATOM   1059 O OG1 . THR A 1 158 ? 20.487  0.770   -17.624 1.00 23.05 ? 159 THR A OG1 1 
ATOM   1060 C CG2 . THR A 1 158 ? 22.300  -0.817  -18.100 1.00 25.81 ? 159 THR A CG2 1 
ATOM   1061 N N   . ALA A 1 159 ? 22.786  3.336   -16.450 1.00 23.90 ? 160 ALA A N   1 
ATOM   1062 C CA  . ALA A 1 159 ? 22.494  4.761   -16.338 1.00 22.89 ? 160 ALA A CA  1 
ATOM   1063 C C   . ALA A 1 159 ? 21.070  5.088   -16.811 1.00 22.50 ? 160 ALA A C   1 
ATOM   1064 O O   . ALA A 1 159 ? 20.395  5.875   -16.167 1.00 22.41 ? 160 ALA A O   1 
ATOM   1065 C CB  . ALA A 1 159 ? 23.513  5.575   -17.134 1.00 22.57 ? 160 ALA A CB  1 
ATOM   1066 N N   . ASP A 1 160 ? 20.616  4.476   -17.913 1.00 21.98 ? 161 ASP A N   1 
ATOM   1067 C CA  . ASP A 1 160 ? 19.241  4.694   -18.406 1.00 22.62 ? 161 ASP A CA  1 
ATOM   1068 C C   . ASP A 1 160 ? 18.193  4.240   -17.385 1.00 21.65 ? 161 ASP A C   1 
ATOM   1069 O O   . ASP A 1 160 ? 17.202  4.940   -17.155 1.00 21.84 ? 161 ASP A O   1 
ATOM   1070 C CB  . ASP A 1 160 ? 18.982  4.012   -19.775 1.00 22.98 ? 161 ASP A CB  1 
ATOM   1071 C CG  . ASP A 1 160 ? 19.683  4.735   -20.930 1.00 27.56 ? 161 ASP A CG  1 
ATOM   1072 O OD1 . ASP A 1 160 ? 19.948  5.964   -20.818 1.00 31.67 ? 161 ASP A OD1 1 
ATOM   1073 O OD2 . ASP A 1 160 ? 19.977  4.087   -21.958 1.00 31.21 ? 161 ASP A OD2 1 
ATOM   1074 N N   . VAL A 1 161 ? 18.417  3.072   -16.784 1.00 20.85 ? 162 VAL A N   1 
ATOM   1075 C CA  . VAL A 1 161 ? 17.520  2.549   -15.742 1.00 20.98 ? 162 VAL A CA  1 
ATOM   1076 C C   . VAL A 1 161 ? 17.494  3.455   -14.498 1.00 20.51 ? 162 VAL A C   1 
ATOM   1077 O O   . VAL A 1 161 ? 16.433  3.801   -13.981 1.00 20.34 ? 162 VAL A O   1 
ATOM   1078 C CB  . VAL A 1 161 ? 17.855  1.074   -15.398 1.00 20.86 ? 162 VAL A CB  1 
ATOM   1079 C CG1 . VAL A 1 161 ? 17.127  0.625   -14.127 1.00 21.94 ? 162 VAL A CG1 1 
ATOM   1080 C CG2 . VAL A 1 161 ? 17.497  0.158   -16.592 1.00 20.37 ? 162 VAL A CG2 1 
ATOM   1081 N N   . ILE A 1 162 ? 18.663  3.857   -14.029 1.00 20.44 ? 163 ILE A N   1 
ATOM   1082 C CA  . ILE A 1 162 ? 18.740  4.755   -12.886 1.00 20.46 ? 163 ILE A CA  1 
ATOM   1083 C C   . ILE A 1 162 ? 18.102  6.112   -13.222 1.00 20.41 ? 163 ILE A C   1 
ATOM   1084 O O   . ILE A 1 162 ? 17.367  6.663   -12.407 1.00 20.81 ? 163 ILE A O   1 
ATOM   1085 C CB  . ILE A 1 162 ? 20.224  4.961   -12.414 1.00 21.05 ? 163 ILE A CB  1 
ATOM   1086 C CG1 . ILE A 1 162 ? 20.849  3.609   -12.022 1.00 20.81 ? 163 ILE A CG1 1 
ATOM   1087 C CG2 . ILE A 1 162 ? 20.321  5.981   -11.223 1.00 21.23 ? 163 ILE A CG2 1 
ATOM   1088 C CD1 . ILE A 1 162 ? 22.381  3.685   -11.893 1.00 22.76 ? 163 ILE A CD1 1 
ATOM   1089 N N   . GLN A 1 163 ? 18.385  6.668   -14.401 1.00 19.70 ? 164 GLN A N   1 
ATOM   1090 C CA  . GLN A 1 163 ? 17.784  7.951   -14.759 1.00 20.25 ? 164 GLN A CA  1 
ATOM   1091 C C   . GLN A 1 163 ? 16.251  7.873   -14.702 1.00 20.84 ? 164 GLN A C   1 
ATOM   1092 O O   . GLN A 1 163 ? 15.591  8.775   -14.181 1.00 20.96 ? 164 GLN A O   1 
ATOM   1093 C CB  . GLN A 1 163 ? 18.214  8.402   -16.165 1.00 20.28 ? 164 GLN A CB  1 
ATOM   1094 C CG  . GLN A 1 163 ? 17.695  9.805   -16.501 1.00 23.72 ? 164 GLN A CG  1 
ATOM   1095 C CD  . GLN A 1 163 ? 18.242  10.864  -15.555 1.00 24.90 ? 164 GLN A CD  1 
ATOM   1096 O OE1 . GLN A 1 163 ? 19.373  11.301  -15.721 1.00 27.83 ? 164 GLN A OE1 1 
ATOM   1097 N NE2 . GLN A 1 163 ? 17.431  11.302  -14.572 1.00 27.55 ? 164 GLN A NE2 1 
ATOM   1098 N N   . ARG A 1 164 ? 15.691  6.811   -15.272 1.00 20.49 ? 165 ARG A N   1 
ATOM   1099 C CA  . ARG A 1 164 ? 14.246  6.580   -15.220 1.00 21.16 ? 165 ARG A CA  1 
ATOM   1100 C C   . ARG A 1 164 ? 13.723  6.489   -13.780 1.00 20.85 ? 165 ARG A C   1 
ATOM   1101 O O   . ARG A 1 164 ? 12.665  7.039   -13.467 1.00 20.13 ? 165 ARG A O   1 
ATOM   1102 C CB  . ARG A 1 164 ? 13.880  5.321   -16.001 1.00 21.40 ? 165 ARG A CB  1 
ATOM   1103 C CG  . ARG A 1 164 ? 12.413  4.939   -15.868 1.00 24.50 ? 165 ARG A CG  1 
ATOM   1104 C CD  . ARG A 1 164 ? 12.024  3.914   -16.897 1.00 28.25 ? 165 ARG A CD  1 
ATOM   1105 N NE  . ARG A 1 164 ? 10.647  3.485   -16.680 1.00 31.02 ? 165 ARG A NE  1 
ATOM   1106 C CZ  . ARG A 1 164 ? 9.935   2.721   -17.510 1.00 30.76 ? 165 ARG A CZ  1 
ATOM   1107 N NH1 . ARG A 1 164 ? 10.455  2.305   -18.665 1.00 33.22 ? 165 ARG A NH1 1 
ATOM   1108 N NH2 . ARG A 1 164 ? 8.684   2.401   -17.196 1.00 28.29 ? 165 ARG A NH2 1 
ATOM   1109 N N   . ARG A 1 165 ? 14.471  5.811   -12.909 1.00 20.20 ? 166 ARG A N   1 
ATOM   1110 C CA  . ARG A 1 165 ? 14.104  5.731   -11.480 1.00 21.38 ? 166 ARG A CA  1 
ATOM   1111 C C   . ARG A 1 165 ? 14.099  7.084   -10.786 1.00 20.97 ? 166 ARG A C   1 
ATOM   1112 O O   . ARG A 1 165 ? 13.207  7.355   -9.994  1.00 20.88 ? 166 ARG A O   1 
ATOM   1113 C CB  . ARG A 1 165 ? 15.027  4.762   -10.718 1.00 22.03 ? 166 ARG A CB  1 
ATOM   1114 C CG  . ARG A 1 165 ? 14.775  3.314   -11.070 1.00 23.68 ? 166 ARG A CG  1 
ATOM   1115 C CD  . ARG A 1 165 ? 15.459  2.347   -10.082 1.00 31.23 ? 166 ARG A CD  1 
ATOM   1116 N NE  . ARG A 1 165 ? 15.714  1.003   -10.653 1.00 34.83 ? 166 ARG A NE  1 
ATOM   1117 C CZ  . ARG A 1 165 ? 14.787  0.075   -10.949 1.00 40.70 ? 166 ARG A CZ  1 
ATOM   1118 N NH1 . ARG A 1 165 ? 15.156  -1.109  -11.459 1.00 38.39 ? 166 ARG A NH1 1 
ATOM   1119 N NH2 . ARG A 1 165 ? 13.488  0.297   -10.730 1.00 43.68 ? 166 ARG A NH2 1 
ATOM   1120 N N   . LEU A 1 166 ? 15.073  7.945   -11.099 1.00 20.54 ? 167 LEU A N   1 
ATOM   1121 C CA  . LEU A 1 166 ? 15.118  9.283   -10.518 1.00 20.49 ? 167 LEU A CA  1 
ATOM   1122 C C   . LEU A 1 166 ? 13.970  10.137  -11.042 1.00 21.07 ? 167 LEU A C   1 
ATOM   1123 O O   . LEU A 1 166 ? 13.289  10.813  -10.274 1.00 20.89 ? 167 LEU A O   1 
ATOM   1124 C CB  . LEU A 1 166 ? 16.470  9.950   -10.786 1.00 20.87 ? 167 LEU A CB  1 
ATOM   1125 C CG  . LEU A 1 166 ? 17.707  9.190   -10.237 1.00 23.11 ? 167 LEU A CG  1 
ATOM   1126 C CD1 . LEU A 1 166 ? 19.009  9.940   -10.566 1.00 25.18 ? 167 LEU A CD1 1 
ATOM   1127 C CD2 . LEU A 1 166 ? 17.605  9.012   -8.728  1.00 24.46 ? 167 LEU A CD2 1 
ATOM   1128 N N   . ASP A 1 167 ? 13.746  10.094  -12.350 1.00 20.44 ? 168 ASP A N   1 
ATOM   1129 C CA  . ASP A 1 167 ? 12.603  10.782  -12.928 1.00 20.89 ? 168 ASP A CA  1 
ATOM   1130 C C   . ASP A 1 167 ? 11.288  10.351  -12.261 1.00 20.50 ? 168 ASP A C   1 
ATOM   1131 O O   . ASP A 1 167 ? 10.468  11.191  -11.902 1.00 20.77 ? 168 ASP A O   1 
ATOM   1132 C CB  . ASP A 1 167 ? 12.536  10.540  -14.428 1.00 20.80 ? 168 ASP A CB  1 
ATOM   1133 C CG  . ASP A 1 167 ? 13.553  11.374  -15.219 1.00 22.18 ? 168 ASP A CG  1 
ATOM   1134 O OD1 . ASP A 1 167 ? 14.192  12.318  -14.682 1.00 23.75 ? 168 ASP A OD1 1 
ATOM   1135 O OD2 . ASP A 1 167 ? 13.666  11.119  -16.432 1.00 24.67 ? 168 ASP A OD2 1 
ATOM   1136 N N   . THR A 1 168 ? 11.094  9.045   -12.112 1.00 19.79 ? 169 THR A N   1 
ATOM   1137 C CA  . THR A 1 168 ? 9.881   8.498   -11.500 1.00 19.73 ? 169 THR A CA  1 
ATOM   1138 C C   . THR A 1 168 ? 9.710   9.011   -10.081 1.00 19.80 ? 169 THR A C   1 
ATOM   1139 O O   . THR A 1 168 ? 8.607   9.395   -9.682  1.00 18.61 ? 169 THR A O   1 
ATOM   1140 C CB  . THR A 1 168 ? 9.907   6.947   -11.512 1.00 19.43 ? 169 THR A CB  1 
ATOM   1141 O OG1 . THR A 1 168 ? 10.025  6.513   -12.881 1.00 19.98 ? 169 THR A OG1 1 
ATOM   1142 C CG2 . THR A 1 168 ? 8.613   6.368   -10.917 1.00 20.02 ? 169 THR A CG2 1 
ATOM   1143 N N   . ALA A 1 169 ? 10.808  9.005   -9.317  1.00 20.32 ? 170 ALA A N   1 
ATOM   1144 C CA  . ALA A 1 169 ? 10.785  9.438   -7.934  1.00 20.75 ? 170 ALA A CA  1 
ATOM   1145 C C   . ALA A 1 169 ? 10.362  10.901  -7.799  1.00 21.93 ? 170 ALA A C   1 
ATOM   1146 O O   . ALA A 1 169 ? 9.553   11.237  -6.932  1.00 21.91 ? 170 ALA A O   1 
ATOM   1147 C CB  . ALA A 1 169 ? 12.145  9.216   -7.284  1.00 21.08 ? 170 ALA A CB  1 
ATOM   1148 N N   . ARG A 1 170 ? 10.912  11.780  -8.644  1.00 22.58 ? 171 ARG A N   1 
ATOM   1149 C CA  . ARG A 1 170 ? 10.541  13.190  -8.600  1.00 22.94 ? 171 ARG A CA  1 
ATOM   1150 C C   . ARG A 1 170 ? 9.037   13.393  -8.883  1.00 22.95 ? 171 ARG A C   1 
ATOM   1151 O O   . ARG A 1 170 ? 8.384   14.224  -8.244  1.00 23.53 ? 171 ARG A O   1 
ATOM   1152 C CB  . ARG A 1 170 ? 11.384  13.993  -9.580  1.00 23.35 ? 171 ARG A CB  1 
ATOM   1153 C CG  . ARG A 1 170 ? 12.776  14.298  -9.044  1.00 24.55 ? 171 ARG A CG  1 
ATOM   1154 C CD  . ARG A 1 170 ? 13.382  15.527  -9.700  1.00 25.72 ? 171 ARG A CD  1 
ATOM   1155 N NE  . ARG A 1 170 ? 14.777  15.628  -9.277  1.00 27.66 ? 171 ARG A NE  1 
ATOM   1156 C CZ  . ARG A 1 170 ? 15.792  15.001  -9.866  1.00 28.06 ? 171 ARG A CZ  1 
ATOM   1157 N NH1 . ARG A 1 170 ? 15.581  14.246  -10.950 1.00 27.66 ? 171 ARG A NH1 1 
ATOM   1158 N NH2 . ARG A 1 170 ? 17.024  15.147  -9.369  1.00 28.82 ? 171 ARG A NH2 1 
ATOM   1159 N N   . ILE A 1 171 ? 8.500   12.651  -9.848  1.00 21.91 ? 172 ILE A N   1 
ATOM   1160 C CA  . ILE A 1 171 ? 7.058   12.704  -10.164 1.00 21.03 ? 172 ILE A CA  1 
ATOM   1161 C C   . ILE A 1 171 ? 6.219   12.234  -8.965  1.00 21.45 ? 172 ILE A C   1 
ATOM   1162 O O   . ILE A 1 171 ? 5.234   12.879  -8.569  1.00 21.10 ? 172 ILE A O   1 
ATOM   1163 C CB  . ILE A 1 171 ? 6.757   11.882  -11.420 1.00 20.78 ? 172 ILE A CB  1 
ATOM   1164 C CG1 . ILE A 1 171 ? 7.262   12.642  -12.682 1.00 20.82 ? 172 ILE A CG1 1 
ATOM   1165 C CG2 . ILE A 1 171 ? 5.227   11.534  -11.536 1.00 21.06 ? 172 ILE A CG2 1 
ATOM   1166 C CD1 . ILE A 1 171 ? 7.582   11.712  -13.856 1.00 19.83 ? 172 ILE A CD1 1 
ATOM   1167 N N   . GLU A 1 172 ? 6.606   11.106  -8.378  1.00 21.29 ? 173 GLU A N   1 
ATOM   1168 C CA  . GLU A 1 172 ? 5.866   10.563  -7.262  1.00 21.61 ? 173 GLU A CA  1 
ATOM   1169 C C   . GLU A 1 172 ? 5.915   11.506  -6.057  1.00 23.12 ? 173 GLU A C   1 
ATOM   1170 O O   . GLU A 1 172 ? 4.914   11.652  -5.342  1.00 22.08 ? 173 GLU A O   1 
ATOM   1171 C CB  . GLU A 1 172 ? 6.414   9.167   -6.910  1.00 22.13 ? 173 GLU A CB  1 
ATOM   1172 C CG  . GLU A 1 172 ? 6.136   8.120   -8.006  1.00 21.97 ? 173 GLU A CG  1 
ATOM   1173 C CD  . GLU A 1 172 ? 6.719   6.750   -7.699  1.00 25.28 ? 173 GLU A CD  1 
ATOM   1174 O OE1 . GLU A 1 172 ? 7.645   6.672   -6.862  1.00 24.13 ? 173 GLU A OE1 1 
ATOM   1175 O OE2 . GLU A 1 172 ? 6.246   5.747   -8.317  1.00 27.42 ? 173 GLU A OE2 1 
ATOM   1176 N N   . LEU A 1 173 ? 7.070   12.149  -5.835  1.00 23.26 ? 174 LEU A N   1 
ATOM   1177 C CA  . LEU A 1 173 ? 7.223   13.094  -4.701  1.00 24.86 ? 174 LEU A CA  1 
ATOM   1178 C C   . LEU A 1 173 ? 6.326   14.327  -4.862  1.00 25.99 ? 174 LEU A C   1 
ATOM   1179 O O   . LEU A 1 173 ? 5.846   14.894  -3.886  1.00 26.21 ? 174 LEU A O   1 
ATOM   1180 C CB  . LEU A 1 173 ? 8.683   13.503  -4.530  1.00 24.51 ? 174 LEU A CB  1 
ATOM   1181 C CG  . LEU A 1 173 ? 9.641   12.405  -4.034  1.00 24.22 ? 174 LEU A CG  1 
ATOM   1182 C CD1 . LEU A 1 173 ? 11.076  12.856  -4.176  1.00 25.09 ? 174 LEU A CD1 1 
ATOM   1183 C CD2 . LEU A 1 173 ? 9.364   12.010  -2.560  1.00 23.67 ? 174 LEU A CD2 1 
ATOM   1184 N N   . ALA A 1 174 ? 6.082   14.716  -6.110  1.00 26.57 ? 175 ALA A N   1 
ATOM   1185 C CA  . ALA A 1 174 ? 5.143   15.797  -6.430  1.00 28.01 ? 175 ALA A CA  1 
ATOM   1186 C C   . ALA A 1 174 ? 3.720   15.524  -5.925  1.00 28.76 ? 175 ALA A C   1 
ATOM   1187 O O   . ALA A 1 174 ? 2.979   16.467  -5.690  1.00 30.53 ? 175 ALA A O   1 
ATOM   1188 C CB  . ALA A 1 174 ? 5.142   16.075  -7.950  1.00 27.81 ? 175 ALA A CB  1 
ATOM   1189 N N   . ALA A 1 175 ? 3.371   14.248  -5.711  1.00 28.35 ? 176 ALA A N   1 
ATOM   1190 C CA  . ALA A 1 175 ? 2.018   13.816  -5.313  1.00 28.17 ? 176 ALA A CA  1 
ATOM   1191 C C   . ALA A 1 175 ? 1.730   13.870  -3.830  1.00 27.19 ? 176 ALA A C   1 
ATOM   1192 O O   . ALA A 1 175 ? 0.607   13.604  -3.440  1.00 27.77 ? 176 ALA A O   1 
ATOM   1193 C CB  . ALA A 1 175 ? 1.749   12.354  -5.784  1.00 28.68 ? 176 ALA A CB  1 
ATOM   1194 N N   . GLN A 1 176 ? 2.722   14.162  -2.995  1.00 25.92 ? 177 GLN A N   1 
ATOM   1195 C CA  . GLN A 1 176 ? 2.506   14.001  -1.573  1.00 25.28 ? 177 GLN A CA  1 
ATOM   1196 C C   . GLN A 1 176 ? 1.437   14.928  -1.016  1.00 24.66 ? 177 GLN A C   1 
ATOM   1197 O O   . GLN A 1 176 ? 0.804   14.608  -0.014  1.00 24.34 ? 177 GLN A O   1 
ATOM   1198 C CB  . GLN A 1 176 ? 3.808   14.069  -0.794  1.00 25.57 ? 177 GLN A CB  1 
ATOM   1199 C CG  . GLN A 1 176 ? 4.570   15.328  -0.928  1.00 26.06 ? 177 GLN A CG  1 
ATOM   1200 C CD  . GLN A 1 176 ? 5.867   15.233  -0.174  1.00 29.57 ? 177 GLN A CD  1 
ATOM   1201 O OE1 . GLN A 1 176 ? 5.897   15.423  1.047   1.00 29.30 ? 177 GLN A OE1 1 
ATOM   1202 N NE2 . GLN A 1 176 ? 6.962   14.943  -0.900  1.00 28.35 ? 177 GLN A NE2 1 
ATOM   1203 N N   . GLY A 1 177 ? 1.199   16.046  -1.699  1.00 23.54 ? 178 GLY A N   1 
ATOM   1204 C CA  . GLY A 1 177 ? 0.102   16.942  -1.329  1.00 23.57 ? 178 GLY A CA  1 
ATOM   1205 C C   . GLY A 1 177 ? -1.305  16.387  -1.491  1.00 23.20 ? 178 GLY A C   1 
ATOM   1206 O O   . GLY A 1 177 ? -2.250  16.928  -0.905  1.00 22.88 ? 178 GLY A O   1 
ATOM   1207 N N   . ASP A 1 178 ? -1.467  15.327  -2.288  1.00 22.93 ? 179 ASP A N   1 
ATOM   1208 C CA  . ASP A 1 178 ? -2.805  14.717  -2.496  1.00 23.83 ? 179 ASP A CA  1 
ATOM   1209 C C   . ASP A 1 178 ? -3.301  13.931  -1.272  1.00 23.08 ? 179 ASP A C   1 
ATOM   1210 O O   . ASP A 1 178 ? -4.495  13.610  -1.158  1.00 22.90 ? 179 ASP A O   1 
ATOM   1211 C CB  . ASP A 1 178 ? -2.823  13.791  -3.732  1.00 24.60 ? 179 ASP A CB  1 
ATOM   1212 C CG  . ASP A 1 178 ? -2.527  14.521  -5.034  1.00 27.87 ? 179 ASP A CG  1 
ATOM   1213 O OD1 . ASP A 1 178 ? -3.078  15.627  -5.235  1.00 31.20 ? 179 ASP A OD1 1 
ATOM   1214 O OD2 . ASP A 1 178 ? -1.768  13.975  -5.885  1.00 31.71 ? 179 ASP A OD2 1 
ATOM   1215 N N   . PHE A 1 179 ? -2.385  13.654  -0.345  1.00 22.86 ? 180 PHE A N   1 
ATOM   1216 C CA  . PHE A 1 179 ? -2.628  12.737  0.771   1.00 23.37 ? 180 PHE A CA  1 
ATOM   1217 C C   . PHE A 1 179 ? -3.065  13.476  2.025   1.00 23.14 ? 180 PHE A C   1 
ATOM   1218 O O   . PHE A 1 179 ? -2.715  14.646  2.206   1.00 22.37 ? 180 PHE A O   1 
ATOM   1219 C CB  . PHE A 1 179 ? -1.352  11.908  1.036   1.00 23.54 ? 180 PHE A CB  1 
ATOM   1220 C CG  . PHE A 1 179 ? -1.105  10.849  -0.006  1.00 24.55 ? 180 PHE A CG  1 
ATOM   1221 C CD1 . PHE A 1 179 ? -0.757  11.200  -1.307  1.00 25.04 ? 180 PHE A CD1 1 
ATOM   1222 C CD2 . PHE A 1 179 ? -1.228  9.500   0.321   1.00 27.62 ? 180 PHE A CD2 1 
ATOM   1223 C CE1 . PHE A 1 179 ? -0.555  10.230  -2.297  1.00 27.46 ? 180 PHE A CE1 1 
ATOM   1224 C CE2 . PHE A 1 179 ? -1.020  8.508   -0.654  1.00 28.67 ? 180 PHE A CE2 1 
ATOM   1225 C CZ  . PHE A 1 179 ? -0.695  8.884   -1.970  1.00 28.71 ? 180 PHE A CZ  1 
ATOM   1226 N N   . ASP A 1 180 ? -3.797  12.780  2.902   1.00 22.81 ? 181 ASP A N   1 
ATOM   1227 C CA  . ASP A 1 180 ? -4.212  13.385  4.177   1.00 22.86 ? 181 ASP A CA  1 
ATOM   1228 C C   . ASP A 1 180 ? -3.023  13.693  5.086   1.00 22.94 ? 181 ASP A C   1 
ATOM   1229 O O   . ASP A 1 180 ? -2.974  14.757  5.711   1.00 22.49 ? 181 ASP A O   1 
ATOM   1230 C CB  . ASP A 1 180 ? -5.226  12.502  4.914   1.00 23.11 ? 181 ASP A CB  1 
ATOM   1231 C CG  . ASP A 1 180 ? -6.467  12.253  4.100   1.00 24.30 ? 181 ASP A CG  1 
ATOM   1232 O OD1 . ASP A 1 180 ? -6.900  13.166  3.363   1.00 26.62 ? 181 ASP A OD1 1 
ATOM   1233 O OD2 . ASP A 1 180 ? -7.010  11.146  4.185   1.00 25.11 ? 181 ASP A OD2 1 
ATOM   1234 N N   . LYS A 1 181 ? -2.061  12.774  5.144   1.00 22.40 ? 182 LYS A N   1 
ATOM   1235 C CA  . LYS A 1 181 ? -0.923  12.918  6.050   1.00 22.83 ? 182 LYS A CA  1 
ATOM   1236 C C   . LYS A 1 181 ? 0.400   12.579  5.334   1.00 22.21 ? 182 LYS A C   1 
ATOM   1237 O O   . LYS A 1 181 ? 0.428   11.767  4.402   1.00 21.47 ? 182 LYS A O   1 
ATOM   1238 C CB  . LYS A 1 181 ? -1.084  12.003  7.277   1.00 23.47 ? 182 LYS A CB  1 
ATOM   1239 C CG  . LYS A 1 181 ? -2.345  12.195  8.152   1.00 26.69 ? 182 LYS A CG  1 
ATOM   1240 C CD  . LYS A 1 181 ? -2.184  13.417  9.096   1.00 30.90 ? 182 LYS A CD  1 
ATOM   1241 C CE  . LYS A 1 181 ? -3.432  13.711  9.946   1.00 35.44 ? 182 LYS A CE  1 
ATOM   1242 N NZ  . LYS A 1 181 ? -4.716  13.230  9.354   1.00 37.53 ? 182 LYS A NZ  1 
ATOM   1243 N N   . VAL A 1 182 ? 1.487   13.217  5.771   1.00 21.67 ? 183 VAL A N   1 
ATOM   1244 C CA  . VAL A 1 182 ? 2.826   12.867  5.300   1.00 21.32 ? 183 VAL A CA  1 
ATOM   1245 C C   . VAL A 1 182 ? 3.625   12.422  6.514   1.00 21.45 ? 183 VAL A C   1 
ATOM   1246 O O   . VAL A 1 182 ? 3.719   13.155  7.508   1.00 20.76 ? 183 VAL A O   1 
ATOM   1247 C CB  . VAL A 1 182 ? 3.530   14.059  4.586   1.00 22.36 ? 183 VAL A CB  1 
ATOM   1248 C CG1 . VAL A 1 182 ? 5.001   13.735  4.192   1.00 22.01 ? 183 VAL A CG1 1 
ATOM   1249 C CG2 . VAL A 1 182 ? 2.750   14.475  3.357   1.00 22.05 ? 183 VAL A CG2 1 
ATOM   1250 N N   . VAL A 1 183 ? 4.169   11.208  6.447   1.00 20.23 ? 184 VAL A N   1 
ATOM   1251 C CA  . VAL A 1 183 ? 5.101   10.740  7.471   1.00 19.11 ? 184 VAL A CA  1 
ATOM   1252 C C   . VAL A 1 183 ? 6.502   10.722  6.819   1.00 18.92 ? 184 VAL A C   1 
ATOM   1253 O O   . VAL A 1 183 ? 6.716   10.131  5.769   1.00 18.34 ? 184 VAL A O   1 
ATOM   1254 C CB  . VAL A 1 183 ? 4.665   9.360   8.051   1.00 19.46 ? 184 VAL A CB  1 
ATOM   1255 C CG1 . VAL A 1 183 ? 5.753   8.751   8.970   1.00 17.52 ? 184 VAL A CG1 1 
ATOM   1256 C CG2 . VAL A 1 183 ? 3.298   9.490   8.819   1.00 20.23 ? 184 VAL A CG2 1 
ATOM   1257 N N   . VAL A 1 184 ? 7.451   11.396  7.448   1.00 19.07 ? 185 VAL A N   1 
ATOM   1258 C CA  . VAL A 1 184 ? 8.794   11.455  6.905   1.00 19.51 ? 185 VAL A CA  1 
ATOM   1259 C C   . VAL A 1 184 ? 9.563   10.290  7.508   1.00 19.46 ? 185 VAL A C   1 
ATOM   1260 O O   . VAL A 1 184 ? 9.632   10.148  8.735   1.00 18.56 ? 185 VAL A O   1 
ATOM   1261 C CB  . VAL A 1 184 ? 9.458   12.814  7.201   1.00 19.11 ? 185 VAL A CB  1 
ATOM   1262 C CG1 . VAL A 1 184 ? 10.834  12.883  6.567   1.00 20.81 ? 185 VAL A CG1 1 
ATOM   1263 C CG2 . VAL A 1 184 ? 8.562   13.947  6.644   1.00 20.36 ? 185 VAL A CG2 1 
ATOM   1264 N N   . ASN A 1 185 ? 10.127  9.446   6.646   1.00 19.25 ? 186 ASN A N   1 
ATOM   1265 C CA  . ASN A 1 185 ? 10.825  8.265   7.114   1.00 19.84 ? 186 ASN A CA  1 
ATOM   1266 C C   . ASN A 1 185 ? 12.261  8.624   7.544   1.00 19.95 ? 186 ASN A C   1 
ATOM   1267 O O   . ASN A 1 185 ? 13.246  8.222   6.902   1.00 19.40 ? 186 ASN A O   1 
ATOM   1268 C CB  . ASN A 1 185 ? 10.809  7.177   6.035   1.00 20.51 ? 186 ASN A CB  1 
ATOM   1269 C CG  . ASN A 1 185 ? 11.193  5.801   6.578   1.00 24.33 ? 186 ASN A CG  1 
ATOM   1270 O OD1 . ASN A 1 185 ? 11.443  5.630   7.770   1.00 28.46 ? 186 ASN A OD1 1 
ATOM   1271 N ND2 . ASN A 1 185 ? 11.275  4.824   5.689   1.00 28.49 ? 186 ASN A ND2 1 
ATOM   1272 N N   . ARG A 1 186 ? 12.380  9.402   8.619   1.00 20.33 ? 187 ARG A N   1 
ATOM   1273 C CA  . ARG A 1 186 ? 13.707  9.859   9.077   1.00 21.22 ? 187 ARG A CA  1 
ATOM   1274 C C   . ARG A 1 186 ? 14.438  8.737   9.798   1.00 20.87 ? 187 ARG A C   1 
ATOM   1275 O O   . ARG A 1 186 ? 15.677  8.607   9.760   1.00 19.96 ? 187 ARG A O   1 
ATOM   1276 C CB  . ARG A 1 186 ? 13.577  11.065  10.014  1.00 22.45 ? 187 ARG A CB  1 
ATOM   1277 C CG  . ARG A 1 186 ? 12.961  12.279  9.349   1.00 26.10 ? 187 ARG A CG  1 
ATOM   1278 C CD  . ARG A 1 186 ? 13.503  13.611  9.910   1.00 32.42 ? 187 ARG A CD  1 
ATOM   1279 N NE  . ARG A 1 186 ? 12.769  14.763  9.358   1.00 35.00 ? 187 ARG A NE  1 
ATOM   1280 C CZ  . ARG A 1 186 ? 11.529  15.110  9.713   1.00 36.50 ? 187 ARG A CZ  1 
ATOM   1281 N NH1 . ARG A 1 186 ? 10.943  16.167  9.145   1.00 37.38 ? 187 ARG A NH1 1 
ATOM   1282 N NH2 . ARG A 1 186 ? 10.861  14.397  10.625  1.00 36.80 ? 187 ARG A NH2 1 
ATOM   1283 N N   . ARG A 1 187 ? 13.631  7.887   10.413  1.00 20.31 ? 188 ARG A N   1 
ATOM   1284 C CA  . ARG A 1 187 ? 14.129  6.921   11.325  1.00 20.50 ? 188 ARG A CA  1 
ATOM   1285 C C   . ARG A 1 187 ? 13.022  5.902   11.452  1.00 20.12 ? 188 ARG A C   1 
ATOM   1286 O O   . ARG A 1 187 ? 11.859  6.273   11.630  1.00 21.32 ? 188 ARG A O   1 
ATOM   1287 C CB  . ARG A 1 187 ? 14.392  7.647   12.657  1.00 21.47 ? 188 ARG A CB  1 
ATOM   1288 C CG  . ARG A 1 187 ? 14.611  6.781   13.802  1.00 20.22 ? 188 ARG A CG  1 
ATOM   1289 C CD  . ARG A 1 187 ? 16.064  6.631   14.032  1.00 21.49 ? 188 ARG A CD  1 
ATOM   1290 N NE  . ARG A 1 187 ? 16.264  5.591   15.024  1.00 19.27 ? 188 ARG A NE  1 
ATOM   1291 C CZ  . ARG A 1 187 ? 17.015  5.729   16.109  1.00 18.59 ? 188 ARG A CZ  1 
ATOM   1292 N NH1 . ARG A 1 187 ? 17.685  6.870   16.351  1.00 17.01 ? 188 ARG A NH1 1 
ATOM   1293 N NH2 . ARG A 1 187 ? 17.127  4.693   16.928  1.00 16.96 ? 188 ARG A NH2 1 
ATOM   1294 N N   . LEU A 1 188 ? 13.352  4.622   11.314  1.00 19.27 ? 189 LEU A N   1 
ATOM   1295 C CA  . LEU A 1 188 ? 12.306  3.589   11.365  1.00 18.97 ? 189 LEU A CA  1 
ATOM   1296 C C   . LEU A 1 188 ? 11.452  3.691   12.634  1.00 17.91 ? 189 LEU A C   1 
ATOM   1297 O O   . LEU A 1 188 ? 10.239  3.620   12.552  1.00 17.45 ? 189 LEU A O   1 
ATOM   1298 C CB  . LEU A 1 188 ? 12.888  2.175   11.273  1.00 19.20 ? 189 LEU A CB  1 
ATOM   1299 C CG  . LEU A 1 188 ? 11.875  1.024   11.324  1.00 22.19 ? 189 LEU A CG  1 
ATOM   1300 C CD1 . LEU A 1 188 ? 10.838  1.132   10.189  1.00 24.85 ? 189 LEU A CD1 1 
ATOM   1301 C CD2 . LEU A 1 188 ? 12.544  -0.341  11.309  1.00 23.72 ? 189 LEU A CD2 1 
ATOM   1302 N N   . GLU A 1 189 ? 12.086  3.808   13.800  1.00 17.45 ? 190 GLU A N   1 
ATOM   1303 C CA  . GLU A 1 189 ? 11.292  3.754   15.042  1.00 17.67 ? 190 GLU A CA  1 
ATOM   1304 C C   . GLU A 1 189 ? 10.272  4.921   15.116  1.00 17.16 ? 190 GLU A C   1 
ATOM   1305 O O   . GLU A 1 189 ? 9.142   4.733   15.538  1.00 15.65 ? 190 GLU A O   1 
ATOM   1306 C CB  . GLU A 1 189 ? 12.190  3.659   16.271  1.00 17.71 ? 190 GLU A CB  1 
ATOM   1307 C CG  . GLU A 1 189 ? 13.062  2.380   16.321  1.00 19.37 ? 190 GLU A CG  1 
ATOM   1308 C CD  . GLU A 1 189 ? 14.469  2.564   15.706  1.00 21.98 ? 190 GLU A CD  1 
ATOM   1309 O OE1 . GLU A 1 189 ? 14.604  3.189   14.617  1.00 20.26 ? 190 GLU A OE1 1 
ATOM   1310 O OE2 . GLU A 1 189 ? 15.464  2.122   16.345  1.00 26.40 ? 190 GLU A OE2 1 
ATOM   1311 N N   . SER A 1 190 ? 10.648  6.106   14.637  1.00 17.44 ? 191 SER A N   1 
ATOM   1312 C CA  . SER A 1 190 ? 9.723   7.228   14.752  1.00 18.88 ? 191 SER A CA  1 
ATOM   1313 C C   . SER A 1 190 ? 8.704   7.306   13.608  1.00 18.42 ? 191 SER A C   1 
ATOM   1314 O O   . SER A 1 190 ? 7.603   7.763   13.835  1.00 18.24 ? 191 SER A O   1 
ATOM   1315 C CB  . SER A 1 190 ? 10.464  8.547   14.994  1.00 19.89 ? 191 SER A CB  1 
ATOM   1316 O OG  . SER A 1 190 ? 11.462  8.759   14.027  1.00 21.22 ? 191 SER A OG  1 
ATOM   1317 N N   . ALA A 1 191 ? 9.059   6.830   12.400  1.00 18.07 ? 192 ALA A N   1 
ATOM   1318 C CA  . ALA A 1 191 ? 8.104   6.647   11.319  1.00 18.14 ? 192 ALA A CA  1 
ATOM   1319 C C   . ALA A 1 191 ? 7.001   5.681   11.780  1.00 18.33 ? 192 ALA A C   1 
ATOM   1320 O O   . ALA A 1 191 ? 5.796   5.977   11.666  1.00 18.17 ? 192 ALA A O   1 
ATOM   1321 C CB  . ALA A 1 191 ? 8.809   6.113   10.044  1.00 18.40 ? 192 ALA A CB  1 
ATOM   1322 N N   . CYS A 1 192 ? 7.429   4.537   12.316  1.00 18.43 ? 193 CYS A N   1 
ATOM   1323 C CA  . CYS A 1 192 ? 6.517   3.501   12.822  1.00 19.33 ? 193 CYS A CA  1 
ATOM   1324 C C   . CYS A 1 192 ? 5.648   4.091   13.969  1.00 17.97 ? 193 CYS A C   1 
ATOM   1325 O O   . CYS A 1 192 ? 4.422   3.919   13.985  1.00 16.74 ? 193 CYS A O   1 
ATOM   1326 C CB  . CYS A 1 192 ? 7.328   2.250   13.263  1.00 20.01 ? 193 CYS A CB  1 
ATOM   1327 S SG  . CYS A 1 192 ? 6.395   0.792   13.987  1.00 30.68 ? 193 CYS A SG  1 
ATOM   1328 N N   . ALA A 1 193 ? 6.292   4.807   14.899  1.00 16.96 ? 194 ALA A N   1 
ATOM   1329 C CA  . ALA A 1 193 ? 5.569   5.463   16.021  1.00 17.83 ? 194 ALA A CA  1 
ATOM   1330 C C   . ALA A 1 193 ? 4.426   6.411   15.553  1.00 17.70 ? 194 ALA A C   1 
ATOM   1331 O O   . ALA A 1 193 ? 3.305   6.351   16.069  1.00 17.18 ? 194 ALA A O   1 
ATOM   1332 C CB  . ALA A 1 193 ? 6.567   6.202   16.941  1.00 17.27 ? 194 ALA A CB  1 
ATOM   1333 N N   . GLU A 1 194 ? 4.722   7.279   14.588  1.00 18.01 ? 195 GLU A N   1 
ATOM   1334 C CA  . GLU A 1 194 ? 3.727   8.178   13.978  1.00 18.84 ? 195 GLU A CA  1 
ATOM   1335 C C   . GLU A 1 194 ? 2.554   7.414   13.357  1.00 19.05 ? 195 GLU A C   1 
ATOM   1336 O O   . GLU A 1 194 ? 1.389   7.820   13.487  1.00 18.77 ? 195 GLU A O   1 
ATOM   1337 C CB  . GLU A 1 194 ? 4.365   9.052   12.894  1.00 18.88 ? 195 GLU A CB  1 
ATOM   1338 C CG  . GLU A 1 194 ? 5.129   10.243  13.408  1.00 23.76 ? 195 GLU A CG  1 
ATOM   1339 C CD  . GLU A 1 194 ? 5.557   11.190  12.288  1.00 29.88 ? 195 GLU A CD  1 
ATOM   1340 O OE1 . GLU A 1 194 ? 4.700   11.656  11.495  1.00 31.33 ? 195 GLU A OE1 1 
ATOM   1341 O OE2 . GLU A 1 194 ? 6.764   11.490  12.221  1.00 34.49 ? 195 GLU A OE2 1 
ATOM   1342 N N   . LEU A 1 195 ? 2.864   6.322   12.659  1.00 18.75 ? 196 LEU A N   1 
ATOM   1343 C CA  . LEU A 1 195 ? 1.825   5.484   12.053  1.00 17.97 ? 196 LEU A CA  1 
ATOM   1344 C C   . LEU A 1 195 ? 0.976   4.793   13.099  1.00 17.39 ? 196 LEU A C   1 
ATOM   1345 O O   . LEU A 1 195 ? -0.241  4.668   12.927  1.00 17.05 ? 196 LEU A O   1 
ATOM   1346 C CB  . LEU A 1 195 ? 2.418   4.489   11.052  1.00 17.86 ? 196 LEU A CB  1 
ATOM   1347 C CG  . LEU A 1 195 ? 2.811   5.179   9.720   1.00 20.88 ? 196 LEU A CG  1 
ATOM   1348 C CD1 . LEU A 1 195 ? 3.875   4.391   8.947   1.00 21.79 ? 196 LEU A CD1 1 
ATOM   1349 C CD2 . LEU A 1 195 ? 1.552   5.394   8.870   1.00 24.11 ? 196 LEU A CD2 1 
ATOM   1350 N N   . VAL A 1 196 ? 1.609   4.339   14.186  1.00 17.25 ? 197 VAL A N   1 
ATOM   1351 C CA  . VAL A 1 196 ? 0.866   3.758   15.327  1.00 17.29 ? 197 VAL A CA  1 
ATOM   1352 C C   . VAL A 1 196 ? -0.115  4.766   15.896  1.00 18.04 ? 197 VAL A C   1 
ATOM   1353 O O   . VAL A 1 196 ? -1.281  4.418   16.208  1.00 17.86 ? 197 VAL A O   1 
ATOM   1354 C CB  . VAL A 1 196 ? 1.801   3.220   16.475  1.00 16.99 ? 197 VAL A CB  1 
ATOM   1355 C CG1 . VAL A 1 196 ? 0.970   2.815   17.735  1.00 17.21 ? 197 VAL A CG1 1 
ATOM   1356 C CG2 . VAL A 1 196 ? 2.665   2.000   15.980  1.00 15.30 ? 197 VAL A CG2 1 
ATOM   1357 N N   . SER A 1 197 ? 0.347   6.009   16.046  1.00 19.56 ? 198 SER A N   1 
ATOM   1358 C CA  . SER A 1 197 ? -0.512  7.090   16.583  1.00 21.96 ? 198 SER A CA  1 
ATOM   1359 C C   . SER A 1 197 ? -1.735  7.298   15.669  1.00 21.95 ? 198 SER A C   1 
ATOM   1360 O O   . SER A 1 197 ? -2.836  7.494   16.150  1.00 21.71 ? 198 SER A O   1 
ATOM   1361 C CB  . SER A 1 197 ? 0.260   8.401   16.746  1.00 21.60 ? 198 SER A CB  1 
ATOM   1362 O OG  . SER A 1 197 ? 1.184   8.295   17.818  1.00 24.87 ? 198 SER A OG  1 
ATOM   1363 N N   . LEU A 1 198 ? -1.513  7.274   14.357  1.00 22.72 ? 199 LEU A N   1 
ATOM   1364 C CA  . LEU A 1 198 ? -2.615  7.358   13.382  1.00 23.82 ? 199 LEU A CA  1 
ATOM   1365 C C   . LEU A 1 198 ? -3.601  6.177   13.487  1.00 23.98 ? 199 LEU A C   1 
ATOM   1366 O O   . LEU A 1 198 ? -4.810  6.375   13.409  1.00 25.38 ? 199 LEU A O   1 
ATOM   1367 C CB  . LEU A 1 198 ? -2.085  7.485   11.936  1.00 23.00 ? 199 LEU A CB  1 
ATOM   1368 C CG  . LEU A 1 198 ? -1.433  8.841   11.626  1.00 26.02 ? 199 LEU A CG  1 
ATOM   1369 C CD1 . LEU A 1 198 ? -0.609  8.818   10.305  1.00 25.09 ? 199 LEU A CD1 1 
ATOM   1370 C CD2 . LEU A 1 198 ? -2.477  10.014  11.633  1.00 26.50 ? 199 LEU A CD2 1 
ATOM   1371 N N   . LEU A 1 199 ? -3.082  4.968   13.663  1.00 23.40 ? 200 LEU A N   1 
ATOM   1372 C CA  . LEU A 1 199 ? -3.902  3.756   13.651  1.00 24.11 ? 200 LEU A CA  1 
ATOM   1373 C C   . LEU A 1 199 ? -4.721  3.515   14.914  1.00 25.30 ? 200 LEU A C   1 
ATOM   1374 O O   . LEU A 1 199 ? -5.856  3.021   14.838  1.00 25.76 ? 200 LEU A O   1 
ATOM   1375 C CB  . LEU A 1 199 ? -3.027  2.531   13.397  1.00 23.41 ? 200 LEU A CB  1 
ATOM   1376 C CG  . LEU A 1 199 ? -2.691  2.241   11.924  1.00 24.39 ? 200 LEU A CG  1 
ATOM   1377 C CD1 . LEU A 1 199 ? -1.473  1.358   11.795  1.00 24.34 ? 200 LEU A CD1 1 
ATOM   1378 C CD2 . LEU A 1 199 ? -3.877  1.583   11.235  1.00 25.17 ? 200 LEU A CD2 1 
ATOM   1379 N N   . VAL A 1 200 ? -4.133  3.803   16.072  1.00 24.69 ? 201 VAL A N   1 
ATOM   1380 C CA  . VAL A 1 200 ? -4.849  3.622   17.318  1.00 25.90 ? 201 VAL A CA  1 
ATOM   1381 C C   . VAL A 1 200 ? -5.042  4.946   18.041  1.00 26.65 ? 201 VAL A C   1 
ATOM   1382 O O   . VAL A 1 200 ? -5.836  4.996   18.980  1.00 27.83 ? 201 VAL A O   1 
ATOM   1383 C CB  . VAL A 1 200 ? -4.172  2.572   18.258  1.00 26.18 ? 201 VAL A CB  1 
ATOM   1384 C CG1 . VAL A 1 200 ? -4.195  1.183   17.610  1.00 26.13 ? 201 VAL A CG1 1 
ATOM   1385 C CG2 . VAL A 1 200 ? -2.746  2.993   18.655  1.00 25.29 ? 201 VAL A CG2 1 
HETATM 1386 O O   . HOH B 2 .   ? -7.994  -11.541 -14.384 1.00 26.37 ? 209 HOH A O   1 
HETATM 1387 O O   . HOH B 2 .   ? 18.327  13.441  -12.385 1.00 23.34 ? 210 HOH A O   1 
HETATM 1388 O O   . HOH B 2 .   ? -8.851  -7.626  4.189   1.00 25.23 ? 211 HOH A O   1 
HETATM 1389 O O   . HOH B 2 .   ? -0.315  -17.745 -10.779 1.00 30.67 ? 212 HOH A O   1 
HETATM 1390 O O   . HOH B 2 .   ? 8.947   1.340   -0.860  1.00 36.63 ? 213 HOH A O   1 
HETATM 1391 O O   . HOH B 2 .   ? -5.438  -4.807  -0.035  1.00 31.48 ? 214 HOH A O   1 
HETATM 1392 O O   . HOH B 2 .   ? 0.907   10.336  13.802  1.00 36.14 ? 215 HOH A O   1 
HETATM 1393 O O   . HOH B 2 .   ? -2.749  -4.387  2.185   1.00 40.92 ? 216 HOH A O   1 
HETATM 1394 O O   . HOH B 2 .   ? 9.037   4.325   -13.888 1.00 44.16 ? 217 HOH A O   1 
HETATM 1395 O O   . HOH B 2 .   ? 11.773  5.490   -8.670  1.00 23.79 ? 218 HOH A O   1 
HETATM 1396 O O   . HOH B 2 .   ? -8.323  2.333   15.375  1.00 33.39 ? 219 HOH A O   1 
HETATM 1397 O O   . HOH B 2 .   ? 13.013  6.767   3.125   1.00 35.31 ? 220 HOH A O   1 
HETATM 1398 O O   . HOH B 2 .   ? -15.911 -6.323  -1.125  1.00 34.20 ? 221 HOH A O   1 
HETATM 1399 O O   . HOH B 2 .   ? 3.897   3.948   -5.102  1.00 34.15 ? 222 HOH A O   1 
HETATM 1400 O O   . HOH B 2 .   ? -4.369  -1.233  -13.999 1.00 37.78 ? 223 HOH A O   1 
HETATM 1401 O O   . HOH B 2 .   ? -9.477  -6.191  2.317   1.00 33.73 ? 224 HOH A O   1 
HETATM 1402 O O   . HOH B 2 .   ? 22.565  10.822  -3.248  1.00 38.13 ? 225 HOH A O   1 
HETATM 1403 O O   . HOH B 2 .   ? -5.142  0.375   -7.918  1.00 45.00 ? 226 HOH A O   1 
HETATM 1404 O O   . HOH B 2 .   ? 15.355  17.435  -0.156  1.00 35.66 ? 227 HOH A O   1 
HETATM 1405 O O   . HOH B 2 .   ? 1.430   -11.195 -7.169  1.00 42.88 ? 228 HOH A O   1 
HETATM 1406 O O   . HOH B 2 .   ? -0.467  -9.006  -7.105  1.00 39.99 ? 229 HOH A O   1 
HETATM 1407 O O   . HOH B 2 .   ? -9.992  -10.394 4.411   1.00 38.23 ? 230 HOH A O   1 
HETATM 1408 O O   . HOH B 2 .   ? 0.662   -17.779 4.919   1.00 41.97 ? 231 HOH A O   1 
HETATM 1409 O O   . HOH B 2 .   ? -5.458  -22.150 1.383   1.00 40.89 ? 232 HOH A O   1 
HETATM 1410 O O   . HOH B 2 .   ? 13.218  14.317  -13.120 1.00 34.73 ? 233 HOH A O   1 
HETATM 1411 O O   . HOH B 2 .   ? 6.820   13.083  9.961   1.00 38.07 ? 234 HOH A O   1 
HETATM 1412 O O   . HOH B 2 .   ? 22.608  3.367   -20.201 1.00 45.49 ? 235 HOH A O   1 
HETATM 1413 O O   . HOH B 2 .   ? 16.127  4.196   10.605  1.00 38.73 ? 236 HOH A O   1 
HETATM 1414 O O   . HOH B 2 .   ? -13.432 0.196   -11.853 1.00 44.96 ? 237 HOH A O   1 
HETATM 1415 O O   . HOH B 2 .   ? 1.255   4.186   -8.900  1.00 32.65 ? 238 HOH A O   1 
HETATM 1416 O O   . HOH B 2 .   ? 18.374  5.014   19.146  1.00 39.43 ? 239 HOH A O   1 
HETATM 1417 O O   . HOH B 2 .   ? 15.388  6.761   6.843   1.00 40.19 ? 240 HOH A O   1 
HETATM 1418 O O   . HOH B 2 .   ? 4.725   1.120   -4.208  1.00 41.82 ? 241 HOH A O   1 
HETATM 1419 O O   . HOH B 2 .   ? -10.668 5.731   9.013   1.00 36.42 ? 242 HOH A O   1 
HETATM 1420 O O   . HOH B 2 .   ? 19.665  13.477  -9.856  1.00 32.44 ? 243 HOH A O   1 
HETATM 1421 O O   . HOH B 2 .   ? 24.080  12.238  -1.313  1.00 35.62 ? 244 HOH A O   1 
HETATM 1422 O O   . HOH B 2 .   ? 10.149  5.875   -6.745  1.00 42.29 ? 245 HOH A O   1 
HETATM 1423 O O   . HOH B 2 .   ? 3.602   4.360   -7.802  1.00 41.45 ? 246 HOH A O   1 
HETATM 1424 O O   . HOH B 2 .   ? -0.805  -1.640  -5.004  1.00 37.66 ? 247 HOH A O   1 
HETATM 1425 O O   . HOH B 2 .   ? 0.789   15.698  7.474   1.00 42.23 ? 248 HOH A O   1 
HETATM 1426 O O   . HOH B 2 .   ? -12.856 4.061   9.670   1.00 48.18 ? 249 HOH A O   1 
HETATM 1427 O O   . HOH B 2 .   ? 5.855   2.691   18.563  0.50 22.12 ? 250 HOH A O   1 
HETATM 1428 O O   . HOH B 2 .   ? -8.899  -7.040  0.344   1.00 30.71 ? 251 HOH A O   1 
HETATM 1429 O O   . HOH B 2 .   ? -10.943 -10.444 -14.070 1.00 44.01 ? 252 HOH A O   1 
HETATM 1430 O O   . HOH B 2 .   ? -10.946 -16.033 0.419   1.00 48.08 ? 253 HOH A O   1 
HETATM 1431 O O   . HOH B 2 .   ? -17.195 -0.086  8.908   1.00 44.13 ? 254 HOH A O   1 
HETATM 1432 O O   . HOH B 2 .   ? -13.890 -17.387 -7.303  1.00 43.14 ? 255 HOH A O   1 
HETATM 1433 O O   . HOH B 2 .   ? 14.185  2.284   -14.177 1.00 49.00 ? 256 HOH A O   1 
HETATM 1434 O O   . HOH B 2 .   ? -15.468 -2.284  -7.526  1.00 42.25 ? 257 HOH A O   1 
HETATM 1435 O O   . HOH B 2 .   ? -3.962  -3.317  -6.754  1.00 45.09 ? 258 HOH A O   1 
HETATM 1436 O O   . HOH B 2 .   ? -9.130  1.112   -9.083  1.00 40.77 ? 259 HOH A O   1 
HETATM 1437 O O   . HOH B 2 .   ? 14.020  8.719   -17.876 1.00 43.75 ? 260 HOH A O   1 
HETATM 1438 O O   . HOH B 2 .   ? 19.876  -2.381  -15.487 1.00 45.93 ? 261 HOH A O   1 
HETATM 1439 O O   . HOH B 2 .   ? -11.749 4.759   -7.259  1.00 41.92 ? 262 HOH A O   1 
HETATM 1440 O O   . HOH B 2 .   ? 18.676  16.543  -0.556  1.00 38.92 ? 263 HOH A O   1 
HETATM 1441 O O   . HOH B 2 .   ? 17.335  17.099  -7.131  1.00 38.44 ? 264 HOH A O   1 
HETATM 1442 O O   . HOH B 2 .   ? 25.556  2.683   -18.031 1.00 43.13 ? 265 HOH A O   1 
HETATM 1443 O O   . HOH B 2 .   ? -11.075 -17.800 -2.484  1.00 47.99 ? 266 HOH A O   1 
HETATM 1444 O O   . HOH B 2 .   ? 15.566  6.139   4.159   1.00 51.76 ? 267 HOH A O   1 
HETATM 1445 O O   . HOH B 2 .   ? 21.450  -1.841  -4.815  1.00 39.79 ? 268 HOH A O   1 
HETATM 1446 O O   . HOH B 2 .   ? 9.493   16.351  -7.045  1.00 34.41 ? 269 HOH A O   1 
HETATM 1447 O O   . HOH B 2 .   ? 8.820   10.425  11.164  1.00 41.96 ? 270 HOH A O   1 
HETATM 1448 O O   . HOH B 2 .   ? 3.867   9.519   17.696  0.50 36.40 ? 271 HOH A O   1 
HETATM 1449 O O   . HOH B 2 .   ? -7.069  -17.135 -7.971  1.00 41.45 ? 272 HOH A O   1 
HETATM 1450 O O   . HOH B 2 .   ? -0.087  -2.811  -11.690 1.00 48.55 ? 273 HOH A O   1 
HETATM 1451 O O   . HOH B 2 .   ? -5.909  5.677   -9.340  1.00 45.85 ? 274 HOH A O   1 
HETATM 1452 O O   . HOH B 2 .   ? -2.593  0.384   -8.339  1.00 41.36 ? 275 HOH A O   1 
# 
